data_3TUU
#
_entry.id   3TUU
#
_cell.length_a   70.550
_cell.length_b   78.900
_cell.length_c   135.350
_cell.angle_alpha   93.19
_cell.angle_beta   95.02
_cell.angle_gamma   100.61
#
_symmetry.space_group_name_H-M   'P 1'
#
loop_
_entity.id
_entity.type
_entity.pdbx_description
1 polymer 'dihydrodipicolinate synthase'
2 non-polymer 'BROMIDE ION'
3 non-polymer 'CHLORIDE ION'
4 water water
#
_entity_poly.entity_id   1
_entity_poly.type   'polypeptide(L)'
_entity_poly.pdbx_seq_one_letter_code
;MGSSHHHHHSSGLVPRGSHMAVIPNFHLPMRSFEVKNRTSVDDIKSLRLITAIKTPYLPDGRFDLEAYDALVNMQIVDGA
EGVIVGGTTGEGQLMSWDEHIMLIGHTVNCFGGSIKVIGNTGSNSTREAIHATEQGFAVGMHAALHINPYYGKTSLEGLV
SHFESVLPMGPTVIYNVPSRTGQDIPPGVIHTVAQSANLAGV(KPI)ECVGNDRIKQYTDNRIVVWSGNDDQCHDAKWDY
GATGVISVTSNLIPGLMRQLLFKGKNPSLNAKIMPLVNWLFEEPNPIGLNTALAQLGVVRPVFRLPYVPLPLAKRVEFVN
IVKEIGRENFVGEKDVKVLDDDDFILVGRY
;
_entity_poly.pdbx_strand_id   A,B,C,D,E,F,G,H
#
# COMPACT_ATOMS: atom_id res chain seq x y z
N SER A 40 33.56 -57.69 -8.52
CA SER A 40 34.31 -58.13 -7.31
C SER A 40 35.21 -57.00 -6.78
N VAL A 41 35.85 -57.26 -5.65
CA VAL A 41 36.84 -56.35 -5.09
C VAL A 41 38.05 -56.20 -6.02
N ASP A 42 38.51 -57.32 -6.58
CA ASP A 42 39.67 -57.30 -7.48
C ASP A 42 39.46 -56.49 -8.75
N ASP A 43 38.24 -56.51 -9.26
CA ASP A 43 37.86 -55.68 -10.40
C ASP A 43 38.05 -54.17 -10.13
N ILE A 44 37.79 -53.75 -8.90
CA ILE A 44 37.96 -52.35 -8.52
C ILE A 44 39.46 -52.02 -8.31
N LYS A 45 40.18 -52.95 -7.69
CA LYS A 45 41.59 -52.80 -7.34
C LYS A 45 42.50 -52.60 -8.54
N SER A 46 42.10 -53.13 -9.68
CA SER A 46 42.90 -52.98 -10.90
C SER A 46 42.56 -51.73 -11.72
N LEU A 47 41.57 -50.93 -11.27
CA LEU A 47 41.21 -49.68 -11.98
C LEU A 47 42.30 -48.64 -11.82
N ARG A 48 42.69 -48.02 -12.93
CA ARG A 48 43.80 -47.06 -12.94
C ARG A 48 43.34 -45.63 -13.15
N LEU A 49 42.36 -45.43 -14.03
CA LEU A 49 41.80 -44.09 -14.21
C LEU A 49 40.30 -44.05 -13.87
N ILE A 50 40.00 -43.38 -12.77
CA ILE A 50 38.63 -43.14 -12.29
C ILE A 50 38.38 -41.65 -12.30
N THR A 51 37.25 -41.25 -12.87
CA THR A 51 36.83 -39.85 -12.89
C THR A 51 35.77 -39.56 -11.84
N ALA A 52 36.01 -38.54 -11.02
CA ALA A 52 34.98 -38.03 -10.14
C ALA A 52 34.13 -37.08 -10.99
N ILE A 53 33.11 -37.63 -11.65
CA ILE A 53 32.35 -36.92 -12.65
C ILE A 53 31.56 -35.73 -12.08
N LYS A 54 31.57 -34.62 -12.81
CA LYS A 54 30.79 -33.45 -12.52
C LYS A 54 29.30 -33.75 -12.70
N THR A 55 28.45 -33.11 -11.90
CA THR A 55 27.01 -33.26 -12.03
C THR A 55 26.46 -31.98 -12.62
N PRO A 56 25.94 -32.03 -13.87
CA PRO A 56 25.49 -30.80 -14.51
C PRO A 56 23.99 -30.57 -14.26
N TYR A 57 23.55 -29.31 -14.38
CA TYR A 57 22.17 -28.93 -14.01
C TYR A 57 21.44 -28.20 -15.12
N LEU A 58 20.11 -28.29 -15.06
CA LEU A 58 19.20 -27.52 -15.92
C LEU A 58 19.00 -26.15 -15.27
N PRO A 59 18.45 -25.18 -16.04
CA PRO A 59 18.27 -23.82 -15.46
C PRO A 59 17.53 -23.75 -14.14
N ASP A 60 16.63 -24.70 -13.85
CA ASP A 60 15.88 -24.68 -12.59
C ASP A 60 16.58 -25.43 -11.45
N GLY A 61 17.77 -25.97 -11.71
CA GLY A 61 18.55 -26.65 -10.67
C GLY A 61 18.49 -28.15 -10.69
N ARG A 62 17.55 -28.72 -11.46
CA ARG A 62 17.48 -30.17 -11.59
C ARG A 62 18.66 -30.71 -12.39
N PHE A 63 18.95 -32.00 -12.22
CA PHE A 63 20.01 -32.67 -12.98
C PHE A 63 19.72 -32.55 -14.46
N ASP A 64 20.76 -32.36 -15.25
CA ASP A 64 20.66 -32.32 -16.71
C ASP A 64 21.20 -33.66 -17.19
N LEU A 65 20.32 -34.65 -17.24
CA LEU A 65 20.71 -36.02 -17.57
C LEU A 65 21.27 -36.13 -18.98
N GLU A 66 20.76 -35.29 -19.87
CA GLU A 66 21.26 -35.23 -21.25
C GLU A 66 22.73 -34.80 -21.31
N ALA A 67 23.07 -33.70 -20.63
CA ALA A 67 24.47 -33.29 -20.49
C ALA A 67 25.29 -34.33 -19.74
N TYR A 68 24.74 -34.85 -18.65
CA TYR A 68 25.40 -35.91 -17.87
C TYR A 68 25.80 -37.11 -18.74
N ASP A 69 24.84 -37.62 -19.51
CA ASP A 69 25.10 -38.74 -20.40
C ASP A 69 26.22 -38.44 -21.42
N ALA A 70 26.21 -37.24 -21.97
CA ALA A 70 27.30 -36.83 -22.85
C ALA A 70 28.65 -36.83 -22.11
N LEU A 71 28.69 -36.27 -20.90
CA LEU A 71 29.94 -36.29 -20.10
C LEU A 71 30.46 -37.73 -19.87
N VAL A 72 29.58 -38.65 -19.47
CA VAL A 72 30.02 -40.00 -19.16
C VAL A 72 30.51 -40.71 -20.44
N ASN A 73 29.75 -40.54 -21.53
CA ASN A 73 30.16 -41.05 -22.82
C ASN A 73 31.56 -40.61 -23.24
N MET A 74 31.86 -39.33 -23.03
CA MET A 74 33.17 -38.80 -23.36
C MET A 74 34.27 -39.41 -22.50
N GLN A 75 33.93 -39.74 -21.26
CA GLN A 75 34.87 -40.41 -20.38
C GLN A 75 35.19 -41.83 -20.86
N ILE A 76 34.16 -42.57 -21.29
CA ILE A 76 34.33 -43.92 -21.82
C ILE A 76 35.16 -43.89 -23.11
N VAL A 77 34.88 -42.92 -23.97
CA VAL A 77 35.59 -42.80 -25.25
C VAL A 77 37.10 -42.62 -25.04
N ASP A 78 37.47 -41.79 -24.07
CA ASP A 78 38.88 -41.53 -23.76
C ASP A 78 39.53 -42.49 -22.75
N GLY A 79 38.82 -43.56 -22.39
CA GLY A 79 39.39 -44.67 -21.63
C GLY A 79 39.35 -44.61 -20.11
N ALA A 80 38.57 -43.69 -19.54
CA ALA A 80 38.35 -43.71 -18.09
C ALA A 80 37.68 -45.04 -17.78
N GLU A 81 38.07 -45.68 -16.68
CA GLU A 81 37.60 -47.03 -16.37
C GLU A 81 36.54 -47.05 -15.27
N GLY A 82 36.39 -45.93 -14.57
CA GLY A 82 35.37 -45.81 -13.54
C GLY A 82 34.92 -44.38 -13.31
N VAL A 83 33.73 -44.23 -12.73
CA VAL A 83 33.27 -42.93 -12.25
C VAL A 83 32.85 -43.00 -10.79
N ILE A 84 33.18 -41.95 -10.06
CA ILE A 84 32.55 -41.63 -8.81
C ILE A 84 31.27 -40.84 -9.09
N VAL A 85 30.14 -41.33 -8.63
CA VAL A 85 28.88 -40.63 -8.87
C VAL A 85 28.50 -39.84 -7.64
N GLY A 86 28.40 -38.52 -7.80
CA GLY A 86 28.08 -37.63 -6.69
C GLY A 86 29.15 -37.56 -5.62
N GLY A 87 30.41 -37.57 -6.04
CA GLY A 87 31.53 -37.31 -5.13
C GLY A 87 31.55 -35.85 -4.74
N THR A 88 32.67 -35.42 -4.13
CA THR A 88 32.89 -34.00 -3.83
C THR A 88 32.80 -33.16 -5.12
N THR A 89 33.47 -33.65 -6.17
CA THR A 89 33.44 -33.01 -7.48
C THR A 89 32.05 -33.05 -8.10
N GLY A 90 31.31 -34.13 -7.85
CA GLY A 90 29.95 -34.28 -8.38
C GLY A 90 28.89 -33.64 -7.51
N GLU A 91 29.33 -32.87 -6.51
CA GLU A 91 28.44 -32.13 -5.60
C GLU A 91 27.39 -33.02 -4.90
N GLY A 92 27.81 -34.21 -4.49
CA GLY A 92 26.96 -35.09 -3.69
C GLY A 92 26.39 -34.42 -2.45
N GLN A 93 27.17 -33.53 -1.86
CA GLN A 93 26.81 -32.77 -0.68
C GLN A 93 25.58 -31.85 -0.88
N LEU A 94 25.31 -31.48 -2.12
CA LEU A 94 24.17 -30.61 -2.45
C LEU A 94 22.92 -31.40 -2.89
N MET A 95 23.04 -32.71 -3.03
CA MET A 95 21.95 -33.55 -3.53
C MET A 95 21.06 -34.06 -2.40
N SER A 96 19.77 -34.13 -2.70
CA SER A 96 18.91 -34.92 -1.84
C SER A 96 19.17 -36.38 -2.24
N TRP A 97 18.92 -37.31 -1.31
CA TRP A 97 19.23 -38.71 -1.58
C TRP A 97 18.46 -39.34 -2.76
N ASP A 98 17.20 -38.97 -2.98
CA ASP A 98 16.47 -39.58 -4.10
C ASP A 98 17.08 -39.28 -5.48
N GLU A 99 17.50 -38.03 -5.70
CA GLU A 99 18.14 -37.69 -6.97
C GLU A 99 19.51 -38.37 -7.08
N HIS A 100 20.16 -38.54 -5.92
CA HIS A 100 21.46 -39.19 -5.86
C HIS A 100 21.41 -40.68 -6.24
N ILE A 101 20.56 -41.44 -5.57
CA ILE A 101 20.36 -42.85 -5.91
C ILE A 101 19.83 -42.98 -7.34
N MET A 102 18.95 -42.05 -7.75
CA MET A 102 18.51 -41.97 -9.15
C MET A 102 19.68 -41.87 -10.13
N LEU A 103 20.62 -40.96 -9.85
CA LEU A 103 21.77 -40.74 -10.70
C LEU A 103 22.65 -41.99 -10.73
N ILE A 104 22.81 -42.62 -9.57
CA ILE A 104 23.59 -43.86 -9.46
C ILE A 104 22.94 -44.95 -10.32
N GLY A 105 21.64 -45.16 -10.12
CA GLY A 105 20.87 -46.17 -10.85
C GLY A 105 20.86 -45.89 -12.34
N HIS A 106 20.77 -44.60 -12.69
CA HIS A 106 20.83 -44.18 -14.08
C HIS A 106 22.18 -44.56 -14.73
N THR A 107 23.28 -44.23 -14.05
CA THR A 107 24.62 -44.48 -14.55
C THR A 107 24.85 -46.00 -14.73
N VAL A 108 24.37 -46.78 -13.77
CA VAL A 108 24.45 -48.24 -13.86
C VAL A 108 23.65 -48.77 -15.05
N ASN A 109 22.38 -48.35 -15.13
CA ASN A 109 21.49 -48.75 -16.22
C ASN A 109 22.03 -48.41 -17.61
N CYS A 110 22.60 -47.20 -17.76
CA CYS A 110 23.06 -46.73 -19.06
C CYS A 110 24.51 -47.09 -19.39
N PHE A 111 25.38 -47.18 -18.37
CA PHE A 111 26.82 -47.27 -18.65
C PHE A 111 27.55 -48.42 -17.96
N GLY A 112 26.87 -49.09 -17.04
CA GLY A 112 27.47 -50.13 -16.20
C GLY A 112 28.21 -51.25 -16.91
N GLY A 113 27.81 -51.55 -18.15
CA GLY A 113 28.50 -52.53 -18.97
C GLY A 113 29.82 -51.99 -19.53
N SER A 114 29.99 -50.67 -19.54
CA SER A 114 31.16 -50.06 -20.19
C SER A 114 32.11 -49.38 -19.21
N ILE A 115 31.62 -49.05 -18.02
CA ILE A 115 32.42 -48.35 -17.00
C ILE A 115 32.05 -48.79 -15.56
N LYS A 116 33.01 -48.76 -14.65
CA LYS A 116 32.69 -49.09 -13.26
C LYS A 116 32.04 -47.89 -12.59
N VAL A 117 30.93 -48.15 -11.92
CA VAL A 117 30.15 -47.10 -11.27
C VAL A 117 30.38 -47.15 -9.75
N ILE A 118 31.00 -46.11 -9.21
CA ILE A 118 31.32 -46.05 -7.81
C ILE A 118 30.49 -44.93 -7.19
N GLY A 119 29.50 -45.31 -6.39
CA GLY A 119 28.64 -44.33 -5.76
C GLY A 119 29.29 -43.75 -4.51
N ASN A 120 29.31 -42.43 -4.41
CA ASN A 120 29.69 -41.79 -3.16
C ASN A 120 28.54 -41.81 -2.15
N THR A 121 28.50 -42.88 -1.36
CA THR A 121 27.41 -43.10 -0.43
C THR A 121 27.86 -42.86 1.00
N GLY A 122 29.08 -42.37 1.15
CA GLY A 122 29.63 -41.97 2.46
C GLY A 122 29.02 -40.70 3.06
N SER A 123 29.19 -40.56 4.38
CA SER A 123 28.53 -39.48 5.13
C SER A 123 29.17 -39.29 6.51
N ASN A 124 29.01 -38.08 7.06
CA ASN A 124 29.36 -37.83 8.46
C ASN A 124 28.36 -38.49 9.45
N SER A 125 27.24 -38.95 8.89
CA SER A 125 26.24 -39.71 9.64
C SER A 125 26.28 -41.18 9.24
N THR A 126 26.54 -42.05 10.21
CA THR A 126 26.54 -43.50 9.98
C THR A 126 25.19 -44.01 9.49
N ARG A 127 24.09 -43.51 10.04
CA ARG A 127 22.77 -43.90 9.54
C ARG A 127 22.64 -43.65 8.03
N GLU A 128 23.00 -42.44 7.57
CA GLU A 128 22.93 -42.10 6.14
C GLU A 128 23.88 -42.97 5.32
N ALA A 129 25.09 -43.17 5.85
CA ALA A 129 26.10 -43.99 5.16
C ALA A 129 25.61 -45.43 4.96
N ILE A 130 25.03 -46.00 6.01
CA ILE A 130 24.49 -47.35 5.95
C ILE A 130 23.38 -47.39 4.89
N HIS A 131 22.44 -46.47 5.05
CA HIS A 131 21.24 -46.42 4.21
C HIS A 131 21.58 -46.20 2.73
N ALA A 132 22.31 -45.13 2.46
CA ALA A 132 22.76 -44.81 1.10
C ALA A 132 23.60 -45.94 0.46
N THR A 133 24.46 -46.57 1.25
CA THR A 133 25.34 -47.62 0.71
C THR A 133 24.56 -48.85 0.26
N GLU A 134 23.67 -49.35 1.10
CA GLU A 134 22.94 -50.56 0.69
C GLU A 134 22.00 -50.30 -0.48
N GLN A 135 21.32 -49.14 -0.47
CA GLN A 135 20.44 -48.77 -1.58
C GLN A 135 21.22 -48.57 -2.87
N GLY A 136 22.44 -48.05 -2.74
CA GLY A 136 23.35 -47.88 -3.87
C GLY A 136 23.75 -49.21 -4.50
N PHE A 137 24.15 -50.15 -3.67
CA PHE A 137 24.48 -51.51 -4.11
C PHE A 137 23.27 -52.26 -4.64
N ALA A 138 22.09 -51.93 -4.09
CA ALA A 138 20.86 -52.54 -4.54
C ALA A 138 20.54 -52.17 -5.97
N VAL A 139 20.84 -50.94 -6.37
CA VAL A 139 20.57 -50.53 -7.77
C VAL A 139 21.74 -50.88 -8.68
N GLY A 140 22.77 -51.49 -8.11
CA GLY A 140 23.81 -52.12 -8.91
C GLY A 140 25.12 -51.38 -9.06
N MET A 141 25.39 -50.38 -8.22
CA MET A 141 26.72 -49.75 -8.21
C MET A 141 27.82 -50.77 -7.90
N HIS A 142 29.02 -50.56 -8.45
CA HIS A 142 30.09 -51.56 -8.31
C HIS A 142 30.91 -51.44 -7.02
N ALA A 143 31.02 -50.23 -6.48
CA ALA A 143 31.72 -50.00 -5.23
C ALA A 143 31.14 -48.78 -4.53
N ALA A 144 31.59 -48.55 -3.30
CA ALA A 144 31.17 -47.40 -2.52
C ALA A 144 32.40 -46.56 -2.16
N LEU A 145 32.30 -45.25 -2.31
CA LEU A 145 33.31 -44.35 -1.78
C LEU A 145 32.91 -43.92 -0.38
N HIS A 146 33.81 -44.15 0.59
CA HIS A 146 33.53 -43.76 1.99
C HIS A 146 34.55 -42.84 2.64
N ILE A 147 34.07 -41.65 2.95
CA ILE A 147 34.83 -40.63 3.66
C ILE A 147 34.70 -40.85 5.18
N ASN A 148 35.66 -40.33 5.95
CA ASN A 148 35.51 -40.25 7.40
C ASN A 148 34.57 -39.10 7.78
N PRO A 149 33.80 -39.28 8.88
CA PRO A 149 32.85 -38.21 9.23
C PRO A 149 33.54 -36.84 9.39
N TYR A 150 33.15 -35.91 8.52
CA TYR A 150 33.65 -34.54 8.47
C TYR A 150 32.79 -33.62 9.34
N TYR A 151 33.34 -32.45 9.67
CA TYR A 151 32.64 -31.47 10.51
C TYR A 151 32.37 -32.03 11.93
N GLY A 152 31.36 -32.88 12.09
CA GLY A 152 31.10 -33.55 13.37
C GLY A 152 32.05 -34.74 13.48
N LYS A 153 33.32 -34.43 13.68
CA LYS A 153 34.42 -35.41 13.69
C LYS A 153 34.24 -36.43 14.86
N THR A 154 34.63 -37.69 14.67
CA THR A 154 34.53 -38.66 15.76
C THR A 154 35.91 -39.10 16.24
N SER A 155 35.96 -39.95 17.27
CA SER A 155 37.22 -40.54 17.76
C SER A 155 37.72 -41.64 16.82
N LEU A 156 38.97 -42.09 17.05
CA LEU A 156 39.54 -43.16 16.23
C LEU A 156 38.77 -44.45 16.40
N GLU A 157 38.35 -44.74 17.63
CA GLU A 157 37.44 -45.86 17.86
C GLU A 157 36.12 -45.67 17.11
N GLY A 158 35.57 -44.46 17.18
CA GLY A 158 34.35 -44.14 16.43
C GLY A 158 34.46 -44.42 14.94
N LEU A 159 35.61 -44.08 14.37
CA LEU A 159 35.89 -44.27 12.95
C LEU A 159 35.82 -45.73 12.54
N VAL A 160 36.49 -46.58 13.31
CA VAL A 160 36.43 -48.02 13.08
C VAL A 160 34.96 -48.48 13.12
N SER A 161 34.20 -48.07 14.13
CA SER A 161 32.77 -48.43 14.19
C SER A 161 32.02 -48.02 12.93
N HIS A 162 32.25 -46.79 12.52
CA HIS A 162 31.61 -46.21 11.36
C HIS A 162 31.93 -46.99 10.09
N PHE A 163 33.22 -47.19 9.79
CA PHE A 163 33.64 -47.95 8.61
C PHE A 163 33.18 -49.41 8.64
N GLU A 164 33.13 -50.00 9.84
CA GLU A 164 32.72 -51.41 9.94
C GLU A 164 31.21 -51.61 9.74
N SER A 165 30.44 -50.53 9.82
CA SER A 165 29.00 -50.58 9.48
C SER A 165 28.75 -50.74 7.99
N VAL A 166 29.67 -50.26 7.16
CA VAL A 166 29.43 -50.26 5.71
C VAL A 166 30.35 -51.20 4.93
N LEU A 167 31.51 -51.54 5.49
CA LEU A 167 32.42 -52.47 4.80
C LEU A 167 31.79 -53.82 4.45
N PRO A 168 30.85 -54.32 5.27
CA PRO A 168 30.28 -55.61 4.88
C PRO A 168 29.40 -55.56 3.63
N MET A 169 28.98 -54.37 3.21
CA MET A 169 28.04 -54.24 2.09
C MET A 169 28.56 -54.51 0.66
N GLY A 170 29.82 -54.20 0.42
CA GLY A 170 30.38 -54.37 -0.94
C GLY A 170 31.76 -53.75 -1.05
N PRO A 171 32.40 -53.89 -2.24
CA PRO A 171 33.71 -53.26 -2.43
C PRO A 171 33.69 -51.79 -2.02
N THR A 172 34.65 -51.41 -1.19
CA THR A 172 34.71 -50.08 -0.59
C THR A 172 36.06 -49.39 -0.88
N VAL A 173 36.00 -48.11 -1.20
CA VAL A 173 37.18 -47.25 -1.28
C VAL A 173 37.06 -46.24 -0.13
N ILE A 174 38.06 -46.22 0.75
CA ILE A 174 38.06 -45.28 1.87
C ILE A 174 38.71 -43.96 1.45
N TYR A 175 38.09 -42.86 1.84
CA TYR A 175 38.46 -41.57 1.31
C TYR A 175 39.06 -40.67 2.40
N ASN A 176 40.35 -40.37 2.27
CA ASN A 176 41.05 -39.46 3.20
C ASN A 176 41.39 -38.12 2.57
N VAL A 177 40.80 -37.05 3.11
CA VAL A 177 41.04 -35.69 2.61
C VAL A 177 40.86 -34.74 3.82
N PRO A 178 41.88 -34.70 4.72
CA PRO A 178 41.68 -33.93 5.97
C PRO A 178 41.55 -32.43 5.78
N SER A 179 42.06 -31.88 4.68
CA SER A 179 41.85 -30.45 4.43
C SER A 179 40.36 -30.12 4.35
N ARG A 180 39.55 -31.11 3.97
CA ARG A 180 38.08 -30.93 3.92
C ARG A 180 37.31 -31.49 5.14
N THR A 181 37.87 -32.52 5.78
CA THR A 181 37.20 -33.18 6.91
C THR A 181 37.60 -32.65 8.28
N GLY A 182 38.81 -32.09 8.39
CA GLY A 182 39.34 -31.70 9.69
C GLY A 182 39.98 -32.86 10.45
N GLN A 183 40.03 -34.04 9.83
CA GLN A 183 40.59 -35.22 10.47
C GLN A 183 41.35 -36.09 9.49
N ASP A 184 42.65 -36.22 9.73
CA ASP A 184 43.51 -37.08 8.94
C ASP A 184 43.34 -38.52 9.41
N ILE A 185 42.83 -39.40 8.54
CA ILE A 185 42.72 -40.83 8.88
C ILE A 185 44.12 -41.42 9.00
N PRO A 186 44.50 -41.89 10.19
CA PRO A 186 45.85 -42.43 10.39
C PRO A 186 45.98 -43.83 9.81
N PRO A 187 47.22 -44.22 9.42
CA PRO A 187 47.53 -45.57 8.94
C PRO A 187 46.95 -46.70 9.79
N GLY A 188 47.03 -46.57 11.11
CA GLY A 188 46.52 -47.57 12.03
C GLY A 188 45.04 -47.90 11.79
N VAL A 189 44.23 -46.87 11.59
CA VAL A 189 42.81 -47.11 11.28
C VAL A 189 42.63 -47.88 9.96
N ILE A 190 43.38 -47.50 8.93
CA ILE A 190 43.30 -48.21 7.65
C ILE A 190 43.65 -49.68 7.80
N HIS A 191 44.73 -49.99 8.53
CA HIS A 191 45.16 -51.38 8.73
C HIS A 191 44.15 -52.18 9.56
N THR A 192 43.49 -51.53 10.52
CA THR A 192 42.41 -52.16 11.25
C THR A 192 41.28 -52.55 10.32
N VAL A 193 40.81 -51.62 9.49
CA VAL A 193 39.68 -51.89 8.61
C VAL A 193 40.05 -52.77 7.41
N ALA A 194 41.32 -52.76 7.04
CA ALA A 194 41.81 -53.61 5.95
C ALA A 194 41.67 -55.11 6.24
N GLN A 195 41.27 -55.47 7.45
CA GLN A 195 41.00 -56.88 7.80
C GLN A 195 39.81 -57.40 7.01
N SER A 196 38.91 -56.50 6.61
CA SER A 196 37.79 -56.82 5.75
C SER A 196 38.29 -57.06 4.34
N ALA A 197 37.81 -58.13 3.70
CA ALA A 197 38.14 -58.40 2.30
C ALA A 197 37.42 -57.41 1.35
N ASN A 198 36.47 -56.66 1.87
CA ASN A 198 35.74 -55.70 1.05
C ASN A 198 36.43 -54.35 0.87
N LEU A 199 37.53 -54.13 1.57
CA LEU A 199 38.31 -52.92 1.34
C LEU A 199 39.02 -53.07 0.00
N ALA A 200 38.63 -52.27 -0.99
CA ALA A 200 39.32 -52.25 -2.29
C ALA A 200 40.61 -51.45 -2.15
N GLY A 201 40.53 -50.35 -1.42
CA GLY A 201 41.66 -49.45 -1.22
C GLY A 201 41.32 -48.08 -0.68
N VAL A 202 42.26 -47.16 -0.85
CA VAL A 202 42.20 -45.82 -0.27
C VAL A 202 42.31 -44.74 -1.34
N GLU A 204 43.54 -41.33 -1.44
CA GLU A 204 44.40 -40.64 -0.50
C GLU A 204 44.79 -39.24 -0.95
N CYS A 205 44.50 -38.25 -0.12
CA CYS A 205 44.80 -36.88 -0.47
C CYS A 205 45.94 -36.21 0.31
N VAL A 206 46.52 -36.89 1.30
CA VAL A 206 47.52 -36.22 2.14
C VAL A 206 48.89 -36.11 1.48
N GLY A 207 49.19 -36.99 0.53
CA GLY A 207 50.45 -36.86 -0.18
C GLY A 207 51.13 -38.19 -0.49
N ASN A 208 52.14 -38.13 -1.35
CA ASN A 208 52.80 -39.32 -1.86
C ASN A 208 53.48 -40.16 -0.78
N ASP A 209 54.03 -39.50 0.24
CA ASP A 209 54.67 -40.20 1.35
C ASP A 209 53.67 -41.08 2.10
N ARG A 210 52.47 -40.55 2.36
CA ARG A 210 51.40 -41.38 2.89
C ARG A 210 51.03 -42.51 1.94
N ILE A 211 50.91 -42.20 0.65
CA ILE A 211 50.59 -43.25 -0.33
C ILE A 211 51.57 -44.41 -0.17
N LYS A 212 52.86 -44.08 -0.11
CA LYS A 212 53.92 -45.09 0.01
C LYS A 212 53.86 -45.95 1.27
N GLN A 213 53.47 -45.39 2.42
CA GLN A 213 53.31 -46.21 3.63
C GLN A 213 52.24 -47.29 3.39
N TYR A 214 51.26 -46.99 2.55
CA TYR A 214 50.19 -47.95 2.29
C TYR A 214 50.61 -48.98 1.23
N THR A 215 51.19 -48.50 0.13
CA THR A 215 51.44 -49.38 -0.99
C THR A 215 52.57 -50.37 -0.70
N ASP A 216 53.51 -49.94 0.13
CA ASP A 216 54.58 -50.82 0.65
C ASP A 216 54.00 -51.90 1.55
N ASN A 217 52.78 -51.70 2.06
CA ASN A 217 52.16 -52.67 2.96
C ASN A 217 50.90 -53.35 2.40
N ARG A 218 50.93 -53.64 1.10
CA ARG A 218 49.91 -54.40 0.36
C ARG A 218 48.50 -53.75 0.21
N ILE A 219 48.40 -52.46 0.52
CA ILE A 219 47.13 -51.73 0.39
C ILE A 219 47.09 -50.93 -0.93
N VAL A 220 46.08 -51.18 -1.75
CA VAL A 220 45.90 -50.42 -3.00
C VAL A 220 45.55 -48.94 -2.74
N VAL A 221 46.23 -48.02 -3.46
CA VAL A 221 45.92 -46.60 -3.34
C VAL A 221 45.66 -45.91 -4.68
N TRP A 222 44.66 -45.04 -4.69
CA TRP A 222 44.51 -44.04 -5.73
C TRP A 222 44.83 -42.69 -5.12
N SER A 223 45.70 -41.96 -5.79
CA SER A 223 45.92 -40.56 -5.48
C SER A 223 44.65 -39.77 -5.80
N GLY A 224 44.26 -38.88 -4.89
CA GLY A 224 43.17 -37.96 -5.13
C GLY A 224 43.67 -36.59 -5.50
N ASN A 225 44.97 -36.47 -5.78
CA ASN A 225 45.56 -35.18 -6.18
C ASN A 225 46.15 -35.23 -7.58
N ASP A 226 45.53 -34.54 -8.54
CA ASP A 226 45.96 -34.59 -9.93
C ASP A 226 47.41 -34.12 -10.12
N ASP A 227 47.82 -33.13 -9.32
CA ASP A 227 49.18 -32.62 -9.43
C ASP A 227 50.25 -33.56 -8.83
N GLN A 228 49.82 -34.63 -8.16
CA GLN A 228 50.75 -35.61 -7.60
C GLN A 228 50.61 -36.99 -8.22
N CYS A 229 49.56 -37.21 -9.02
CA CYS A 229 49.18 -38.57 -9.42
C CYS A 229 50.16 -39.27 -10.35
N HIS A 230 50.79 -38.52 -11.25
CA HIS A 230 51.86 -39.07 -12.11
C HIS A 230 52.98 -39.72 -11.27
N ASP A 231 53.47 -39.01 -10.26
CA ASP A 231 54.55 -39.51 -9.40
C ASP A 231 54.06 -40.55 -8.40
N ALA A 232 52.83 -40.38 -7.90
CA ALA A 232 52.19 -41.40 -7.07
C ALA A 232 52.25 -42.76 -7.77
N LYS A 233 51.86 -42.78 -9.05
CA LYS A 233 51.83 -43.99 -9.86
C LYS A 233 53.23 -44.60 -10.10
N TRP A 234 54.16 -43.78 -10.58
CA TRP A 234 55.43 -44.29 -11.08
C TRP A 234 56.51 -44.45 -10.01
N ASP A 235 56.42 -43.63 -8.96
CA ASP A 235 57.41 -43.61 -7.88
C ASP A 235 56.92 -44.11 -6.51
N TYR A 236 55.62 -44.11 -6.25
CA TYR A 236 55.12 -44.46 -4.89
C TYR A 236 54.15 -45.65 -4.82
N GLY A 237 53.98 -46.34 -5.95
CA GLY A 237 53.19 -47.55 -5.99
C GLY A 237 51.68 -47.37 -6.00
N ALA A 238 51.20 -46.17 -6.27
CA ALA A 238 49.75 -45.95 -6.42
C ALA A 238 49.26 -46.74 -7.62
N THR A 239 48.05 -47.27 -7.53
CA THR A 239 47.48 -48.00 -8.67
C THR A 239 46.92 -47.04 -9.71
N GLY A 240 46.50 -45.87 -9.26
CA GLY A 240 45.88 -44.93 -10.16
C GLY A 240 45.48 -43.65 -9.50
N VAL A 241 44.59 -42.95 -10.18
CA VAL A 241 44.08 -41.70 -9.70
C VAL A 241 42.57 -41.79 -9.60
N ILE A 242 42.01 -41.02 -8.68
CA ILE A 242 40.61 -40.70 -8.72
C ILE A 242 40.62 -39.20 -8.96
N SER A 243 40.22 -38.82 -10.17
CA SER A 243 40.65 -37.54 -10.75
C SER A 243 39.56 -36.50 -10.96
N VAL A 244 39.92 -35.25 -10.69
CA VAL A 244 39.10 -34.11 -11.06
C VAL A 244 39.39 -33.74 -12.52
N THR A 245 40.67 -33.56 -12.85
CA THR A 245 41.12 -33.03 -14.14
C THR A 245 40.70 -33.85 -15.38
N SER A 246 40.56 -35.16 -15.20
CA SER A 246 40.08 -36.03 -16.26
C SER A 246 38.67 -35.68 -16.75
N ASN A 247 37.91 -34.91 -15.97
CA ASN A 247 36.65 -34.33 -16.45
C ASN A 247 36.88 -33.45 -17.67
N LEU A 248 38.04 -32.81 -17.73
CA LEU A 248 38.38 -31.89 -18.82
C LEU A 248 39.20 -32.57 -19.91
N ILE A 249 40.26 -33.26 -19.51
CA ILE A 249 41.22 -33.82 -20.47
C ILE A 249 41.46 -35.31 -20.21
N PRO A 250 40.42 -36.13 -20.43
CA PRO A 250 40.52 -37.53 -20.01
C PRO A 250 41.61 -38.34 -20.72
N GLY A 251 41.81 -38.07 -22.00
CA GLY A 251 42.81 -38.77 -22.79
C GLY A 251 44.22 -38.51 -22.30
N LEU A 252 44.49 -37.25 -21.95
CA LEU A 252 45.79 -36.86 -21.45
C LEU A 252 46.06 -37.52 -20.10
N MET A 253 45.06 -37.53 -19.23
CA MET A 253 45.18 -38.22 -17.94
C MET A 253 45.44 -39.72 -18.11
N ARG A 254 44.72 -40.35 -19.06
CA ARG A 254 44.98 -41.74 -19.42
C ARG A 254 46.45 -41.96 -19.81
N GLN A 255 46.97 -41.08 -20.65
CA GLN A 255 48.35 -41.21 -21.11
C GLN A 255 49.32 -41.13 -19.93
N LEU A 256 49.07 -40.18 -19.02
CA LEU A 256 49.89 -40.02 -17.81
C LEU A 256 49.98 -41.27 -16.96
N LEU A 257 48.98 -42.14 -17.06
CA LEU A 257 48.83 -43.26 -16.12
C LEU A 257 49.06 -44.65 -16.73
N PHE A 258 49.10 -44.75 -18.05
CA PHE A 258 49.13 -46.06 -18.71
C PHE A 258 50.39 -46.30 -19.53
N LYS A 259 51.23 -45.27 -19.66
CA LYS A 259 52.30 -45.21 -20.65
C LYS A 259 53.69 -44.87 -20.10
N GLY A 260 53.90 -45.08 -18.81
CA GLY A 260 55.20 -44.82 -18.17
C GLY A 260 55.44 -43.37 -17.82
N LYS A 261 56.62 -43.09 -17.27
CA LYS A 261 57.00 -41.76 -16.81
C LYS A 261 57.10 -40.79 -17.97
N ASN A 262 56.55 -39.60 -17.77
CA ASN A 262 56.58 -38.57 -18.79
C ASN A 262 56.47 -37.20 -18.14
N PRO A 263 57.60 -36.70 -17.61
CA PRO A 263 57.65 -35.43 -16.86
C PRO A 263 57.20 -34.23 -17.68
N SER A 264 57.38 -34.27 -18.99
CA SER A 264 56.95 -33.14 -19.82
C SER A 264 55.45 -33.14 -20.11
N LEU A 265 54.85 -34.32 -20.30
CA LEU A 265 53.38 -34.40 -20.36
C LEU A 265 52.79 -33.92 -19.03
N ASN A 266 53.38 -34.41 -17.94
CA ASN A 266 52.99 -34.01 -16.59
C ASN A 266 53.09 -32.50 -16.35
N ALA A 267 54.23 -31.91 -16.74
CA ALA A 267 54.40 -30.44 -16.66
C ALA A 267 53.37 -29.66 -17.51
N LYS A 268 53.06 -30.18 -18.69
CA LYS A 268 52.09 -29.56 -19.62
C LYS A 268 50.69 -29.35 -19.03
N ILE A 269 50.21 -30.30 -18.23
CA ILE A 269 48.85 -30.24 -17.63
C ILE A 269 48.81 -29.36 -16.39
N MET A 270 49.98 -29.11 -15.81
CA MET A 270 50.08 -28.48 -14.49
C MET A 270 49.42 -27.11 -14.37
N PRO A 271 49.50 -26.24 -15.41
CA PRO A 271 48.81 -24.95 -15.30
C PRO A 271 47.27 -25.09 -15.24
N LEU A 272 46.73 -26.09 -15.93
CA LEU A 272 45.32 -26.45 -15.82
C LEU A 272 44.95 -26.89 -14.40
N VAL A 273 45.79 -27.75 -13.82
CA VAL A 273 45.55 -28.27 -12.48
C VAL A 273 45.57 -27.15 -11.43
N ASN A 274 46.53 -26.23 -11.56
CA ASN A 274 46.66 -25.12 -10.63
C ASN A 274 45.46 -24.18 -10.70
N TRP A 275 44.97 -23.95 -11.92
CA TRP A 275 43.83 -23.07 -12.17
C TRP A 275 42.57 -23.67 -11.55
N LEU A 276 42.42 -24.99 -11.74
CA LEU A 276 41.31 -25.77 -11.20
C LEU A 276 41.19 -25.75 -9.70
N PHE A 277 42.29 -25.50 -9.00
CA PHE A 277 42.26 -25.58 -7.53
C PHE A 277 42.54 -24.28 -6.79
N GLU A 278 42.53 -23.14 -7.49
CA GLU A 278 42.76 -21.86 -6.81
C GLU A 278 41.62 -21.54 -5.85
N GLU A 279 40.39 -21.87 -6.24
CA GLU A 279 39.27 -21.81 -5.32
C GLU A 279 38.88 -23.25 -5.05
N PRO A 280 38.15 -23.52 -3.95
CA PRO A 280 37.83 -24.91 -3.66
C PRO A 280 37.15 -25.66 -4.82
N ASN A 281 37.67 -26.83 -5.18
CA ASN A 281 37.01 -27.71 -6.15
C ASN A 281 35.58 -27.97 -5.66
N PRO A 282 34.56 -28.02 -6.57
CA PRO A 282 34.54 -28.00 -8.03
C PRO A 282 34.19 -26.65 -8.67
N ILE A 283 34.46 -25.54 -7.98
CA ILE A 283 34.16 -24.23 -8.53
C ILE A 283 34.83 -24.00 -9.90
N GLY A 284 36.11 -24.35 -9.99
CA GLY A 284 36.88 -24.20 -11.23
C GLY A 284 36.40 -25.10 -12.33
N LEU A 285 36.23 -26.39 -12.00
CA LEU A 285 35.69 -27.37 -12.94
C LEU A 285 34.30 -26.98 -13.46
N ASN A 286 33.41 -26.54 -12.58
CA ASN A 286 32.07 -26.12 -13.02
C ASN A 286 32.15 -24.98 -14.01
N THR A 287 33.06 -24.06 -13.74
CA THR A 287 33.28 -22.91 -14.61
C THR A 287 33.85 -23.37 -15.95
N ALA A 288 34.91 -24.17 -15.91
CA ALA A 288 35.57 -24.67 -17.12
C ALA A 288 34.65 -25.44 -18.06
N LEU A 289 33.82 -26.29 -17.47
CA LEU A 289 32.89 -27.10 -18.24
C LEU A 289 31.81 -26.22 -18.91
N ALA A 290 31.30 -25.23 -18.19
CA ALA A 290 30.42 -24.23 -18.82
C ALA A 290 31.11 -23.59 -20.04
N GLN A 291 32.32 -23.05 -19.83
CA GLN A 291 33.13 -22.44 -20.91
C GLN A 291 33.31 -23.34 -22.14
N LEU A 292 33.48 -24.63 -21.91
CA LEU A 292 33.64 -25.59 -22.99
C LEU A 292 32.32 -25.93 -23.70
N GLY A 293 31.23 -25.49 -23.08
CA GLY A 293 29.88 -25.69 -23.59
C GLY A 293 29.31 -27.09 -23.43
N VAL A 294 29.95 -27.95 -22.65
CA VAL A 294 29.45 -29.31 -22.43
C VAL A 294 28.48 -29.41 -21.27
N VAL A 295 28.36 -28.34 -20.49
CA VAL A 295 27.31 -28.23 -19.47
C VAL A 295 26.72 -26.82 -19.49
N ARG A 296 25.51 -26.67 -18.97
CA ARG A 296 24.90 -25.34 -18.83
C ARG A 296 25.61 -24.55 -17.74
N PRO A 297 25.69 -23.21 -17.89
CA PRO A 297 26.30 -22.37 -16.87
C PRO A 297 25.43 -22.28 -15.61
N VAL A 298 25.09 -23.43 -15.04
CA VAL A 298 24.19 -23.45 -13.89
C VAL A 298 24.89 -24.02 -12.65
N PHE A 299 24.84 -23.26 -11.55
CA PHE A 299 25.46 -23.61 -10.27
C PHE A 299 24.41 -23.76 -9.19
N ARG A 300 24.49 -24.85 -8.41
CA ARG A 300 23.77 -24.91 -7.13
C ARG A 300 24.62 -24.22 -6.05
N LEU A 301 24.02 -23.26 -5.35
CA LEU A 301 24.69 -22.59 -4.23
C LEU A 301 25.10 -23.61 -3.13
N PRO A 302 26.22 -23.40 -2.43
CA PRO A 302 27.08 -22.22 -2.24
C PRO A 302 28.12 -21.94 -3.34
N TYR A 303 28.17 -22.79 -4.37
CA TYR A 303 29.19 -22.60 -5.39
C TYR A 303 28.78 -21.51 -6.38
N VAL A 304 29.78 -20.71 -6.76
CA VAL A 304 29.60 -19.58 -7.62
C VAL A 304 30.77 -19.67 -8.59
N PRO A 305 30.61 -19.19 -9.85
CA PRO A 305 31.72 -19.40 -10.79
C PRO A 305 32.94 -18.53 -10.50
N LEU A 306 34.08 -18.93 -11.04
CA LEU A 306 35.27 -18.09 -11.02
C LEU A 306 34.98 -16.78 -11.75
N PRO A 307 35.55 -15.65 -11.29
CA PRO A 307 35.33 -14.35 -11.94
C PRO A 307 35.95 -14.26 -13.36
N LEU A 308 35.51 -13.24 -14.09
CA LEU A 308 35.93 -12.98 -15.48
C LEU A 308 37.43 -13.19 -15.77
N ALA A 309 38.30 -12.65 -14.93
CA ALA A 309 39.74 -12.72 -15.16
C ALA A 309 40.24 -14.18 -15.25
N LYS A 310 39.66 -15.07 -14.44
CA LYS A 310 40.04 -16.47 -14.45
C LYS A 310 39.49 -17.18 -15.66
N ARG A 311 38.32 -16.73 -16.11
CA ARG A 311 37.68 -17.32 -17.30
C ARG A 311 38.49 -17.01 -18.56
N VAL A 312 38.94 -15.76 -18.67
CA VAL A 312 39.83 -15.35 -19.76
C VAL A 312 41.08 -16.25 -19.72
N GLU A 313 41.60 -16.46 -18.51
CA GLU A 313 42.77 -17.28 -18.26
C GLU A 313 42.56 -18.72 -18.73
N PHE A 314 41.37 -19.27 -18.49
CA PHE A 314 41.07 -20.62 -18.96
C PHE A 314 41.17 -20.76 -20.50
N VAL A 315 40.66 -19.75 -21.21
CA VAL A 315 40.73 -19.74 -22.67
C VAL A 315 42.19 -19.86 -23.18
N ASN A 316 43.11 -19.16 -22.53
CA ASN A 316 44.54 -19.28 -22.84
C ASN A 316 45.12 -20.65 -22.48
N ILE A 317 44.70 -21.20 -21.34
CA ILE A 317 45.14 -22.54 -20.92
C ILE A 317 44.71 -23.58 -21.95
N VAL A 318 43.50 -23.39 -22.49
CA VAL A 318 42.96 -24.28 -23.52
C VAL A 318 43.75 -24.14 -24.81
N LYS A 319 44.09 -22.91 -25.18
CA LYS A 319 44.89 -22.66 -26.38
C LYS A 319 46.25 -23.34 -26.31
N GLU A 320 46.91 -23.21 -25.15
CA GLU A 320 48.25 -23.78 -24.92
C GLU A 320 48.29 -25.30 -24.92
N ILE A 321 47.31 -25.94 -24.28
CA ILE A 321 47.22 -27.40 -24.27
C ILE A 321 46.62 -27.92 -25.57
N GLY A 322 45.72 -27.13 -26.18
CA GLY A 322 45.03 -27.51 -27.41
C GLY A 322 43.63 -28.04 -27.18
N ARG A 323 42.64 -27.29 -27.67
CA ARG A 323 41.20 -27.62 -27.61
C ARG A 323 40.83 -29.08 -27.88
N GLU A 324 41.53 -29.71 -28.82
CA GLU A 324 41.26 -31.09 -29.23
C GLU A 324 41.42 -32.11 -28.09
N ASN A 325 42.14 -31.72 -27.03
CA ASN A 325 42.35 -32.58 -25.88
C ASN A 325 41.21 -32.48 -24.88
N PHE A 326 40.44 -31.41 -24.97
CA PHE A 326 39.35 -31.18 -24.04
C PHE A 326 38.03 -31.76 -24.54
N VAL A 327 37.17 -32.13 -23.59
CA VAL A 327 35.86 -32.66 -23.90
C VAL A 327 35.04 -31.66 -24.73
N GLY A 328 34.24 -32.19 -25.65
CA GLY A 328 33.34 -31.35 -26.46
C GLY A 328 33.96 -30.88 -27.76
N GLU A 329 33.11 -30.39 -28.66
CA GLU A 329 33.54 -29.94 -29.99
C GLU A 329 33.44 -28.43 -30.15
N LYS A 330 32.67 -27.79 -29.28
CA LYS A 330 32.38 -26.37 -29.40
C LYS A 330 33.57 -25.52 -28.98
N ASP A 331 33.69 -24.36 -29.61
CA ASP A 331 34.73 -23.39 -29.27
C ASP A 331 34.55 -22.92 -27.84
N VAL A 332 35.64 -22.92 -27.10
CA VAL A 332 35.63 -22.41 -25.73
C VAL A 332 35.24 -20.94 -25.71
N LYS A 333 34.39 -20.59 -24.75
CA LYS A 333 33.95 -19.22 -24.59
C LYS A 333 34.42 -18.70 -23.24
N VAL A 334 34.51 -17.37 -23.13
CA VAL A 334 34.81 -16.74 -21.86
C VAL A 334 33.60 -16.81 -20.95
N LEU A 335 32.43 -16.49 -21.51
CA LEU A 335 31.15 -16.32 -20.78
C LEU A 335 31.11 -15.07 -19.94
N ASP A 336 29.97 -14.40 -19.94
CA ASP A 336 29.79 -13.20 -19.13
C ASP A 336 29.06 -13.50 -17.83
N ASP A 337 29.32 -12.67 -16.82
CA ASP A 337 28.70 -12.82 -15.48
C ASP A 337 27.21 -13.11 -15.56
N ASP A 338 26.57 -12.45 -16.53
CA ASP A 338 25.14 -12.57 -16.84
C ASP A 338 24.66 -13.95 -17.23
N ASP A 339 25.53 -14.73 -17.86
CA ASP A 339 25.17 -16.05 -18.36
C ASP A 339 24.94 -17.08 -17.25
N PHE A 340 25.52 -16.84 -16.07
CA PHE A 340 25.53 -17.86 -15.02
C PHE A 340 24.26 -17.87 -14.19
N ILE A 341 23.74 -19.06 -13.96
CA ILE A 341 22.55 -19.18 -13.14
C ILE A 341 22.96 -19.80 -11.81
N LEU A 342 22.60 -19.10 -10.74
CA LEU A 342 22.87 -19.55 -9.38
C LEU A 342 21.55 -19.97 -8.77
N VAL A 343 21.43 -21.23 -8.41
CA VAL A 343 20.20 -21.74 -7.82
C VAL A 343 20.37 -22.01 -6.33
N GLY A 344 19.55 -21.36 -5.52
CA GLY A 344 19.48 -21.63 -4.09
C GLY A 344 18.30 -22.50 -3.70
N ARG A 345 17.16 -22.34 -4.38
CA ARG A 345 15.97 -23.15 -4.09
C ARG A 345 15.68 -24.09 -5.25
N TYR A 346 15.84 -25.38 -4.97
CA TYR A 346 15.51 -26.43 -5.92
C TYR A 346 15.19 -27.63 -5.03
N SER B 40 6.95 15.77 -13.36
CA SER B 40 8.13 15.05 -12.78
C SER B 40 9.16 16.00 -12.18
N VAL B 41 9.64 15.66 -10.99
CA VAL B 41 10.66 16.43 -10.30
C VAL B 41 11.96 16.52 -11.11
N ASP B 42 12.38 15.44 -11.77
CA ASP B 42 13.68 15.41 -12.47
C ASP B 42 13.67 16.29 -13.72
N ASP B 43 12.50 16.41 -14.34
CA ASP B 43 12.29 17.31 -15.46
C ASP B 43 12.51 18.76 -15.06
N ILE B 44 12.15 19.11 -13.83
CA ILE B 44 12.38 20.47 -13.33
C ILE B 44 13.86 20.65 -13.00
N LYS B 45 14.44 19.63 -12.36
CA LYS B 45 15.86 19.66 -11.98
C LYS B 45 16.80 19.89 -13.16
N SER B 46 16.42 19.44 -14.34
CA SER B 46 17.30 19.56 -15.50
C SER B 46 17.26 20.95 -16.17
N LEU B 47 16.28 21.79 -15.82
CA LEU B 47 16.10 23.09 -16.49
C LEU B 47 17.24 24.07 -16.20
N ARG B 48 17.71 24.77 -17.21
CA ARG B 48 18.81 25.72 -17.04
C ARG B 48 18.37 27.18 -17.09
N LEU B 49 17.54 27.51 -18.08
CA LEU B 49 17.09 28.87 -18.26
C LEU B 49 15.58 28.99 -17.97
N ILE B 50 15.25 29.60 -16.84
CA ILE B 50 13.86 29.82 -16.46
C ILE B 50 13.66 31.33 -16.44
N THR B 51 12.61 31.80 -17.11
CA THR B 51 12.29 33.23 -17.12
C THR B 51 11.17 33.57 -16.14
N ALA B 52 11.41 34.55 -15.27
CA ALA B 52 10.35 35.11 -14.44
C ALA B 52 9.59 36.11 -15.30
N ILE B 53 8.58 35.63 -16.03
CA ILE B 53 7.95 36.46 -17.06
C ILE B 53 7.18 37.67 -16.52
N LYS B 54 7.34 38.81 -17.20
CA LYS B 54 6.59 40.02 -16.88
C LYS B 54 5.13 39.81 -17.24
N THR B 55 4.24 40.35 -16.41
CA THR B 55 2.80 40.32 -16.66
C THR B 55 2.38 41.68 -17.24
N PRO B 56 1.98 41.71 -18.52
CA PRO B 56 1.59 42.97 -19.16
C PRO B 56 0.11 43.33 -18.95
N TYR B 57 -0.21 44.62 -19.08
CA TYR B 57 -1.52 45.15 -18.74
C TYR B 57 -2.14 45.94 -19.88
N LEU B 58 -3.47 45.99 -19.86
CA LEU B 58 -4.26 46.87 -20.70
C LEU B 58 -4.41 48.22 -20.00
N PRO B 59 -4.88 49.26 -20.72
CA PRO B 59 -4.99 50.59 -20.12
C PRO B 59 -5.78 50.64 -18.83
N ASP B 60 -6.78 49.79 -18.68
CA ASP B 60 -7.59 49.79 -17.45
C ASP B 60 -6.98 48.91 -16.35
N GLY B 61 -5.80 48.35 -16.60
CA GLY B 61 -5.08 47.58 -15.58
C GLY B 61 -5.35 46.09 -15.57
N ARG B 62 -6.26 45.62 -16.39
CA ARG B 62 -6.44 44.17 -16.54
C ARG B 62 -5.28 43.59 -17.34
N PHE B 63 -5.07 42.27 -17.22
CA PHE B 63 -4.01 41.59 -17.96
C PHE B 63 -4.22 41.77 -19.46
N ASP B 64 -3.13 41.98 -20.17
CA ASP B 64 -3.12 42.06 -21.62
C ASP B 64 -2.61 40.71 -22.14
N LEU B 65 -3.54 39.79 -22.33
CA LEU B 65 -3.21 38.42 -22.70
C LEU B 65 -2.59 38.31 -24.10
N GLU B 66 -3.02 39.18 -25.01
CA GLU B 66 -2.40 39.24 -26.34
C GLU B 66 -0.90 39.56 -26.21
N ALA B 67 -0.56 40.60 -25.46
CA ALA B 67 0.87 40.93 -25.23
C ALA B 67 1.59 39.81 -24.50
N TYR B 68 0.92 39.21 -23.52
CA TYR B 68 1.50 38.14 -22.72
C TYR B 68 1.87 36.91 -23.55
N ASP B 69 0.94 36.44 -24.38
CA ASP B 69 1.20 35.30 -25.26
C ASP B 69 2.40 35.53 -26.19
N ALA B 70 2.49 36.72 -26.78
CA ALA B 70 3.63 37.12 -27.57
C ALA B 70 4.94 37.07 -26.75
N LEU B 71 4.92 37.52 -25.49
CA LEU B 71 6.10 37.43 -24.64
C LEU B 71 6.50 35.99 -24.42
N VAL B 72 5.56 35.15 -24.03
CA VAL B 72 5.89 33.75 -23.84
C VAL B 72 6.43 33.15 -25.15
N ASN B 73 5.78 33.47 -26.27
CA ASN B 73 6.24 32.97 -27.57
C ASN B 73 7.68 33.29 -27.91
N MET B 74 8.12 34.51 -27.61
CA MET B 74 9.47 34.94 -27.89
C MET B 74 10.46 34.20 -26.97
N GLN B 75 10.05 34.01 -25.72
CA GLN B 75 10.81 33.20 -24.78
C GLN B 75 11.07 31.80 -25.34
N ILE B 76 10.00 31.13 -25.76
CA ILE B 76 10.09 29.78 -26.34
C ILE B 76 11.02 29.78 -27.56
N VAL B 77 10.81 30.73 -28.46
CA VAL B 77 11.59 30.86 -29.69
C VAL B 77 13.09 30.87 -29.41
N ASP B 78 13.50 31.65 -28.39
CA ASP B 78 14.91 31.85 -28.08
C ASP B 78 15.51 30.85 -27.09
N GLY B 79 14.71 29.88 -26.68
CA GLY B 79 15.24 28.76 -25.93
C GLY B 79 15.07 28.76 -24.43
N ALA B 80 14.26 29.66 -23.87
CA ALA B 80 13.92 29.53 -22.44
C ALA B 80 13.20 28.19 -22.21
N GLU B 81 13.45 27.57 -21.07
CA GLU B 81 12.93 26.23 -20.84
C GLU B 81 11.76 26.20 -19.87
N GLY B 82 11.63 27.27 -19.10
CA GLY B 82 10.53 27.39 -18.14
C GLY B 82 10.19 28.84 -17.88
N VAL B 83 8.98 29.05 -17.35
CA VAL B 83 8.56 30.38 -16.91
C VAL B 83 7.98 30.32 -15.49
N ILE B 84 8.30 31.35 -14.70
CA ILE B 84 7.61 31.61 -13.44
C ILE B 84 6.44 32.51 -13.79
N VAL B 85 5.24 32.04 -13.51
CA VAL B 85 4.02 32.81 -13.77
C VAL B 85 3.58 33.54 -12.50
N GLY B 86 3.52 34.87 -12.59
CA GLY B 86 3.30 35.72 -11.44
C GLY B 86 4.30 35.61 -10.29
N GLY B 87 5.58 35.48 -10.61
CA GLY B 87 6.64 35.63 -9.60
C GLY B 87 6.79 37.11 -9.22
N THR B 88 7.86 37.43 -8.51
CA THR B 88 8.11 38.80 -8.11
C THR B 88 8.14 39.75 -9.32
N THR B 89 8.83 39.31 -10.37
CA THR B 89 8.95 40.05 -11.62
C THR B 89 7.60 40.13 -12.37
N GLY B 90 6.79 39.07 -12.27
CA GLY B 90 5.46 39.05 -12.86
C GLY B 90 4.40 39.75 -12.03
N GLU B 91 4.82 40.43 -10.96
CA GLU B 91 3.93 41.19 -10.09
C GLU B 91 2.77 40.34 -9.49
N GLY B 92 3.10 39.13 -9.02
CA GLY B 92 2.13 38.25 -8.36
C GLY B 92 1.52 38.87 -7.11
N GLN B 93 2.33 39.67 -6.41
CA GLN B 93 1.93 40.39 -5.20
C GLN B 93 0.80 41.42 -5.43
N LEU B 94 0.56 41.74 -6.70
CA LEU B 94 -0.41 42.75 -7.10
C LEU B 94 -1.66 42.11 -7.69
N MET B 95 -1.61 40.79 -7.89
CA MET B 95 -2.70 40.09 -8.54
C MET B 95 -3.72 39.67 -7.52
N SER B 96 -4.98 39.60 -7.93
CA SER B 96 -5.97 38.90 -7.12
C SER B 96 -5.81 37.43 -7.50
N TRP B 97 -6.21 36.52 -6.62
CA TRP B 97 -5.91 35.12 -6.86
C TRP B 97 -6.58 34.56 -8.12
N ASP B 98 -7.79 35.01 -8.41
CA ASP B 98 -8.50 34.45 -9.57
C ASP B 98 -7.85 34.80 -10.91
N GLU B 99 -7.30 36.01 -11.03
CA GLU B 99 -6.58 36.36 -12.24
C GLU B 99 -5.23 35.63 -12.28
N HIS B 100 -4.62 35.38 -11.11
CA HIS B 100 -3.37 34.60 -11.07
C HIS B 100 -3.55 33.15 -11.54
N ILE B 101 -4.53 32.44 -10.99
CA ILE B 101 -4.78 31.08 -11.43
C ILE B 101 -5.24 31.03 -12.88
N MET B 102 -5.99 32.04 -13.32
CA MET B 102 -6.37 32.15 -14.72
C MET B 102 -5.13 32.12 -15.57
N LEU B 103 -4.17 32.98 -15.23
CA LEU B 103 -2.94 33.15 -16.00
C LEU B 103 -2.10 31.87 -16.00
N ILE B 104 -2.02 31.22 -14.83
CA ILE B 104 -1.34 29.93 -14.72
C ILE B 104 -2.02 28.92 -15.66
N GLY B 105 -3.35 28.80 -15.57
CA GLY B 105 -4.09 27.88 -16.43
C GLY B 105 -4.00 28.20 -17.93
N HIS B 106 -4.13 29.47 -18.26
CA HIS B 106 -3.93 29.97 -19.61
C HIS B 106 -2.55 29.58 -20.17
N THR B 107 -1.49 29.73 -19.37
CA THR B 107 -0.12 29.50 -19.80
C THR B 107 0.11 28.01 -20.00
N VAL B 108 -0.49 27.22 -19.11
CA VAL B 108 -0.43 25.77 -19.27
C VAL B 108 -1.17 25.39 -20.55
N ASN B 109 -2.44 25.81 -20.68
CA ASN B 109 -3.21 25.50 -21.88
C ASN B 109 -2.58 25.92 -23.21
N CYS B 110 -2.07 27.15 -23.25
CA CYS B 110 -1.51 27.69 -24.47
C CYS B 110 -0.09 27.21 -24.76
N PHE B 111 0.68 26.90 -23.73
CA PHE B 111 2.13 26.71 -23.91
C PHE B 111 2.77 25.52 -23.19
N GLY B 112 1.98 24.81 -22.38
CA GLY B 112 2.51 23.76 -21.52
C GLY B 112 3.25 22.61 -22.19
N GLY B 113 3.04 22.42 -23.49
CA GLY B 113 3.77 21.39 -24.24
C GLY B 113 5.09 21.88 -24.81
N SER B 114 5.33 23.18 -24.73
CA SER B 114 6.52 23.79 -25.33
C SER B 114 7.46 24.37 -24.28
N ILE B 115 6.94 24.57 -23.07
CA ILE B 115 7.71 25.21 -22.00
C ILE B 115 7.20 24.75 -20.63
N LYS B 116 8.08 24.69 -19.65
CA LYS B 116 7.64 24.34 -18.30
C LYS B 116 7.01 25.56 -17.62
N VAL B 117 5.86 25.32 -17.01
CA VAL B 117 5.09 26.36 -16.34
C VAL B 117 5.21 26.19 -14.83
N ILE B 118 5.90 27.15 -14.20
CA ILE B 118 6.10 27.11 -12.77
C ILE B 118 5.25 28.22 -12.15
N GLY B 119 4.22 27.82 -11.40
CA GLY B 119 3.32 28.81 -10.80
C GLY B 119 3.89 29.37 -9.51
N ASN B 120 4.01 30.70 -9.42
CA ASN B 120 4.33 31.31 -8.13
C ASN B 120 3.12 31.31 -7.19
N THR B 121 2.99 30.25 -6.40
CA THR B 121 1.85 30.04 -5.52
C THR B 121 2.26 30.09 -4.04
N GLY B 122 3.43 30.65 -3.77
CA GLY B 122 3.90 30.87 -2.39
C GLY B 122 3.33 32.14 -1.75
N SER B 123 3.53 32.29 -0.45
CA SER B 123 2.84 33.37 0.27
C SER B 123 3.33 33.41 1.68
N ASN B 124 3.18 34.56 2.33
CA ASN B 124 3.48 34.66 3.75
C ASN B 124 2.35 34.04 4.58
N SER B 125 1.24 33.71 3.91
CA SER B 125 0.13 33.03 4.56
C SER B 125 0.08 31.58 4.10
N THR B 126 0.14 30.66 5.07
CA THR B 126 0.16 29.23 4.76
C THR B 126 -1.15 28.80 4.13
N ARG B 127 -2.29 29.28 4.63
CA ARG B 127 -3.56 28.96 3.95
C ARG B 127 -3.56 29.38 2.47
N GLU B 128 -3.07 30.57 2.16
CA GLU B 128 -2.96 31.02 0.78
C GLU B 128 -2.03 30.14 -0.05
N ALA B 129 -0.90 29.76 0.53
CA ALA B 129 0.07 28.90 -0.16
C ALA B 129 -0.49 27.50 -0.44
N ILE B 130 -1.18 26.93 0.55
CA ILE B 130 -1.82 25.63 0.39
C ILE B 130 -2.85 25.69 -0.75
N HIS B 131 -3.80 26.60 -0.60
CA HIS B 131 -4.90 26.74 -1.52
C HIS B 131 -4.43 27.10 -2.96
N ALA B 132 -3.49 28.03 -3.08
CA ALA B 132 -3.01 28.44 -4.40
C ALA B 132 -2.26 27.31 -5.11
N THR B 133 -1.48 26.57 -4.34
CA THR B 133 -0.63 25.53 -4.87
C THR B 133 -1.45 24.38 -5.42
N GLU B 134 -2.41 23.87 -4.64
CA GLU B 134 -3.21 22.73 -5.07
C GLU B 134 -4.08 23.09 -6.27
N GLN B 135 -4.57 24.34 -6.31
CA GLN B 135 -5.30 24.81 -7.50
C GLN B 135 -4.38 24.95 -8.71
N GLY B 136 -3.20 25.55 -8.49
CA GLY B 136 -2.20 25.66 -9.53
C GLY B 136 -1.87 24.29 -10.13
N PHE B 137 -1.62 23.29 -9.28
CA PHE B 137 -1.33 21.95 -9.81
C PHE B 137 -2.52 21.34 -10.56
N ALA B 138 -3.73 21.65 -10.09
CA ALA B 138 -4.97 21.14 -10.67
C ALA B 138 -5.16 21.60 -12.09
N VAL B 139 -4.82 22.87 -12.39
CA VAL B 139 -4.92 23.39 -13.76
C VAL B 139 -3.70 23.00 -14.61
N GLY B 140 -2.84 22.16 -14.05
CA GLY B 140 -1.78 21.53 -14.82
C GLY B 140 -0.40 22.18 -14.81
N MET B 141 -0.12 23.04 -13.83
CA MET B 141 1.22 23.62 -13.75
C MET B 141 2.24 22.54 -13.40
N HIS B 142 3.47 22.73 -13.85
CA HIS B 142 4.51 21.71 -13.72
C HIS B 142 5.22 21.71 -12.36
N ALA B 143 5.38 22.88 -11.78
CA ALA B 143 5.99 23.03 -10.46
C ALA B 143 5.45 24.27 -9.78
N ALA B 144 5.79 24.39 -8.50
CA ALA B 144 5.46 25.55 -7.67
C ALA B 144 6.74 26.26 -7.17
N LEU B 145 6.72 27.60 -7.20
CA LEU B 145 7.76 28.43 -6.55
C LEU B 145 7.29 28.84 -5.16
N HIS B 146 8.10 28.51 -4.15
CA HIS B 146 7.72 28.78 -2.76
C HIS B 146 8.72 29.59 -1.95
N ILE B 147 8.40 30.86 -1.78
CA ILE B 147 9.16 31.76 -0.89
C ILE B 147 8.87 31.48 0.59
N ASN B 148 9.80 31.86 1.45
CA ASN B 148 9.51 31.83 2.90
C ASN B 148 8.63 33.02 3.27
N PRO B 149 7.83 32.91 4.34
CA PRO B 149 6.93 34.03 4.66
C PRO B 149 7.65 35.35 4.93
N TYR B 150 7.43 36.30 4.03
CA TYR B 150 7.98 37.64 4.11
C TYR B 150 7.15 38.51 5.02
N TYR B 151 7.77 39.57 5.52
CA TYR B 151 7.12 40.56 6.36
C TYR B 151 6.70 39.98 7.71
N GLY B 152 5.68 39.12 7.68
CA GLY B 152 5.25 38.34 8.84
C GLY B 152 6.10 37.11 8.96
N LYS B 153 7.37 37.35 9.28
CA LYS B 153 8.42 36.38 9.47
C LYS B 153 8.05 35.34 10.52
N THR B 154 8.34 34.07 10.27
CA THR B 154 8.14 33.03 11.29
C THR B 154 9.46 32.42 11.78
N SER B 155 9.39 31.61 12.83
CA SER B 155 10.55 30.87 13.35
C SER B 155 11.01 29.77 12.38
N LEU B 156 12.17 29.19 12.65
CA LEU B 156 12.70 28.09 11.84
C LEU B 156 11.75 26.90 11.86
N GLU B 157 11.23 26.57 13.04
CA GLU B 157 10.20 25.54 13.17
C GLU B 157 8.96 25.85 12.32
N GLY B 158 8.53 27.11 12.34
CA GLY B 158 7.40 27.56 11.52
C GLY B 158 7.65 27.38 10.02
N LEU B 159 8.86 27.71 9.61
CA LEU B 159 9.27 27.58 8.22
C LEU B 159 9.10 26.15 7.73
N VAL B 160 9.53 25.20 8.56
CA VAL B 160 9.43 23.79 8.22
C VAL B 160 7.97 23.37 8.09
N SER B 161 7.16 23.71 9.09
CA SER B 161 5.71 23.47 9.02
C SER B 161 5.12 24.05 7.73
N HIS B 162 5.46 25.31 7.42
CA HIS B 162 4.97 25.99 6.23
C HIS B 162 5.32 25.24 4.94
N PHE B 163 6.59 24.93 4.74
CA PHE B 163 7.01 24.20 3.55
C PHE B 163 6.49 22.78 3.50
N GLU B 164 6.36 22.14 4.67
CA GLU B 164 5.79 20.78 4.72
C GLU B 164 4.28 20.76 4.43
N SER B 165 3.64 21.92 4.47
CA SER B 165 2.23 22.03 4.07
C SER B 165 2.06 21.97 2.55
N VAL B 166 3.09 22.35 1.80
CA VAL B 166 2.95 22.48 0.35
C VAL B 166 3.81 21.52 -0.48
N LEU B 167 4.93 21.08 0.09
CA LEU B 167 5.80 20.14 -0.60
C LEU B 167 5.12 18.84 -1.09
N PRO B 168 4.16 18.27 -0.32
CA PRO B 168 3.58 17.02 -0.83
C PRO B 168 2.74 17.19 -2.10
N MET B 169 2.49 18.44 -2.50
CA MET B 169 1.60 18.71 -3.62
C MET B 169 2.22 18.48 -5.00
N GLY B 170 3.54 18.61 -5.12
CA GLY B 170 4.23 18.40 -6.40
C GLY B 170 5.62 19.04 -6.42
N PRO B 171 6.29 19.03 -7.59
CA PRO B 171 7.63 19.59 -7.67
C PRO B 171 7.67 21.04 -7.20
N THR B 172 8.60 21.32 -6.28
CA THR B 172 8.68 22.58 -5.55
C THR B 172 10.09 23.20 -5.64
N VAL B 173 10.12 24.49 -5.96
CA VAL B 173 11.34 25.26 -5.86
C VAL B 173 11.19 26.21 -4.68
N ILE B 174 12.13 26.13 -3.76
CA ILE B 174 12.13 27.01 -2.60
C ILE B 174 12.93 28.27 -2.92
N TYR B 175 12.34 29.41 -2.55
CA TYR B 175 12.81 30.71 -2.97
C TYR B 175 13.33 31.52 -1.80
N ASN B 176 14.65 31.76 -1.79
CA ASN B 176 15.29 32.53 -0.73
C ASN B 176 15.82 33.89 -1.20
N VAL B 177 15.26 34.96 -0.64
CA VAL B 177 15.68 36.33 -0.99
C VAL B 177 15.54 37.29 0.22
N PRO B 178 16.43 37.15 1.23
CA PRO B 178 16.26 37.91 2.50
C PRO B 178 16.19 39.43 2.37
N SER B 179 16.79 39.99 1.33
CA SER B 179 16.73 41.45 1.11
C SER B 179 15.31 41.94 0.78
N ARG B 180 14.44 41.01 0.39
CA ARG B 180 13.03 41.31 0.16
C ARG B 180 12.13 40.81 1.30
N THR B 181 12.39 39.61 1.79
CA THR B 181 11.55 38.95 2.79
C THR B 181 11.83 39.35 4.22
N GLY B 182 13.07 39.78 4.46
CA GLY B 182 13.54 40.06 5.82
C GLY B 182 14.08 38.83 6.54
N GLN B 183 14.12 37.69 5.86
CA GLN B 183 14.60 36.45 6.50
C GLN B 183 15.38 35.55 5.57
N ASP B 184 16.61 35.25 5.96
CA ASP B 184 17.47 34.30 5.27
C ASP B 184 17.07 32.85 5.60
N ILE B 185 16.72 32.06 4.59
CA ILE B 185 16.44 30.65 4.80
C ILE B 185 17.76 29.94 5.12
N PRO B 186 17.90 29.38 6.34
CA PRO B 186 19.16 28.76 6.66
C PRO B 186 19.31 27.40 5.98
N PRO B 187 20.56 27.01 5.66
CA PRO B 187 20.84 25.73 5.01
C PRO B 187 20.24 24.55 5.77
N GLY B 188 20.27 24.63 7.10
CA GLY B 188 19.64 23.62 7.94
C GLY B 188 18.17 23.38 7.58
N VAL B 189 17.45 24.45 7.23
CA VAL B 189 16.02 24.32 6.88
C VAL B 189 15.85 23.61 5.53
N ILE B 190 16.62 24.06 4.54
CA ILE B 190 16.62 23.44 3.23
C ILE B 190 16.93 21.95 3.30
N HIS B 191 17.95 21.59 4.08
CA HIS B 191 18.28 20.17 4.28
C HIS B 191 17.14 19.36 4.90
N THR B 192 16.45 19.95 5.89
CA THR B 192 15.32 19.30 6.54
C THR B 192 14.20 19.03 5.53
N VAL B 193 13.92 20.00 4.67
CA VAL B 193 12.84 19.82 3.73
C VAL B 193 13.24 19.00 2.49
N ALA B 194 14.54 18.96 2.18
CA ALA B 194 15.07 18.09 1.12
C ALA B 194 14.82 16.59 1.36
N GLN B 195 14.40 16.24 2.58
CA GLN B 195 13.89 14.90 2.89
C GLN B 195 12.68 14.53 2.01
N SER B 196 12.10 15.51 1.33
CA SER B 196 10.97 15.30 0.40
C SER B 196 11.48 15.13 -1.02
N ALA B 197 11.07 14.04 -1.65
CA ALA B 197 11.38 13.78 -3.06
C ALA B 197 10.82 14.84 -4.01
N ASN B 198 9.89 15.68 -3.53
CA ASN B 198 9.28 16.76 -4.34
C ASN B 198 10.06 18.06 -4.36
N LEU B 199 11.08 18.17 -3.50
CA LEU B 199 11.97 19.31 -3.58
C LEU B 199 12.76 19.23 -4.88
N ALA B 200 12.44 20.09 -5.84
CA ALA B 200 13.22 20.23 -7.04
C ALA B 200 14.56 20.90 -6.71
N GLY B 201 14.51 21.97 -5.91
CA GLY B 201 15.70 22.69 -5.49
C GLY B 201 15.40 24.08 -5.00
N VAL B 202 16.38 24.98 -5.15
CA VAL B 202 16.35 26.30 -4.50
C VAL B 202 16.60 27.43 -5.51
N GLU B 204 17.97 30.65 -5.21
CA GLU B 204 18.83 31.26 -4.21
C GLU B 204 19.33 32.64 -4.61
N CYS B 205 19.21 33.59 -3.70
CA CYS B 205 19.59 34.98 -3.98
C CYS B 205 20.66 35.57 -3.07
N VAL B 206 21.03 34.89 -1.98
CA VAL B 206 22.02 35.46 -1.06
C VAL B 206 23.48 35.38 -1.53
N GLY B 207 23.77 34.63 -2.58
CA GLY B 207 25.09 34.67 -3.20
C GLY B 207 25.71 33.34 -3.57
N ASN B 208 26.80 33.38 -4.31
CA ASN B 208 27.43 32.18 -4.84
C ASN B 208 28.01 31.21 -3.79
N ASP B 209 28.52 31.74 -2.68
CA ASP B 209 29.03 30.90 -1.60
C ASP B 209 27.93 29.99 -1.05
N ARG B 210 26.78 30.57 -0.71
CA ARG B 210 25.60 29.80 -0.31
C ARG B 210 25.21 28.75 -1.35
N ILE B 211 25.16 29.16 -2.62
CA ILE B 211 24.91 28.22 -3.72
C ILE B 211 25.80 26.96 -3.66
N LYS B 212 27.11 27.17 -3.51
CA LYS B 212 28.07 26.05 -3.48
C LYS B 212 27.88 25.18 -2.24
N GLN B 213 27.53 25.80 -1.10
CA GLN B 213 27.18 25.04 0.09
C GLN B 213 26.07 24.04 -0.20
N TYR B 214 25.14 24.39 -1.09
CA TYR B 214 24.06 23.47 -1.46
C TYR B 214 24.48 22.51 -2.53
N THR B 215 25.15 22.98 -3.57
CA THR B 215 25.45 22.13 -4.73
C THR B 215 26.51 21.06 -4.41
N ASP B 216 27.37 21.34 -3.43
CA ASP B 216 28.34 20.36 -2.94
C ASP B 216 27.64 19.29 -2.15
N ASN B 217 26.44 19.61 -1.67
CA ASN B 217 25.65 18.69 -0.89
C ASN B 217 24.43 18.15 -1.63
N ARG B 218 24.55 18.07 -2.96
CA ARG B 218 23.60 17.38 -3.86
C ARG B 218 22.23 18.06 -4.01
N ILE B 219 22.17 19.36 -3.73
CA ILE B 219 20.92 20.11 -3.84
C ILE B 219 21.00 20.99 -5.08
N VAL B 220 19.97 20.91 -5.93
CA VAL B 220 19.93 21.66 -7.17
C VAL B 220 19.68 23.15 -6.86
N VAL B 221 20.47 24.03 -7.47
CA VAL B 221 20.27 25.48 -7.28
C VAL B 221 20.19 26.23 -8.60
N TRP B 222 19.20 27.12 -8.72
CA TRP B 222 19.19 28.14 -9.76
C TRP B 222 19.52 29.45 -9.10
N SER B 223 20.43 30.22 -9.70
CA SER B 223 20.72 31.54 -9.17
C SER B 223 19.55 32.48 -9.45
N GLY B 224 19.23 33.32 -8.48
CA GLY B 224 18.17 34.29 -8.64
C GLY B 224 18.70 35.69 -8.91
N ASN B 225 20.01 35.80 -9.14
CA ASN B 225 20.64 37.08 -9.42
C ASN B 225 21.34 37.06 -10.76
N ASP B 226 20.87 37.89 -11.70
CA ASP B 226 21.39 37.92 -13.06
C ASP B 226 22.87 38.33 -13.10
N ASP B 227 23.27 39.22 -12.20
CA ASP B 227 24.66 39.67 -12.12
C ASP B 227 25.62 38.61 -11.53
N GLN B 228 25.06 37.54 -10.96
CA GLN B 228 25.87 36.46 -10.41
C GLN B 228 25.69 35.13 -11.14
N CYS B 229 24.66 35.00 -11.97
CA CYS B 229 24.29 33.68 -12.48
C CYS B 229 25.34 32.99 -13.35
N HIS B 230 26.13 33.78 -14.07
CA HIS B 230 27.20 33.23 -14.92
C HIS B 230 28.21 32.45 -14.09
N ASP B 231 28.77 33.10 -13.06
CA ASP B 231 29.74 32.47 -12.17
C ASP B 231 29.11 31.37 -11.31
N ALA B 232 27.87 31.57 -10.91
CA ALA B 232 27.14 30.54 -10.17
C ALA B 232 27.12 29.22 -10.94
N LYS B 233 26.82 29.30 -12.22
CA LYS B 233 26.75 28.14 -13.10
C LYS B 233 28.11 27.43 -13.33
N TRP B 234 29.13 28.20 -13.70
CA TRP B 234 30.39 27.63 -14.15
C TRP B 234 31.40 27.40 -13.03
N ASP B 235 31.30 28.17 -11.95
CA ASP B 235 32.24 28.10 -10.84
C ASP B 235 31.65 27.56 -9.54
N TYR B 236 30.33 27.59 -9.38
CA TYR B 236 29.74 27.24 -8.08
C TYR B 236 28.69 26.12 -8.11
N GLY B 237 28.64 25.40 -9.24
CA GLY B 237 27.73 24.26 -9.40
C GLY B 237 26.24 24.52 -9.61
N ALA B 238 25.84 25.78 -9.80
CA ALA B 238 24.43 26.08 -10.06
C ALA B 238 23.97 25.34 -11.32
N THR B 239 22.72 24.87 -11.34
CA THR B 239 22.15 24.28 -12.57
C THR B 239 21.76 25.35 -13.59
N GLY B 240 21.42 26.54 -13.12
CA GLY B 240 20.94 27.56 -14.03
C GLY B 240 20.48 28.83 -13.36
N VAL B 241 19.62 29.57 -14.06
CA VAL B 241 19.14 30.84 -13.56
C VAL B 241 17.62 30.85 -13.56
N ILE B 242 17.03 31.51 -12.57
CA ILE B 242 15.65 31.98 -12.66
C ILE B 242 15.76 33.48 -12.93
N SER B 243 15.53 33.87 -14.19
CA SER B 243 16.01 35.16 -14.68
C SER B 243 14.97 36.28 -14.92
N VAL B 244 15.41 37.51 -14.63
CA VAL B 244 14.68 38.71 -15.00
C VAL B 244 15.12 39.17 -16.39
N THR B 245 16.44 39.14 -16.64
CA THR B 245 17.05 39.75 -17.82
C THR B 245 16.68 39.00 -19.10
N SER B 246 16.43 37.70 -18.97
CA SER B 246 15.97 36.88 -20.10
C SER B 246 14.63 37.33 -20.66
N ASN B 247 13.90 38.15 -19.91
CA ASN B 247 12.71 38.85 -20.45
C ASN B 247 13.08 39.72 -21.64
N LEU B 248 14.28 40.29 -21.60
CA LEU B 248 14.72 41.25 -22.60
C LEU B 248 15.64 40.62 -23.64
N ILE B 249 16.56 39.77 -23.21
CA ILE B 249 17.57 39.19 -24.11
C ILE B 249 17.70 37.66 -23.90
N PRO B 250 16.61 36.91 -24.17
CA PRO B 250 16.59 35.49 -23.86
C PRO B 250 17.66 34.66 -24.53
N GLY B 251 18.00 35.03 -25.77
CA GLY B 251 19.03 34.32 -26.56
C GLY B 251 20.40 34.47 -25.96
N LEU B 252 20.72 35.71 -25.57
CA LEU B 252 21.99 35.99 -24.91
C LEU B 252 22.11 35.31 -23.55
N MET B 253 21.05 35.36 -22.75
CA MET B 253 21.03 34.63 -21.48
C MET B 253 21.23 33.14 -21.71
N ARG B 254 20.64 32.61 -22.78
CA ARG B 254 20.82 31.21 -23.13
C ARG B 254 22.30 30.84 -23.40
N GLN B 255 22.97 31.58 -24.28
CA GLN B 255 24.41 31.36 -24.53
C GLN B 255 25.22 31.38 -23.25
N LEU B 256 24.88 32.28 -22.34
CA LEU B 256 25.59 32.51 -21.11
C LEU B 256 25.60 31.27 -20.18
N LEU B 257 24.55 30.46 -20.28
CA LEU B 257 24.35 29.33 -19.37
C LEU B 257 24.57 27.98 -20.04
N PHE B 258 24.61 27.98 -21.37
CA PHE B 258 24.65 26.75 -22.16
C PHE B 258 25.98 26.47 -22.89
N LYS B 259 26.83 27.47 -23.03
CA LYS B 259 27.96 27.33 -23.95
C LYS B 259 29.36 27.49 -23.34
N GLY B 260 29.45 27.34 -22.03
CA GLY B 260 30.73 27.41 -21.34
C GLY B 260 31.00 28.80 -20.86
N LYS B 261 31.97 28.92 -19.96
CA LYS B 261 32.44 30.22 -19.48
C LYS B 261 32.65 31.22 -20.61
N ASN B 262 32.14 32.42 -20.41
CA ASN B 262 32.31 33.51 -21.35
C ASN B 262 32.23 34.82 -20.56
N PRO B 263 33.31 35.15 -19.85
CA PRO B 263 33.39 36.33 -19.01
C PRO B 263 33.14 37.62 -19.77
N SER B 264 33.44 37.62 -21.08
CA SER B 264 33.31 38.81 -21.91
C SER B 264 31.87 39.02 -22.36
N LEU B 265 31.13 37.93 -22.55
CA LEU B 265 29.69 38.03 -22.78
C LEU B 265 28.99 38.53 -21.50
N ASN B 266 29.35 37.94 -20.37
CA ASN B 266 28.84 38.38 -19.09
C ASN B 266 29.03 39.89 -18.90
N ALA B 267 30.27 40.37 -19.15
CA ALA B 267 30.60 41.79 -19.01
C ALA B 267 29.80 42.65 -19.97
N LYS B 268 29.49 42.12 -21.15
CA LYS B 268 28.76 42.86 -22.18
C LYS B 268 27.30 43.15 -21.76
N ILE B 269 26.67 42.17 -21.11
CA ILE B 269 25.28 42.31 -20.66
C ILE B 269 25.16 43.04 -19.32
N MET B 270 26.27 43.13 -18.59
CA MET B 270 26.26 43.72 -17.25
C MET B 270 25.69 45.15 -17.12
N PRO B 271 25.93 46.03 -18.11
CA PRO B 271 25.31 47.35 -18.08
C PRO B 271 23.78 47.30 -18.17
N LEU B 272 23.25 46.35 -18.93
CA LEU B 272 21.82 46.08 -18.94
C LEU B 272 21.34 45.63 -17.54
N VAL B 273 22.00 44.63 -16.97
CA VAL B 273 21.65 44.13 -15.64
C VAL B 273 21.66 45.25 -14.59
N ASN B 274 22.76 45.98 -14.52
CA ASN B 274 22.89 47.13 -13.62
C ASN B 274 21.73 48.14 -13.69
N TRP B 275 21.36 48.51 -14.92
CA TRP B 275 20.27 49.42 -15.20
C TRP B 275 18.92 48.87 -14.71
N LEU B 276 18.71 47.56 -14.93
CA LEU B 276 17.50 46.84 -14.53
C LEU B 276 17.25 46.77 -13.03
N PHE B 277 18.29 46.97 -12.23
CA PHE B 277 18.17 46.84 -10.78
C PHE B 277 18.58 48.11 -10.03
N GLU B 278 18.70 49.24 -10.75
CA GLU B 278 18.92 50.53 -10.08
C GLU B 278 17.74 50.87 -9.17
N GLU B 279 16.53 50.60 -9.62
CA GLU B 279 15.36 50.65 -8.75
C GLU B 279 14.90 49.20 -8.56
N PRO B 280 14.06 48.91 -7.53
CA PRO B 280 13.68 47.52 -7.32
C PRO B 280 12.99 46.92 -8.55
N ASN B 281 13.41 45.73 -8.95
CA ASN B 281 12.75 44.96 -10.01
C ASN B 281 11.27 44.79 -9.64
N PRO B 282 10.32 44.93 -10.61
CA PRO B 282 10.46 45.04 -12.04
C PRO B 282 10.22 46.44 -12.61
N ILE B 283 10.49 47.49 -11.82
CA ILE B 283 10.37 48.86 -12.31
C ILE B 283 11.14 49.06 -13.61
N GLY B 284 12.41 48.69 -13.63
CA GLY B 284 13.25 48.76 -14.84
C GLY B 284 12.69 47.93 -15.98
N LEU B 285 12.43 46.67 -15.72
CA LEU B 285 11.92 45.75 -16.73
C LEU B 285 10.63 46.24 -17.38
N ASN B 286 9.66 46.68 -16.57
CA ASN B 286 8.39 47.23 -17.08
C ASN B 286 8.65 48.42 -18.00
N THR B 287 9.58 49.28 -17.60
CA THR B 287 9.96 50.44 -18.39
C THR B 287 10.59 50.00 -19.72
N ALA B 288 11.54 49.08 -19.65
CA ALA B 288 12.27 48.60 -20.82
C ALA B 288 11.38 47.95 -21.89
N LEU B 289 10.47 47.06 -21.45
CA LEU B 289 9.52 46.37 -22.32
C LEU B 289 8.54 47.31 -23.02
N ALA B 290 8.13 48.37 -22.33
CA ALA B 290 7.32 49.41 -22.93
C ALA B 290 8.13 50.14 -24.00
N GLN B 291 9.39 50.47 -23.68
CA GLN B 291 10.27 51.16 -24.66
C GLN B 291 10.50 50.33 -25.93
N LEU B 292 10.52 49.00 -25.78
CA LEU B 292 10.65 48.08 -26.92
C LEU B 292 9.33 47.84 -27.66
N GLY B 293 8.24 48.40 -27.12
CA GLY B 293 6.91 48.29 -27.73
C GLY B 293 6.28 46.92 -27.65
N VAL B 294 6.81 46.02 -26.83
CA VAL B 294 6.22 44.68 -26.70
C VAL B 294 5.12 44.62 -25.61
N VAL B 295 5.11 45.60 -24.72
CA VAL B 295 4.01 45.76 -23.78
C VAL B 295 3.49 47.19 -23.85
N ARG B 296 2.27 47.41 -23.37
CA ARG B 296 1.73 48.75 -23.20
C ARG B 296 2.39 49.43 -21.98
N PRO B 297 2.58 50.76 -22.04
CA PRO B 297 3.19 51.50 -20.94
C PRO B 297 2.22 51.72 -19.77
N VAL B 298 1.75 50.60 -19.20
CA VAL B 298 0.76 50.60 -18.14
C VAL B 298 1.37 49.91 -16.91
N PHE B 299 1.35 50.64 -15.79
CA PHE B 299 1.89 50.17 -14.53
C PHE B 299 0.76 50.03 -13.52
N ARG B 300 0.75 48.90 -12.81
CA ARG B 300 -0.07 48.78 -11.62
C ARG B 300 0.77 49.31 -10.48
N LEU B 301 0.19 50.21 -9.70
CA LEU B 301 0.84 50.77 -8.52
C LEU B 301 1.09 49.66 -7.47
N PRO B 302 2.16 49.79 -6.67
CA PRO B 302 3.01 50.95 -6.36
C PRO B 302 4.20 51.14 -7.31
N TYR B 303 4.22 50.39 -8.41
CA TYR B 303 5.29 50.53 -9.37
C TYR B 303 5.04 51.69 -10.30
N VAL B 304 6.14 52.37 -10.62
CA VAL B 304 6.13 53.62 -11.34
C VAL B 304 7.35 53.58 -12.28
N PRO B 305 7.25 54.18 -13.49
CA PRO B 305 8.35 54.00 -14.46
C PRO B 305 9.64 54.75 -14.10
N LEU B 306 10.77 54.34 -14.69
CA LEU B 306 12.03 55.07 -14.55
C LEU B 306 11.92 56.40 -15.28
N PRO B 307 12.59 57.46 -14.76
CA PRO B 307 12.46 58.81 -15.37
C PRO B 307 13.03 58.89 -16.79
N LEU B 308 12.83 60.04 -17.45
CA LEU B 308 13.26 60.24 -18.83
C LEU B 308 14.75 59.93 -19.05
N ALA B 309 15.60 60.54 -18.23
CA ALA B 309 17.05 60.34 -18.29
C ALA B 309 17.43 58.86 -18.31
N LYS B 310 16.77 58.04 -17.49
CA LYS B 310 17.07 56.59 -17.47
C LYS B 310 16.57 55.88 -18.72
N ARG B 311 15.50 56.41 -19.31
CA ARG B 311 14.95 55.88 -20.57
C ARG B 311 15.85 56.16 -21.79
N VAL B 312 16.42 57.37 -21.83
CA VAL B 312 17.44 57.74 -22.80
C VAL B 312 18.58 56.72 -22.66
N GLU B 313 18.96 56.46 -21.42
CA GLU B 313 20.03 55.52 -21.11
C GLU B 313 19.75 54.09 -21.61
N PHE B 314 18.49 53.64 -21.54
CA PHE B 314 18.10 52.33 -22.10
C PHE B 314 18.27 52.25 -23.62
N VAL B 315 17.93 53.33 -24.31
CA VAL B 315 18.15 53.40 -25.77
C VAL B 315 19.65 53.22 -26.09
N ASN B 316 20.52 53.85 -25.30
CA ASN B 316 21.95 53.71 -25.49
C ASN B 316 22.42 52.27 -25.25
N ILE B 317 21.95 51.70 -24.13
CA ILE B 317 22.25 50.33 -23.77
C ILE B 317 21.78 49.38 -24.86
N VAL B 318 20.64 49.68 -25.49
CA VAL B 318 20.10 48.81 -26.52
C VAL B 318 20.97 48.83 -27.77
N LYS B 319 21.34 50.04 -28.20
CA LYS B 319 22.21 50.21 -29.36
C LYS B 319 23.52 49.45 -29.17
N GLU B 320 24.06 49.49 -27.96
CA GLU B 320 25.37 48.92 -27.65
C GLU B 320 25.36 47.39 -27.65
N ILE B 321 24.28 46.79 -27.15
CA ILE B 321 24.12 45.34 -27.23
C ILE B 321 23.59 44.92 -28.60
N GLY B 322 22.88 45.83 -29.26
CA GLY B 322 22.22 45.55 -30.53
C GLY B 322 20.74 45.22 -30.34
N ARG B 323 19.86 45.96 -31.02
CA ARG B 323 18.39 45.73 -31.01
C ARG B 323 17.94 44.32 -31.42
N GLU B 324 18.71 43.65 -32.26
CA GLU B 324 18.33 42.33 -32.75
C GLU B 324 18.35 41.24 -31.64
N ASN B 325 19.12 41.49 -30.57
CA ASN B 325 19.19 40.58 -29.43
C ASN B 325 18.03 40.77 -28.44
N PHE B 326 17.34 41.90 -28.56
CA PHE B 326 16.19 42.24 -27.72
C PHE B 326 14.86 41.74 -28.29
N VAL B 327 13.93 41.40 -27.41
CA VAL B 327 12.61 40.95 -27.84
C VAL B 327 11.86 42.01 -28.67
N GLY B 328 11.09 41.55 -29.65
CA GLY B 328 10.28 42.41 -30.51
C GLY B 328 10.97 42.87 -31.79
N GLU B 329 10.20 43.52 -32.68
CA GLU B 329 10.72 44.02 -33.96
C GLU B 329 10.75 45.54 -34.01
N LYS B 330 9.85 46.18 -33.29
CA LYS B 330 9.72 47.65 -33.31
C LYS B 330 10.98 48.34 -32.81
N ASP B 331 11.27 49.49 -33.40
CA ASP B 331 12.34 50.35 -32.94
C ASP B 331 12.11 50.73 -31.49
N VAL B 332 13.17 50.72 -30.70
CA VAL B 332 13.11 51.16 -29.31
C VAL B 332 12.80 52.66 -29.27
N LYS B 333 12.03 53.07 -28.26
CA LYS B 333 11.67 54.46 -28.06
C LYS B 333 12.01 54.90 -26.65
N VAL B 334 12.23 56.20 -26.46
CA VAL B 334 12.47 56.76 -25.14
C VAL B 334 11.14 56.84 -24.39
N LEU B 335 10.08 57.26 -25.11
CA LEU B 335 8.73 57.49 -24.57
C LEU B 335 8.67 58.75 -23.74
N ASP B 336 7.53 59.45 -23.80
CA ASP B 336 7.31 60.65 -23.00
C ASP B 336 6.70 60.27 -21.64
N ASP B 337 6.85 61.14 -20.64
CA ASP B 337 6.28 60.90 -19.30
C ASP B 337 4.79 60.65 -19.34
N ASP B 338 4.11 61.33 -20.25
CA ASP B 338 2.65 61.22 -20.38
C ASP B 338 2.21 60.00 -21.19
N ASP B 339 3.15 59.27 -21.75
CA ASP B 339 2.84 58.00 -22.41
C ASP B 339 2.42 56.93 -21.43
N PHE B 340 2.84 57.06 -20.17
CA PHE B 340 2.64 56.04 -19.15
C PHE B 340 1.31 56.19 -18.41
N ILE B 341 0.64 55.05 -18.20
CA ILE B 341 -0.57 55.00 -17.43
C ILE B 341 -0.31 54.26 -16.09
N LEU B 342 -0.66 54.92 -14.99
CA LEU B 342 -0.57 54.32 -13.66
C LEU B 342 -1.97 53.98 -13.15
N VAL B 343 -2.16 52.73 -12.72
CA VAL B 343 -3.46 52.25 -12.29
C VAL B 343 -3.42 51.90 -10.80
N GLY B 344 -4.37 52.46 -10.04
CA GLY B 344 -4.49 52.20 -8.63
C GLY B 344 -5.70 51.34 -8.36
N ARG B 345 -6.80 51.66 -9.02
CA ARG B 345 -8.06 50.94 -8.86
C ARG B 345 -8.25 50.05 -10.09
N TYR B 346 -8.25 48.75 -9.88
CA TYR B 346 -8.56 47.78 -10.91
C TYR B 346 -9.08 46.53 -10.20
N SER C 40 -10.55 63.16 14.68
CA SER C 40 -9.64 64.14 14.00
C SER C 40 -8.19 63.67 14.04
N VAL C 41 -7.34 64.30 13.21
CA VAL C 41 -5.91 63.97 13.17
C VAL C 41 -5.19 64.28 14.50
N ASP C 42 -5.51 65.42 15.11
CA ASP C 42 -4.93 65.81 16.40
C ASP C 42 -5.33 64.87 17.53
N ASP C 43 -6.53 64.29 17.44
CA ASP C 43 -6.95 63.26 18.39
C ASP C 43 -6.05 62.03 18.30
N ILE C 44 -5.68 61.66 17.08
CA ILE C 44 -4.81 60.52 16.87
C ILE C 44 -3.40 60.85 17.34
N LYS C 45 -2.93 62.06 17.00
CA LYS C 45 -1.58 62.49 17.33
C LYS C 45 -1.32 62.52 18.83
N SER C 46 -2.40 62.56 19.63
CA SER C 46 -2.28 62.72 21.06
C SER C 46 -2.26 61.40 21.84
N LEU C 47 -2.47 60.28 21.14
CA LEU C 47 -2.43 58.98 21.80
C LEU C 47 -1.02 58.62 22.22
N ARG C 48 -0.87 58.04 23.42
CA ARG C 48 0.43 57.60 23.97
C ARG C 48 0.57 56.09 23.99
N LEU C 49 -0.48 55.42 24.43
CA LEU C 49 -0.42 53.99 24.54
C LEU C 49 -1.40 53.36 23.58
N ILE C 50 -0.85 52.84 22.49
CA ILE C 50 -1.60 52.11 21.49
C ILE C 50 -1.16 50.65 21.55
N THR C 51 -2.13 49.76 21.67
CA THR C 51 -1.86 48.32 21.70
C THR C 51 -2.11 47.67 20.34
N ALA C 52 -1.11 46.98 19.81
CA ALA C 52 -1.31 46.19 18.59
C ALA C 52 -1.92 44.86 19.02
N ILE C 53 -3.25 44.83 19.03
CA ILE C 53 -4.00 43.76 19.67
C ILE C 53 -3.84 42.43 18.92
N LYS C 54 -3.64 41.36 19.70
CA LYS C 54 -3.60 40.02 19.17
C LYS C 54 -5.00 39.62 18.70
N THR C 55 -5.06 38.90 17.59
CA THR C 55 -6.30 38.31 17.09
C THR C 55 -6.36 36.85 17.51
N PRO C 56 -7.28 36.51 18.42
CA PRO C 56 -7.37 35.13 18.92
C PRO C 56 -8.30 34.25 18.04
N TYR C 57 -8.09 32.94 18.09
CA TYR C 57 -8.80 31.99 17.20
C TYR C 57 -9.52 30.86 17.91
N LEU C 58 -10.53 30.34 17.21
CA LEU C 58 -11.26 29.15 17.57
C LEU C 58 -10.50 27.93 17.06
N PRO C 59 -10.83 26.73 17.58
CA PRO C 59 -10.10 25.53 17.12
C PRO C 59 -10.10 25.33 15.59
N ASP C 60 -11.14 25.78 14.90
CA ASP C 60 -11.17 25.65 13.43
C ASP C 60 -10.47 26.82 12.71
N GLY C 61 -9.91 27.76 13.47
CA GLY C 61 -9.14 28.87 12.90
C GLY C 61 -9.88 30.18 12.65
N ARG C 62 -11.19 30.17 12.83
CA ARG C 62 -11.97 31.41 12.78
C ARG C 62 -11.66 32.29 13.99
N PHE C 63 -11.83 33.59 13.83
CA PHE C 63 -11.60 34.51 14.93
C PHE C 63 -12.47 34.09 16.12
N ASP C 64 -11.89 34.23 17.32
CA ASP C 64 -12.62 33.99 18.56
C ASP C 64 -13.05 35.35 19.11
N LEU C 65 -14.21 35.83 18.70
CA LEU C 65 -14.65 37.19 19.08
C LEU C 65 -14.97 37.35 20.57
N GLU C 66 -15.37 36.27 21.24
CA GLU C 66 -15.53 36.28 22.70
C GLU C 66 -14.19 36.61 23.41
N ALA C 67 -13.14 35.83 23.12
CA ALA C 67 -11.78 36.13 23.65
C ALA C 67 -11.31 37.54 23.25
N TYR C 68 -11.49 37.88 21.99
CA TYR C 68 -11.09 39.19 21.47
C TYR C 68 -11.67 40.35 22.28
N ASP C 69 -12.99 40.32 22.47
CA ASP C 69 -13.69 41.39 23.20
C ASP C 69 -13.15 41.55 24.61
N ALA C 70 -12.90 40.43 25.28
CA ALA C 70 -12.35 40.44 26.65
C ALA C 70 -10.97 41.05 26.63
N LEU C 71 -10.20 40.72 25.59
CA LEU C 71 -8.86 41.29 25.42
C LEU C 71 -8.96 42.80 25.25
N VAL C 72 -9.94 43.28 24.48
CA VAL C 72 -10.03 44.72 24.24
C VAL C 72 -10.51 45.43 25.49
N ASN C 73 -11.47 44.83 26.18
CA ASN C 73 -11.97 45.33 27.46
C ASN C 73 -10.90 45.42 28.54
N MET C 74 -10.00 44.43 28.58
CA MET C 74 -8.87 44.48 29.48
C MET C 74 -7.90 45.62 29.14
N GLN C 75 -7.70 45.86 27.85
CA GLN C 75 -6.91 47.01 27.42
C GLN C 75 -7.53 48.31 27.94
N ILE C 76 -8.82 48.52 27.67
CA ILE C 76 -9.55 49.71 28.12
C ILE C 76 -9.43 49.92 29.64
N VAL C 77 -9.70 48.87 30.40
CA VAL C 77 -9.63 48.94 31.87
C VAL C 77 -8.28 49.48 32.36
N ASP C 78 -7.18 48.98 31.78
CA ASP C 78 -5.85 49.42 32.23
C ASP C 78 -5.29 50.62 31.48
N GLY C 79 -6.12 51.26 30.67
CA GLY C 79 -5.75 52.56 30.10
C GLY C 79 -5.12 52.61 28.71
N ALA C 80 -5.26 51.55 27.91
CA ALA C 80 -4.87 51.65 26.51
C ALA C 80 -5.78 52.67 25.81
N GLU C 81 -5.19 53.55 25.01
CA GLU C 81 -5.95 54.62 24.37
C GLU C 81 -6.34 54.33 22.92
N GLY C 82 -5.68 53.36 22.30
CA GLY C 82 -5.97 53.00 20.91
C GLY C 82 -5.58 51.56 20.68
N VAL C 83 -6.17 50.95 19.66
CA VAL C 83 -5.73 49.64 19.18
C VAL C 83 -5.46 49.61 17.67
N ILE C 84 -4.41 48.90 17.29
CA ILE C 84 -4.23 48.50 15.90
C ILE C 84 -4.99 47.18 15.72
N VAL C 85 -5.92 47.17 14.77
CA VAL C 85 -6.69 45.98 14.44
C VAL C 85 -6.09 45.29 13.21
N GLY C 86 -5.64 44.05 13.41
CA GLY C 86 -4.97 43.29 12.35
C GLY C 86 -3.64 43.87 11.89
N GLY C 87 -2.87 44.42 12.83
CA GLY C 87 -1.47 44.78 12.54
C GLY C 87 -0.61 43.52 12.44
N THR C 88 0.70 43.69 12.36
CA THR C 88 1.64 42.56 12.34
C THR C 88 1.36 41.62 13.54
N THR C 89 1.23 42.21 14.72
CA THR C 89 0.96 41.46 15.94
C THR C 89 -0.42 40.81 15.86
N GLY C 90 -1.34 41.45 15.15
CA GLY C 90 -2.72 40.96 15.02
C GLY C 90 -2.92 40.00 13.87
N GLU C 91 -1.82 39.61 13.23
CA GLU C 91 -1.82 38.65 12.11
C GLU C 91 -2.72 39.07 10.93
N GLY C 92 -2.73 40.38 10.65
CA GLY C 92 -3.45 40.91 9.52
C GLY C 92 -3.04 40.25 8.22
N GLN C 93 -1.76 39.87 8.15
CA GLN C 93 -1.19 39.21 6.99
C GLN C 93 -1.83 37.84 6.74
N LEU C 94 -2.48 37.29 7.75
CA LEU C 94 -3.10 35.98 7.61
C LEU C 94 -4.61 36.05 7.36
N MET C 95 -5.18 37.25 7.37
CA MET C 95 -6.64 37.39 7.24
C MET C 95 -7.10 37.58 5.81
N SER C 96 -8.28 37.05 5.49
CA SER C 96 -8.94 37.51 4.27
C SER C 96 -9.49 38.90 4.56
N TRP C 97 -9.76 39.68 3.53
CA TRP C 97 -10.21 41.03 3.75
C TRP C 97 -11.58 41.08 4.46
N ASP C 98 -12.48 40.15 4.13
CA ASP C 98 -13.80 40.23 4.75
C ASP C 98 -13.76 40.00 6.26
N GLU C 99 -12.94 39.07 6.74
CA GLU C 99 -12.82 38.91 8.20
C GLU C 99 -12.14 40.15 8.82
N HIS C 100 -11.16 40.72 8.11
CA HIS C 100 -10.50 41.93 8.57
C HIS C 100 -11.43 43.17 8.69
N ILE C 101 -12.21 43.44 7.65
CA ILE C 101 -13.17 44.53 7.69
C ILE C 101 -14.22 44.27 8.78
N MET C 102 -14.64 43.02 8.91
CA MET C 102 -15.52 42.63 9.99
C MET C 102 -14.95 42.96 11.37
N LEU C 103 -13.70 42.59 11.63
CA LEU C 103 -13.06 42.82 12.92
C LEU C 103 -12.91 44.29 13.20
N ILE C 104 -12.59 45.07 12.17
CA ILE C 104 -12.50 46.53 12.30
C ILE C 104 -13.85 47.12 12.72
N GLY C 105 -14.90 46.77 11.98
CA GLY C 105 -16.25 47.27 12.18
C GLY C 105 -16.80 46.75 13.50
N HIS C 106 -16.48 45.50 13.82
CA HIS C 106 -16.82 44.96 15.14
C HIS C 106 -16.22 45.83 16.25
N THR C 107 -14.95 46.19 16.12
CA THR C 107 -14.25 46.91 17.17
C THR C 107 -14.79 48.34 17.31
N VAL C 108 -15.11 48.98 16.19
CA VAL C 108 -15.79 50.27 16.21
C VAL C 108 -17.17 50.15 16.87
N ASN C 109 -18.01 49.26 16.37
CA ASN C 109 -19.33 49.04 16.97
C ASN C 109 -19.33 48.81 18.48
N CYS C 110 -18.46 47.91 18.96
CA CYS C 110 -18.41 47.59 20.39
C CYS C 110 -17.61 48.52 21.29
N PHE C 111 -16.55 49.15 20.77
CA PHE C 111 -15.59 49.86 21.63
C PHE C 111 -15.23 51.25 21.17
N GLY C 112 -15.73 51.67 20.01
CA GLY C 112 -15.30 52.93 19.40
C GLY C 112 -15.44 54.18 20.25
N GLY C 113 -16.38 54.15 21.20
CA GLY C 113 -16.58 55.24 22.14
C GLY C 113 -15.53 55.26 23.25
N SER C 114 -14.89 54.13 23.51
CA SER C 114 -13.95 53.99 24.64
C SER C 114 -12.47 53.95 24.24
N ILE C 115 -12.20 53.71 22.97
CA ILE C 115 -10.83 53.52 22.52
C ILE C 115 -10.75 53.89 21.04
N LYS C 116 -9.61 54.43 20.62
CA LYS C 116 -9.40 54.73 19.21
C LYS C 116 -9.08 53.46 18.42
N VAL C 117 -9.81 53.27 17.33
CA VAL C 117 -9.68 52.07 16.51
C VAL C 117 -8.87 52.40 15.25
N ILE C 118 -7.69 51.81 15.15
CA ILE C 118 -6.79 52.06 14.02
C ILE C 118 -6.69 50.82 13.15
N GLY C 119 -7.29 50.87 11.97
CA GLY C 119 -7.31 49.69 11.09
C GLY C 119 -5.97 49.55 10.41
N ASN C 120 -5.36 48.36 10.47
CA ASN C 120 -4.19 48.12 9.61
C ASN C 120 -4.68 47.78 8.18
N THR C 121 -4.83 48.83 7.38
CA THR C 121 -5.36 48.68 6.03
C THR C 121 -4.26 48.81 4.97
N GLY C 122 -3.02 48.76 5.42
CA GLY C 122 -1.88 48.84 4.53
C GLY C 122 -1.61 47.57 3.76
N SER C 123 -0.82 47.69 2.69
CA SER C 123 -0.56 46.57 1.79
C SER C 123 0.63 46.85 0.88
N ASN C 124 1.24 45.79 0.33
CA ASN C 124 2.25 46.00 -0.70
C ASN C 124 1.60 46.18 -2.09
N SER C 125 0.27 46.07 -2.13
CA SER C 125 -0.52 46.38 -3.32
C SER C 125 -1.33 47.67 -3.07
N THR C 126 -1.10 48.66 -3.92
CA THR C 126 -1.79 49.95 -3.83
C THR C 126 -3.30 49.78 -3.95
N ARG C 127 -3.73 48.99 -4.93
CA ARG C 127 -5.12 48.60 -5.10
C ARG C 127 -5.77 48.09 -3.80
N GLU C 128 -5.14 47.09 -3.16
CA GLU C 128 -5.61 46.59 -1.85
C GLU C 128 -5.59 47.63 -0.72
N ALA C 129 -4.54 48.46 -0.68
CA ALA C 129 -4.45 49.56 0.29
C ALA C 129 -5.58 50.58 0.13
N ILE C 130 -5.85 50.97 -1.11
CA ILE C 130 -6.92 51.90 -1.46
C ILE C 130 -8.28 51.34 -1.03
N HIS C 131 -8.55 50.13 -1.49
CA HIS C 131 -9.79 49.42 -1.22
C HIS C 131 -10.03 49.16 0.28
N ALA C 132 -9.04 48.63 0.99
CA ALA C 132 -9.16 48.37 2.43
C ALA C 132 -9.36 49.65 3.27
N THR C 133 -8.61 50.69 2.93
CA THR C 133 -8.63 51.91 3.72
C THR C 133 -9.99 52.61 3.62
N GLU C 134 -10.51 52.71 2.40
CA GLU C 134 -11.78 53.39 2.18
C GLU C 134 -12.93 52.59 2.79
N GLN C 135 -12.85 51.26 2.69
CA GLN C 135 -13.86 50.41 3.36
C GLN C 135 -13.73 50.44 4.87
N GLY C 136 -12.49 50.50 5.37
CA GLY C 136 -12.22 50.68 6.79
C GLY C 136 -12.78 51.99 7.34
N PHE C 137 -12.44 53.10 6.70
CA PHE C 137 -12.99 54.37 7.15
C PHE C 137 -14.52 54.41 7.07
N ALA C 138 -15.07 53.76 6.07
CA ALA C 138 -16.52 53.72 5.88
C ALA C 138 -17.23 53.06 7.05
N VAL C 139 -16.64 52.03 7.65
CA VAL C 139 -17.26 51.38 8.82
C VAL C 139 -16.92 52.06 10.15
N GLY C 140 -16.17 53.16 10.08
CA GLY C 140 -16.00 54.02 11.24
C GLY C 140 -14.66 54.00 11.96
N MET C 141 -13.64 53.38 11.37
CA MET C 141 -12.32 53.33 12.03
C MET C 141 -11.81 54.75 12.15
N HIS C 142 -11.00 55.02 13.17
CA HIS C 142 -10.54 56.37 13.43
C HIS C 142 -9.30 56.76 12.63
N ALA C 143 -8.48 55.78 12.30
CA ALA C 143 -7.25 56.03 11.55
C ALA C 143 -6.84 54.77 10.82
N ALA C 144 -5.89 54.90 9.89
CA ALA C 144 -5.36 53.78 9.15
C ALA C 144 -3.86 53.69 9.43
N LEU C 145 -3.36 52.46 9.56
CA LEU C 145 -1.92 52.23 9.64
C LEU C 145 -1.47 51.84 8.26
N HIS C 146 -0.44 52.51 7.76
CA HIS C 146 0.10 52.22 6.42
C HIS C 146 1.60 51.94 6.36
N ILE C 147 1.92 50.67 6.11
CA ILE C 147 3.28 50.23 5.87
C ILE C 147 3.68 50.56 4.42
N ASN C 148 4.98 50.73 4.18
CA ASN C 148 5.47 50.77 2.81
C ASN C 148 5.36 49.37 2.18
N PRO C 149 5.25 49.29 0.84
CA PRO C 149 5.14 47.95 0.23
C PRO C 149 6.34 47.03 0.52
N TYR C 150 6.07 45.94 1.23
CA TYR C 150 7.08 45.00 1.63
C TYR C 150 7.22 43.94 0.55
N TYR C 151 8.38 43.28 0.53
CA TYR C 151 8.65 42.17 -0.39
C TYR C 151 8.77 42.64 -1.84
N GLY C 152 7.64 42.94 -2.48
CA GLY C 152 7.63 43.66 -3.78
C GLY C 152 7.84 45.15 -3.56
N LYS C 153 9.06 45.51 -3.16
CA LYS C 153 9.41 46.87 -2.78
C LYS C 153 9.44 47.81 -4.03
N THR C 154 9.06 49.07 -3.86
CA THR C 154 9.02 50.01 -4.97
C THR C 154 10.07 51.14 -4.80
N SER C 155 10.19 52.02 -5.77
CA SER C 155 11.09 53.17 -5.66
C SER C 155 10.54 54.20 -4.69
N LEU C 156 11.34 55.21 -4.33
CA LEU C 156 10.87 56.28 -3.44
C LEU C 156 9.77 57.11 -4.12
N GLU C 157 9.83 57.21 -5.44
CA GLU C 157 8.77 57.82 -6.24
C GLU C 157 7.48 57.01 -6.13
N GLY C 158 7.61 55.69 -6.24
CA GLY C 158 6.46 54.79 -6.05
C GLY C 158 5.86 54.89 -4.66
N LEU C 159 6.73 54.96 -3.66
CA LEU C 159 6.31 55.09 -2.27
C LEU C 159 5.39 56.27 -2.08
N VAL C 160 5.82 57.45 -2.55
CA VAL C 160 5.02 58.67 -2.50
C VAL C 160 3.68 58.42 -3.20
N SER C 161 3.73 57.90 -4.43
CA SER C 161 2.49 57.59 -5.16
C SER C 161 1.58 56.66 -4.39
N HIS C 162 2.16 55.63 -3.77
CA HIS C 162 1.43 54.69 -2.92
C HIS C 162 0.82 55.41 -1.71
N PHE C 163 1.63 56.16 -0.97
CA PHE C 163 1.07 56.83 0.22
C PHE C 163 0.04 57.91 -0.12
N GLU C 164 0.24 58.59 -1.25
CA GLU C 164 -0.67 59.66 -1.69
C GLU C 164 -2.00 59.12 -2.25
N SER C 165 -2.03 57.84 -2.60
CA SER C 165 -3.30 57.16 -2.94
C SER C 165 -4.22 56.96 -1.74
N VAL C 166 -3.68 57.02 -0.51
CA VAL C 166 -4.51 56.73 0.68
C VAL C 166 -4.58 57.84 1.72
N LEU C 167 -3.57 58.69 1.76
CA LEU C 167 -3.57 59.79 2.74
C LEU C 167 -4.85 60.65 2.70
N PRO C 168 -5.39 60.95 1.48
CA PRO C 168 -6.63 61.75 1.43
C PRO C 168 -7.83 61.14 2.16
N MET C 169 -7.78 59.84 2.45
CA MET C 169 -8.96 59.15 2.97
C MET C 169 -9.21 59.43 4.44
N GLY C 170 -8.17 59.74 5.20
CA GLY C 170 -8.34 60.14 6.60
C GLY C 170 -7.05 60.01 7.38
N PRO C 171 -7.10 60.22 8.72
CA PRO C 171 -5.94 60.17 9.63
C PRO C 171 -5.09 58.91 9.45
N THR C 172 -3.80 59.09 9.21
CA THR C 172 -2.92 58.01 8.75
C THR C 172 -1.64 57.93 9.58
N VAL C 173 -1.30 56.72 10.02
CA VAL C 173 0.01 56.44 10.64
C VAL C 173 0.85 55.64 9.64
N ILE C 174 2.04 56.17 9.38
CA ILE C 174 2.98 55.47 8.49
C ILE C 174 3.90 54.58 9.31
N TYR C 175 4.06 53.34 8.86
CA TYR C 175 4.71 52.30 9.61
C TYR C 175 5.99 51.89 8.90
N ASN C 176 7.12 52.06 9.56
CA ASN C 176 8.43 51.74 9.01
C ASN C 176 9.07 50.63 9.85
N VAL C 177 9.30 49.47 9.24
CA VAL C 177 10.00 48.37 9.92
C VAL C 177 10.86 47.63 8.88
N PRO C 178 12.03 48.22 8.53
CA PRO C 178 12.84 47.62 7.45
C PRO C 178 13.30 46.19 7.68
N SER C 179 13.41 45.73 8.92
CA SER C 179 13.81 44.35 9.18
C SER C 179 12.77 43.37 8.64
N ARG C 180 11.51 43.81 8.59
CA ARG C 180 10.40 43.02 8.04
C ARG C 180 10.11 43.25 6.56
N THR C 181 10.31 44.49 6.09
CA THR C 181 9.84 44.92 4.76
C THR C 181 10.91 44.79 3.72
N GLY C 182 12.17 44.87 4.15
CA GLY C 182 13.33 44.96 3.24
C GLY C 182 13.62 46.38 2.75
N GLN C 183 12.90 47.37 3.26
CA GLN C 183 13.04 48.76 2.83
C GLN C 183 12.82 49.76 3.97
N ASP C 184 13.84 50.56 4.25
CA ASP C 184 13.79 51.65 5.22
C ASP C 184 13.16 52.85 4.54
N ILE C 185 12.05 53.34 5.08
CA ILE C 185 11.44 54.57 4.58
C ILE C 185 12.32 55.75 5.05
N PRO C 186 12.97 56.47 4.10
CA PRO C 186 13.83 57.62 4.44
C PRO C 186 13.03 58.80 4.97
N PRO C 187 13.65 59.64 5.86
CA PRO C 187 12.98 60.83 6.39
C PRO C 187 12.38 61.72 5.31
N GLY C 188 13.06 61.82 4.16
CA GLY C 188 12.60 62.66 3.06
C GLY C 188 11.22 62.30 2.53
N VAL C 189 10.90 61.00 2.49
CA VAL C 189 9.59 60.53 2.02
C VAL C 189 8.51 60.91 3.02
N ILE C 190 8.80 60.71 4.30
CA ILE C 190 7.92 61.14 5.36
C ILE C 190 7.65 62.65 5.28
N HIS C 191 8.68 63.43 4.98
CA HIS C 191 8.49 64.88 4.87
C HIS C 191 7.68 65.27 3.65
N THR C 192 7.94 64.63 2.52
CA THR C 192 7.14 64.82 1.31
C THR C 192 5.63 64.57 1.56
N VAL C 193 5.31 63.42 2.15
CA VAL C 193 3.90 63.09 2.40
C VAL C 193 3.28 63.89 3.55
N ALA C 194 4.12 64.40 4.44
CA ALA C 194 3.63 65.22 5.56
C ALA C 194 2.99 66.54 5.10
N GLN C 195 2.98 66.80 3.80
CA GLN C 195 2.21 67.91 3.21
C GLN C 195 0.70 67.66 3.32
N SER C 196 0.31 66.40 3.47
CA SER C 196 -1.07 66.08 3.77
C SER C 196 -1.38 66.36 5.25
N ALA C 197 -2.46 67.08 5.49
CA ALA C 197 -2.98 67.30 6.84
C ALA C 197 -3.44 65.99 7.50
N ASN C 198 -3.51 64.91 6.72
CA ASN C 198 -4.00 63.63 7.25
C ASN C 198 -2.91 62.73 7.81
N LEU C 199 -1.66 63.12 7.64
CA LEU C 199 -0.57 62.39 8.27
C LEU C 199 -0.58 62.67 9.77
N ALA C 200 -0.98 61.67 10.55
CA ALA C 200 -0.85 61.75 12.00
C ALA C 200 0.61 61.66 12.43
N GLY C 201 1.36 60.72 11.86
CA GLY C 201 2.72 60.49 12.29
C GLY C 201 3.25 59.12 11.93
N VAL C 202 4.36 58.73 12.57
CA VAL C 202 5.10 57.53 12.17
C VAL C 202 5.21 56.49 13.30
N GLU C 204 7.62 54.02 14.20
CA GLU C 204 9.01 53.84 13.78
C GLU C 204 9.67 52.67 14.52
N CYS C 205 10.36 51.82 13.76
CA CYS C 205 11.02 50.65 14.33
C CYS C 205 12.54 50.60 14.16
N VAL C 206 13.14 51.53 13.43
CA VAL C 206 14.61 51.46 13.20
C VAL C 206 15.46 51.84 14.42
N GLY C 207 14.87 52.56 15.38
CA GLY C 207 15.57 52.98 16.61
C GLY C 207 15.38 54.44 16.99
N ASN C 208 15.80 54.78 18.20
CA ASN C 208 15.55 56.10 18.82
C ASN C 208 16.22 57.31 18.18
N ASP C 209 17.40 57.10 17.59
CA ASP C 209 18.09 58.14 16.83
C ASP C 209 17.23 58.57 15.66
N ARG C 210 16.59 57.61 14.99
CA ARG C 210 15.70 57.96 13.89
C ARG C 210 14.49 58.71 14.38
N ILE C 211 13.91 58.22 15.48
CA ILE C 211 12.79 58.89 16.12
C ILE C 211 13.12 60.35 16.43
N LYS C 212 14.32 60.59 16.97
CA LYS C 212 14.76 61.95 17.30
C LYS C 212 14.85 62.85 16.06
N GLN C 213 15.39 62.33 14.95
CA GLN C 213 15.39 63.06 13.67
C GLN C 213 14.02 63.61 13.35
N TYR C 214 12.99 62.81 13.64
CA TYR C 214 11.61 63.18 13.32
C TYR C 214 11.02 64.15 14.32
N THR C 215 11.21 63.86 15.60
CA THR C 215 10.52 64.64 16.65
C THR C 215 11.08 66.05 16.83
N ASP C 216 12.35 66.22 16.43
CA ASP C 216 13.01 67.52 16.42
C ASP C 216 12.48 68.32 15.25
N ASN C 217 11.91 67.61 14.28
CA ASN C 217 11.41 68.25 13.08
C ASN C 217 9.90 68.14 12.93
N ARG C 218 9.20 68.24 14.04
CA ARG C 218 7.74 68.44 14.03
C ARG C 218 6.90 67.19 13.73
N ILE C 219 7.53 66.07 13.41
CA ILE C 219 6.80 64.82 13.15
C ILE C 219 6.48 64.06 14.43
N VAL C 220 5.20 63.70 14.59
CA VAL C 220 4.78 62.90 15.73
C VAL C 220 5.24 61.45 15.52
N VAL C 221 5.83 60.84 16.54
CA VAL C 221 6.31 59.46 16.43
C VAL C 221 5.84 58.54 17.57
N TRP C 222 5.47 57.32 17.21
CA TRP C 222 5.31 56.23 18.16
C TRP C 222 6.44 55.24 17.92
N SER C 223 7.10 54.84 19.00
CA SER C 223 8.06 53.73 18.94
C SER C 223 7.28 52.45 18.72
N GLY C 224 7.76 51.61 17.81
CA GLY C 224 7.23 50.27 17.66
C GLY C 224 8.05 49.18 18.33
N ASN C 225 8.99 49.58 19.20
CA ASN C 225 9.82 48.60 19.92
C ASN C 225 9.65 48.74 21.42
N ASP C 226 9.14 47.69 22.06
CA ASP C 226 8.92 47.72 23.49
C ASP C 226 10.22 47.86 24.30
N ASP C 227 11.29 47.20 23.85
CA ASP C 227 12.60 47.33 24.52
C ASP C 227 13.24 48.73 24.44
N GLN C 228 12.72 49.59 23.56
CA GLN C 228 13.24 50.96 23.41
C GLN C 228 12.23 52.06 23.77
N CYS C 229 10.96 51.70 23.98
CA CYS C 229 9.88 52.70 24.06
C CYS C 229 9.93 53.66 25.26
N HIS C 230 10.39 53.16 26.41
CA HIS C 230 10.64 54.01 27.59
C HIS C 230 11.54 55.19 27.25
N ASP C 231 12.75 54.90 26.76
CA ASP C 231 13.70 55.94 26.39
C ASP C 231 13.23 56.77 25.21
N ALA C 232 12.55 56.13 24.26
CA ALA C 232 11.95 56.82 23.13
C ALA C 232 11.04 57.95 23.62
N LYS C 233 10.16 57.63 24.57
CA LYS C 233 9.22 58.58 25.13
C LYS C 233 9.89 59.67 25.98
N TRP C 234 10.76 59.27 26.90
CA TRP C 234 11.28 60.21 27.90
C TRP C 234 12.50 60.99 27.42
N ASP C 235 13.25 60.42 26.49
CA ASP C 235 14.51 61.01 26.07
C ASP C 235 14.62 61.38 24.56
N TYR C 236 13.69 60.90 23.73
CA TYR C 236 13.78 61.08 22.28
C TYR C 236 12.58 61.79 21.60
N GLY C 237 11.68 62.32 22.42
CA GLY C 237 10.51 63.04 21.95
C GLY C 237 9.34 62.21 21.47
N ALA C 238 9.43 60.88 21.53
CA ALA C 238 8.34 60.04 21.04
C ALA C 238 7.07 60.36 21.82
N THR C 239 5.93 60.39 21.14
CA THR C 239 4.66 60.68 21.81
C THR C 239 4.20 59.47 22.63
N GLY C 240 4.55 58.29 22.16
CA GLY C 240 4.29 57.08 22.92
C GLY C 240 4.72 55.84 22.19
N VAL C 241 3.92 54.80 22.36
CA VAL C 241 4.29 53.49 21.81
C VAL C 241 3.11 52.84 21.07
N ILE C 242 3.42 52.11 20.00
CA ILE C 242 2.51 51.11 19.46
C ILE C 242 3.10 49.77 19.86
N SER C 243 2.44 49.14 20.84
CA SER C 243 3.06 48.13 21.68
C SER C 243 2.61 46.69 21.45
N VAL C 244 3.55 45.76 21.55
CA VAL C 244 3.20 44.34 21.65
C VAL C 244 2.94 44.00 23.11
N THR C 245 3.84 44.41 24.00
CA THR C 245 3.88 43.94 25.38
C THR C 245 2.69 44.41 26.22
N SER C 246 2.10 45.55 25.88
CA SER C 246 0.88 46.00 26.55
C SER C 246 -0.25 44.97 26.44
N ASN C 247 -0.15 44.04 25.48
CA ASN C 247 -1.09 42.94 25.36
C ASN C 247 -1.09 42.09 26.62
N LEU C 248 0.06 42.01 27.28
CA LEU C 248 0.26 41.16 28.47
C LEU C 248 0.15 41.94 29.77
N ILE C 249 0.78 43.11 29.80
CA ILE C 249 0.88 43.95 31.00
C ILE C 249 0.52 45.41 30.70
N PRO C 250 -0.76 45.66 30.34
CA PRO C 250 -1.13 47.03 29.92
C PRO C 250 -0.98 48.07 31.05
N GLY C 251 -1.33 47.70 32.28
CA GLY C 251 -1.15 48.58 33.44
C GLY C 251 0.29 49.04 33.63
N LEU C 252 1.22 48.08 33.61
CA LEU C 252 2.64 48.43 33.71
C LEU C 252 3.12 49.29 32.55
N MET C 253 2.68 48.97 31.33
CA MET C 253 3.03 49.81 30.17
C MET C 253 2.48 51.24 30.31
N ARG C 254 1.28 51.36 30.86
CA ARG C 254 0.70 52.68 31.16
C ARG C 254 1.60 53.43 32.13
N GLN C 255 1.89 52.82 33.30
CA GLN C 255 2.75 53.43 34.32
C GLN C 255 4.08 53.87 33.75
N LEU C 256 4.64 53.04 32.87
CA LEU C 256 5.92 53.26 32.21
C LEU C 256 5.94 54.54 31.35
N LEU C 257 4.83 54.84 30.70
CA LEU C 257 4.77 55.94 29.73
C LEU C 257 4.06 57.20 30.24
N PHE C 258 3.39 57.10 31.38
CA PHE C 258 2.55 58.21 31.88
C PHE C 258 3.10 58.87 33.14
N LYS C 259 3.63 58.06 34.05
CA LYS C 259 3.99 58.50 35.40
C LYS C 259 5.36 59.17 35.58
N GLY C 260 6.23 59.09 34.55
CA GLY C 260 7.57 59.71 34.56
C GLY C 260 8.67 58.74 34.14
N LYS C 261 9.89 59.22 33.93
CA LYS C 261 11.05 58.32 33.76
C LYS C 261 11.09 57.32 34.91
N ASN C 262 11.29 56.05 34.57
CA ASN C 262 11.33 55.01 35.56
C ASN C 262 12.27 53.89 35.19
N PRO C 263 13.60 54.14 35.31
CA PRO C 263 14.57 53.12 34.93
C PRO C 263 14.31 51.75 35.60
N SER C 264 13.91 51.75 36.86
CA SER C 264 13.71 50.48 37.56
C SER C 264 12.50 49.67 37.04
N LEU C 265 11.38 50.34 36.77
CA LEU C 265 10.23 49.66 36.13
C LEU C 265 10.59 49.14 34.75
N ASN C 266 11.31 49.95 33.99
CA ASN C 266 11.78 49.54 32.67
C ASN C 266 12.66 48.29 32.76
N ALA C 267 13.55 48.25 33.76
CA ALA C 267 14.41 47.09 33.94
C ALA C 267 13.61 45.86 34.38
N LYS C 268 12.54 46.08 35.16
CA LYS C 268 11.70 44.96 35.62
C LYS C 268 10.97 44.21 34.48
N ILE C 269 10.47 44.95 33.49
CA ILE C 269 9.72 44.34 32.39
C ILE C 269 10.62 43.77 31.29
N MET C 270 11.86 44.22 31.24
CA MET C 270 12.78 43.82 30.17
C MET C 270 12.94 42.30 29.96
N PRO C 271 13.01 41.50 31.04
CA PRO C 271 13.11 40.05 30.77
C PRO C 271 11.89 39.53 30.01
N LEU C 272 10.70 40.05 30.32
CA LEU C 272 9.49 39.72 29.56
C LEU C 272 9.61 40.19 28.11
N VAL C 273 10.01 41.44 27.93
CA VAL C 273 10.21 41.96 26.58
C VAL C 273 11.19 41.10 25.76
N ASN C 274 12.32 40.73 26.34
CA ASN C 274 13.34 39.92 25.64
C ASN C 274 12.82 38.55 25.21
N TRP C 275 12.08 37.91 26.11
CA TRP C 275 11.40 36.64 25.86
C TRP C 275 10.39 36.75 24.70
N LEU C 276 9.64 37.85 24.67
CA LEU C 276 8.64 38.07 23.64
C LEU C 276 9.18 38.17 22.24
N PHE C 277 10.45 38.54 22.11
CA PHE C 277 11.02 38.80 20.78
C PHE C 277 12.18 37.91 20.41
N GLU C 278 12.40 36.85 21.19
CA GLU C 278 13.41 35.87 20.82
C GLU C 278 13.09 35.26 19.46
N GLU C 279 11.84 34.86 19.25
CA GLU C 279 11.35 34.47 17.92
C GLU C 279 10.54 35.64 17.36
N PRO C 280 10.25 35.62 16.03
CA PRO C 280 9.55 36.81 15.53
C PRO C 280 8.16 37.00 16.14
N ASN C 281 7.87 38.20 16.61
CA ASN C 281 6.53 38.58 17.04
C ASN C 281 5.56 38.28 15.87
N PRO C 282 4.35 37.71 16.15
CA PRO C 282 3.67 37.41 17.43
C PRO C 282 3.80 35.99 18.01
N ILE C 283 4.85 35.24 17.65
CA ILE C 283 5.03 33.88 18.19
C ILE C 283 5.04 33.83 19.72
N GLY C 284 5.87 34.67 20.34
CA GLY C 284 5.93 34.75 21.80
C GLY C 284 4.61 35.16 22.39
N LEU C 285 4.04 36.25 21.88
CA LEU C 285 2.77 36.76 22.39
C LEU C 285 1.64 35.71 22.37
N ASN C 286 1.43 35.11 21.20
CA ASN C 286 0.44 34.05 21.02
C ASN C 286 0.62 32.99 22.08
N THR C 287 1.87 32.59 22.30
CA THR C 287 2.20 31.57 23.28
C THR C 287 1.88 32.04 24.69
N ALA C 288 2.37 33.24 25.05
CA ALA C 288 2.12 33.78 26.39
C ALA C 288 0.63 33.93 26.71
N LEU C 289 -0.12 34.48 25.76
CA LEU C 289 -1.55 34.69 25.96
C LEU C 289 -2.31 33.37 26.13
N ALA C 290 -1.88 32.34 25.40
CA ALA C 290 -2.39 30.99 25.62
C ALA C 290 -2.04 30.52 27.05
N GLN C 291 -0.79 30.71 27.45
CA GLN C 291 -0.36 30.31 28.80
C GLN C 291 -1.16 31.00 29.91
N LEU C 292 -1.52 32.26 29.71
CA LEU C 292 -2.33 33.02 30.68
C LEU C 292 -3.81 32.62 30.67
N GLY C 293 -4.21 31.82 29.69
CA GLY C 293 -5.60 31.37 29.54
C GLY C 293 -6.58 32.37 28.95
N VAL C 294 -6.11 33.50 28.42
CA VAL C 294 -7.02 34.53 27.88
C VAL C 294 -7.35 34.36 26.41
N VAL C 295 -6.58 33.51 25.74
CA VAL C 295 -6.89 33.03 24.39
C VAL C 295 -6.68 31.52 24.33
N ARG C 296 -7.32 30.88 23.36
CA ARG C 296 -7.14 29.46 23.11
C ARG C 296 -5.76 29.19 22.48
N PRO C 297 -5.21 27.98 22.69
CA PRO C 297 -3.87 27.71 22.14
C PRO C 297 -3.92 27.35 20.64
N VAL C 298 -4.50 28.23 19.84
CA VAL C 298 -4.73 27.98 18.41
C VAL C 298 -3.90 28.97 17.61
N PHE C 299 -3.11 28.43 16.67
CA PHE C 299 -2.21 29.21 15.82
C PHE C 299 -2.61 29.06 14.37
N ARG C 300 -2.65 30.16 13.62
CA ARG C 300 -2.76 30.08 12.16
C ARG C 300 -1.33 30.02 11.65
N LEU C 301 -1.04 29.03 10.83
CA LEU C 301 0.27 28.87 10.22
C LEU C 301 0.55 30.11 9.34
N PRO C 302 1.83 30.49 9.16
CA PRO C 302 3.10 29.83 9.50
C PRO C 302 3.57 29.95 10.96
N TYR C 303 2.78 30.55 11.84
CA TYR C 303 3.21 30.69 13.22
C TYR C 303 2.97 29.41 14.02
N VAL C 304 3.83 29.21 15.00
CA VAL C 304 3.98 27.95 15.69
C VAL C 304 4.48 28.36 17.09
N PRO C 305 4.01 27.69 18.17
CA PRO C 305 4.35 28.19 19.51
C PRO C 305 5.83 28.01 19.89
N LEU C 306 6.30 28.80 20.84
CA LEU C 306 7.61 28.57 21.46
C LEU C 306 7.65 27.19 22.14
N PRO C 307 8.81 26.49 22.07
CA PRO C 307 8.96 25.15 22.66
C PRO C 307 8.76 25.15 24.18
N LEU C 308 8.58 23.95 24.73
CA LEU C 308 8.39 23.73 26.17
C LEU C 308 9.36 24.52 27.09
N ALA C 309 10.65 24.50 26.77
CA ALA C 309 11.64 25.15 27.63
C ALA C 309 11.34 26.65 27.84
N LYS C 310 10.90 27.31 26.77
CA LYS C 310 10.56 28.73 26.81
C LYS C 310 9.28 29.01 27.59
N ARG C 311 8.37 28.04 27.58
CA ARG C 311 7.09 28.14 28.27
C ARG C 311 7.22 28.03 29.78
N VAL C 312 8.10 27.12 30.22
CA VAL C 312 8.56 27.03 31.60
C VAL C 312 9.17 28.38 32.00
N GLU C 313 10.04 28.90 31.15
CA GLU C 313 10.65 30.22 31.31
C GLU C 313 9.62 31.35 31.49
N PHE C 314 8.53 31.32 30.69
CA PHE C 314 7.49 32.34 30.81
C PHE C 314 6.82 32.29 32.19
N VAL C 315 6.59 31.09 32.70
CA VAL C 315 6.03 30.91 34.04
C VAL C 315 6.89 31.58 35.15
N ASN C 316 8.21 31.38 35.11
CA ASN C 316 9.13 32.05 36.04
C ASN C 316 9.12 33.59 35.90
N ILE C 317 9.07 34.07 34.66
CA ILE C 317 8.98 35.51 34.36
C ILE C 317 7.70 36.12 34.96
N VAL C 318 6.59 35.41 34.81
CA VAL C 318 5.30 35.84 35.37
C VAL C 318 5.33 35.91 36.89
N LYS C 319 5.90 34.89 37.51
CA LYS C 319 6.09 34.87 38.97
C LYS C 319 6.91 36.08 39.43
N GLU C 320 7.99 36.36 38.72
CA GLU C 320 8.89 37.43 39.09
C GLU C 320 8.23 38.81 38.98
N ILE C 321 7.51 39.05 37.89
CA ILE C 321 6.82 40.31 37.71
C ILE C 321 5.55 40.40 38.55
N GLY C 322 4.93 39.26 38.82
CA GLY C 322 3.65 39.21 39.54
C GLY C 322 2.45 39.03 38.61
N ARG C 323 1.80 37.87 38.75
CA ARG C 323 0.63 37.49 37.95
C ARG C 323 -0.47 38.57 37.91
N GLU C 324 -0.63 39.27 39.02
CA GLU C 324 -1.64 40.33 39.12
C GLU C 324 -1.42 41.46 38.10
N ASN C 325 -0.21 41.54 37.54
CA ASN C 325 0.11 42.52 36.51
C ASN C 325 -0.28 42.11 35.08
N PHE C 326 -0.41 40.81 34.85
CA PHE C 326 -0.72 40.24 33.55
C PHE C 326 -2.22 40.13 33.34
N VAL C 327 -2.68 40.25 32.10
CA VAL C 327 -4.10 40.10 31.78
C VAL C 327 -4.66 38.75 32.25
N GLY C 328 -5.95 38.74 32.58
CA GLY C 328 -6.64 37.52 32.99
C GLY C 328 -6.47 37.22 34.46
N GLU C 329 -7.20 36.20 34.93
CA GLU C 329 -7.27 35.82 36.36
C GLU C 329 -6.81 34.40 36.61
N LYS C 330 -6.72 33.60 35.54
CA LYS C 330 -6.42 32.18 35.70
C LYS C 330 -4.93 31.99 35.93
N ASP C 331 -4.59 31.00 36.76
CA ASP C 331 -3.18 30.68 37.01
C ASP C 331 -2.49 30.38 35.68
N VAL C 332 -1.27 30.88 35.52
CA VAL C 332 -0.50 30.64 34.32
C VAL C 332 -0.17 29.16 34.18
N LYS C 333 -0.14 28.69 32.95
CA LYS C 333 0.17 27.31 32.63
C LYS C 333 1.41 27.22 31.74
N VAL C 334 2.10 26.09 31.80
CA VAL C 334 3.17 25.80 30.84
C VAL C 334 2.50 25.43 29.53
N LEU C 335 1.47 24.59 29.61
CA LEU C 335 0.81 23.96 28.46
C LEU C 335 1.71 22.90 27.84
N ASP C 336 1.08 21.85 27.32
CA ASP C 336 1.84 20.80 26.67
C ASP C 336 1.79 20.90 25.16
N ASP C 337 2.71 20.20 24.50
CA ASP C 337 2.87 20.28 23.05
C ASP C 337 1.58 20.04 22.29
N ASP C 338 0.80 19.04 22.71
CA ASP C 338 -0.41 18.70 21.98
C ASP C 338 -1.64 19.47 22.43
N ASP C 339 -1.47 20.39 23.38
CA ASP C 339 -2.49 21.39 23.66
C ASP C 339 -2.68 22.35 22.47
N PHE C 340 -1.62 22.55 21.69
CA PHE C 340 -1.62 23.56 20.61
C PHE C 340 -2.21 23.05 19.29
N ILE C 341 -3.06 23.88 18.69
CA ILE C 341 -3.66 23.56 17.40
C ILE C 341 -3.08 24.46 16.31
N LEU C 342 -2.54 23.83 15.27
CA LEU C 342 -1.96 24.53 14.14
C LEU C 342 -2.96 24.45 13.00
N VAL C 343 -3.38 25.59 12.48
CA VAL C 343 -4.35 25.59 11.41
C VAL C 343 -3.75 26.08 10.11
N GLY C 344 -3.76 25.19 9.12
CA GLY C 344 -3.31 25.50 7.78
C GLY C 344 -4.46 25.87 6.85
N ARG C 345 -5.59 25.17 6.99
CA ARG C 345 -6.76 25.39 6.11
C ARG C 345 -7.92 25.99 6.91
N TYR C 346 -8.31 27.21 6.58
CA TYR C 346 -9.36 27.91 7.34
C TYR C 346 -10.12 28.95 6.48
N SER D 40 -14.44 26.74 -31.93
CA SER D 40 -15.33 27.15 -33.06
C SER D 40 -16.82 26.98 -32.70
N VAL D 41 -17.63 27.95 -33.13
CA VAL D 41 -19.09 27.92 -32.90
C VAL D 41 -19.70 26.66 -33.52
N ASP D 42 -19.29 26.34 -34.75
CA ASP D 42 -19.82 25.17 -35.47
C ASP D 42 -19.56 23.85 -34.77
N ASP D 43 -18.40 23.72 -34.13
CA ASP D 43 -18.06 22.51 -33.38
C ASP D 43 -19.04 22.26 -32.25
N ILE D 44 -19.40 23.33 -31.52
CA ILE D 44 -20.40 23.23 -30.45
C ILE D 44 -21.80 22.88 -31.03
N LYS D 45 -22.20 23.59 -32.08
CA LYS D 45 -23.51 23.40 -32.75
C LYS D 45 -23.81 21.94 -33.16
N SER D 46 -22.77 21.14 -33.35
CA SER D 46 -22.95 19.79 -33.86
C SER D 46 -22.88 18.74 -32.77
N LEU D 47 -22.75 19.17 -31.50
CA LEU D 47 -22.68 18.23 -30.38
C LEU D 47 -24.06 17.70 -30.05
N ARG D 48 -24.17 16.39 -29.89
CA ARG D 48 -25.46 15.77 -29.60
C ARG D 48 -25.64 15.45 -28.13
N LEU D 49 -24.58 14.97 -27.50
CA LEU D 49 -24.69 14.55 -26.12
C LEU D 49 -23.74 15.34 -25.21
N ILE D 50 -24.32 16.30 -24.49
CA ILE D 50 -23.59 17.10 -23.51
C ILE D 50 -24.07 16.72 -22.09
N THR D 51 -23.14 16.31 -21.24
CA THR D 51 -23.47 15.96 -19.85
C THR D 51 -23.25 17.16 -18.91
N ALA D 52 -24.28 17.50 -18.13
CA ALA D 52 -24.11 18.44 -17.03
C ALA D 52 -23.50 17.69 -15.83
N ILE D 53 -22.17 17.68 -15.78
CA ILE D 53 -21.43 16.81 -14.86
C ILE D 53 -21.57 17.21 -13.39
N LYS D 54 -21.72 16.20 -12.53
CA LYS D 54 -21.80 16.38 -11.08
C LYS D 54 -20.42 16.75 -10.49
N THR D 55 -20.42 17.55 -9.43
CA THR D 55 -19.16 17.90 -8.74
C THR D 55 -19.11 17.14 -7.42
N PRO D 56 -18.21 16.14 -7.31
CA PRO D 56 -18.13 15.34 -6.09
C PRO D 56 -17.21 15.97 -5.02
N TYR D 57 -17.43 15.64 -3.75
CA TYR D 57 -16.71 16.27 -2.64
C TYR D 57 -15.96 15.30 -1.76
N LEU D 58 -14.96 15.83 -1.05
CA LEU D 58 -14.25 15.12 -0.01
C LEU D 58 -15.04 15.38 1.26
N PRO D 59 -14.80 14.60 2.33
CA PRO D 59 -15.50 14.80 3.61
C PRO D 59 -15.48 16.23 4.19
N ASP D 60 -14.49 17.04 3.84
CA ASP D 60 -14.42 18.41 4.37
C ASP D 60 -15.08 19.45 3.45
N GLY D 61 -15.67 18.98 2.34
CA GLY D 61 -16.41 19.84 1.42
C GLY D 61 -15.67 20.32 0.20
N ARG D 62 -14.36 20.11 0.17
CA ARG D 62 -13.54 20.41 -1.01
C ARG D 62 -13.80 19.43 -2.18
N PHE D 63 -13.56 19.91 -3.40
CA PHE D 63 -13.72 19.08 -4.58
C PHE D 63 -12.90 17.80 -4.49
N ASP D 64 -13.49 16.69 -4.93
CA ASP D 64 -12.81 15.40 -4.97
C ASP D 64 -12.41 15.14 -6.42
N LEU D 65 -11.22 15.63 -6.80
CA LEU D 65 -10.80 15.60 -8.22
C LEU D 65 -10.51 14.21 -8.74
N GLU D 66 -10.05 13.31 -7.87
CA GLU D 66 -9.86 11.92 -8.27
C GLU D 66 -11.23 11.34 -8.72
N ALA D 67 -12.26 11.50 -7.89
CA ALA D 67 -13.61 11.07 -8.26
C ALA D 67 -14.13 11.82 -9.50
N TYR D 68 -13.82 13.12 -9.59
CA TYR D 68 -14.26 13.91 -10.74
C TYR D 68 -13.59 13.45 -12.04
N ASP D 69 -12.32 13.12 -11.97
CA ASP D 69 -11.60 12.59 -13.11
C ASP D 69 -12.19 11.25 -13.54
N ALA D 70 -12.49 10.39 -12.58
CA ALA D 70 -13.12 9.12 -12.90
C ALA D 70 -14.50 9.34 -13.59
N LEU D 71 -15.29 10.31 -13.12
CA LEU D 71 -16.58 10.60 -13.77
C LEU D 71 -16.42 11.09 -15.21
N VAL D 72 -15.48 12.01 -15.42
CA VAL D 72 -15.29 12.54 -16.77
C VAL D 72 -14.81 11.45 -17.74
N ASN D 73 -13.87 10.62 -17.29
CA ASN D 73 -13.42 9.48 -18.13
C ASN D 73 -14.57 8.57 -18.53
N MET D 74 -15.43 8.23 -17.58
CA MET D 74 -16.59 7.39 -17.87
C MET D 74 -17.53 8.00 -18.92
N GLN D 75 -17.66 9.33 -18.92
CA GLN D 75 -18.43 10.02 -19.97
C GLN D 75 -17.76 9.87 -21.32
N ILE D 76 -16.44 10.06 -21.33
CA ILE D 76 -15.64 9.89 -22.54
C ILE D 76 -15.78 8.47 -23.10
N VAL D 77 -15.66 7.47 -22.22
CA VAL D 77 -15.76 6.06 -22.66
C VAL D 77 -17.10 5.74 -23.35
N ASP D 78 -18.21 6.25 -22.81
CA ASP D 78 -19.53 5.97 -23.38
C ASP D 78 -20.05 6.98 -24.39
N GLY D 79 -19.17 7.83 -24.92
CA GLY D 79 -19.52 8.65 -26.07
C GLY D 79 -20.13 10.03 -25.85
N ALA D 80 -20.11 10.53 -24.61
CA ALA D 80 -20.50 11.93 -24.36
C ALA D 80 -19.53 12.86 -25.09
N GLU D 81 -20.06 13.88 -25.76
CA GLU D 81 -19.23 14.73 -26.61
C GLU D 81 -18.86 16.06 -25.95
N GLY D 82 -19.62 16.49 -24.95
CA GLY D 82 -19.34 17.71 -24.19
C GLY D 82 -19.67 17.52 -22.73
N VAL D 83 -19.15 18.40 -21.88
CA VAL D 83 -19.62 18.54 -20.49
C VAL D 83 -19.86 20.01 -20.10
N ILE D 84 -20.85 20.23 -19.26
CA ILE D 84 -21.02 21.51 -18.59
C ILE D 84 -20.31 21.40 -17.25
N VAL D 85 -19.42 22.33 -16.98
CA VAL D 85 -18.67 22.32 -15.73
C VAL D 85 -19.22 23.37 -14.77
N GLY D 86 -19.63 22.91 -13.58
CA GLY D 86 -20.30 23.77 -12.60
C GLY D 86 -21.62 24.37 -13.06
N GLY D 87 -22.42 23.59 -13.80
CA GLY D 87 -23.81 23.98 -14.07
C GLY D 87 -24.66 23.74 -12.84
N THR D 88 -25.98 23.82 -13.00
CA THR D 88 -26.92 23.60 -11.89
C THR D 88 -26.73 22.19 -11.30
N THR D 89 -26.63 21.21 -12.19
CA THR D 89 -26.32 19.84 -11.79
C THR D 89 -24.95 19.76 -11.13
N GLY D 90 -24.01 20.54 -11.65
CA GLY D 90 -22.67 20.63 -11.07
C GLY D 90 -22.55 21.50 -9.83
N GLU D 91 -23.66 22.12 -9.40
CA GLU D 91 -23.69 22.93 -8.17
C GLU D 91 -22.75 24.14 -8.24
N GLY D 92 -22.73 24.80 -9.41
CA GLY D 92 -21.91 26.00 -9.62
C GLY D 92 -22.28 27.11 -8.63
N GLN D 93 -23.58 27.19 -8.31
CA GLN D 93 -24.11 28.15 -7.34
C GLN D 93 -23.47 28.03 -5.95
N LEU D 94 -22.91 26.86 -5.65
CA LEU D 94 -22.27 26.61 -4.34
C LEU D 94 -20.73 26.76 -4.32
N MET D 95 -20.11 27.02 -5.47
CA MET D 95 -18.66 27.18 -5.52
C MET D 95 -18.24 28.64 -5.36
N SER D 96 -17.05 28.86 -4.83
CA SER D 96 -16.38 30.15 -4.97
C SER D 96 -15.81 30.20 -6.38
N TRP D 97 -15.49 31.39 -6.88
CA TRP D 97 -15.06 31.48 -8.27
C TRP D 97 -13.69 30.81 -8.45
N ASP D 98 -12.82 30.85 -7.44
CA ASP D 98 -11.50 30.24 -7.59
C ASP D 98 -11.58 28.73 -7.81
N GLU D 99 -12.43 28.08 -7.02
CA GLU D 99 -12.85 26.69 -7.18
C GLU D 99 -13.32 26.36 -8.58
N HIS D 100 -14.21 27.21 -9.08
CA HIS D 100 -14.91 26.97 -10.34
C HIS D 100 -13.95 27.15 -11.50
N ILE D 101 -13.18 28.24 -11.48
CA ILE D 101 -12.23 28.46 -12.57
C ILE D 101 -11.15 27.36 -12.58
N MET D 102 -10.77 26.90 -11.39
CA MET D 102 -9.84 25.77 -11.24
C MET D 102 -10.39 24.49 -11.88
N LEU D 103 -11.62 24.13 -11.50
CA LEU D 103 -12.27 22.98 -12.08
C LEU D 103 -12.39 23.09 -13.60
N ILE D 104 -12.75 24.26 -14.11
CA ILE D 104 -12.80 24.47 -15.57
C ILE D 104 -11.42 24.24 -16.19
N GLY D 105 -10.38 24.86 -15.62
CA GLY D 105 -9.02 24.70 -16.14
C GLY D 105 -8.49 23.28 -16.03
N HIS D 106 -8.78 22.65 -14.90
CA HIS D 106 -8.47 21.25 -14.71
C HIS D 106 -9.09 20.38 -15.81
N THR D 107 -10.39 20.53 -16.04
CA THR D 107 -11.11 19.77 -17.07
C THR D 107 -10.56 19.99 -18.49
N VAL D 108 -10.29 21.26 -18.84
CA VAL D 108 -9.60 21.54 -20.11
C VAL D 108 -8.25 20.83 -20.18
N ASN D 109 -7.41 21.04 -19.16
CA ASN D 109 -6.07 20.44 -19.09
C ASN D 109 -6.08 18.91 -19.20
N CYS D 110 -7.01 18.26 -18.52
CA CYS D 110 -6.98 16.79 -18.46
C CYS D 110 -7.72 16.10 -19.60
N PHE D 111 -8.79 16.74 -20.09
CA PHE D 111 -9.73 16.08 -21.00
C PHE D 111 -10.05 16.92 -22.21
N GLY D 112 -9.50 18.13 -22.27
CA GLY D 112 -9.86 19.10 -23.31
C GLY D 112 -9.75 18.59 -24.74
N GLY D 113 -8.95 17.54 -24.94
CA GLY D 113 -8.69 16.99 -26.28
C GLY D 113 -9.60 15.81 -26.61
N SER D 114 -10.33 15.33 -25.61
CA SER D 114 -11.21 14.17 -25.73
C SER D 114 -12.68 14.54 -25.70
N ILE D 115 -13.01 15.73 -25.21
CA ILE D 115 -14.40 16.13 -24.95
C ILE D 115 -14.48 17.64 -24.98
N LYS D 116 -15.64 18.20 -25.35
CA LYS D 116 -15.78 19.65 -25.34
C LYS D 116 -16.09 20.13 -23.93
N VAL D 117 -15.45 21.24 -23.51
CA VAL D 117 -15.57 21.76 -22.14
C VAL D 117 -16.36 23.07 -22.11
N ILE D 118 -17.53 23.03 -21.50
CA ILE D 118 -18.40 24.18 -21.51
C ILE D 118 -18.49 24.68 -20.08
N GLY D 119 -17.89 25.84 -19.83
CA GLY D 119 -17.93 26.41 -18.48
C GLY D 119 -19.26 27.09 -18.21
N ASN D 120 -19.92 26.74 -17.10
CA ASN D 120 -21.10 27.51 -16.69
C ASN D 120 -20.67 28.82 -16.03
N THR D 121 -20.56 29.87 -16.83
CA THR D 121 -20.03 31.12 -16.32
C THR D 121 -21.10 32.22 -16.21
N GLY D 122 -22.37 31.82 -16.35
CA GLY D 122 -23.50 32.72 -16.20
C GLY D 122 -23.78 33.12 -14.76
N SER D 123 -24.53 34.19 -14.58
CA SER D 123 -24.79 34.73 -13.26
C SER D 123 -25.92 35.71 -13.39
N ASN D 124 -26.65 35.93 -12.30
CA ASN D 124 -27.61 37.04 -12.26
C ASN D 124 -26.90 38.41 -12.14
N SER D 125 -25.58 38.36 -11.92
CA SER D 125 -24.75 39.56 -11.91
C SER D 125 -23.97 39.64 -13.19
N THR D 126 -24.15 40.73 -13.92
CA THR D 126 -23.45 40.94 -15.18
C THR D 126 -21.93 41.00 -14.99
N ARG D 127 -21.48 41.71 -13.96
CA ARG D 127 -20.06 41.75 -13.62
C ARG D 127 -19.48 40.35 -13.41
N GLU D 128 -20.16 39.52 -12.64
CA GLU D 128 -19.72 38.14 -12.45
C GLU D 128 -19.69 37.40 -13.80
N ALA D 129 -20.75 37.56 -14.59
CA ALA D 129 -20.84 36.90 -15.90
C ALA D 129 -19.67 37.28 -16.82
N ILE D 130 -19.41 38.58 -16.94
CA ILE D 130 -18.30 39.11 -17.71
C ILE D 130 -16.98 38.51 -17.23
N HIS D 131 -16.74 38.64 -15.93
CA HIS D 131 -15.47 38.29 -15.32
C HIS D 131 -15.22 36.77 -15.43
N ALA D 132 -16.20 35.97 -15.00
CA ALA D 132 -16.10 34.52 -15.07
C ALA D 132 -15.95 33.97 -16.50
N THR D 133 -16.65 34.59 -17.45
CA THR D 133 -16.65 34.14 -18.83
C THR D 133 -15.30 34.37 -19.48
N GLU D 134 -14.76 35.59 -19.33
CA GLU D 134 -13.47 35.90 -19.93
C GLU D 134 -12.33 35.07 -19.30
N GLN D 135 -12.38 34.84 -17.99
CA GLN D 135 -11.40 33.97 -17.34
C GLN D 135 -11.57 32.52 -17.77
N GLY D 136 -12.81 32.09 -17.94
CA GLY D 136 -13.08 30.73 -18.42
C GLY D 136 -12.50 30.50 -19.80
N PHE D 137 -12.74 31.42 -20.73
CA PHE D 137 -12.16 31.30 -22.05
C PHE D 137 -10.64 31.44 -22.02
N ALA D 138 -10.11 32.24 -21.10
CA ALA D 138 -8.67 32.36 -20.98
C ALA D 138 -7.97 31.05 -20.57
N VAL D 139 -8.59 30.25 -19.70
CA VAL D 139 -8.01 28.94 -19.34
C VAL D 139 -8.34 27.84 -20.35
N GLY D 140 -9.08 28.21 -21.40
CA GLY D 140 -9.27 27.34 -22.58
C GLY D 140 -10.56 26.57 -22.72
N MET D 141 -11.61 26.97 -21.99
CA MET D 141 -12.94 26.37 -22.20
C MET D 141 -13.43 26.62 -23.62
N HIS D 142 -14.22 25.68 -24.14
CA HIS D 142 -14.65 25.77 -25.53
C HIS D 142 -15.91 26.63 -25.71
N ALA D 143 -16.74 26.71 -24.67
CA ALA D 143 -17.97 27.50 -24.75
C ALA D 143 -18.41 27.89 -23.34
N ALA D 144 -19.31 28.87 -23.27
CA ALA D 144 -19.94 29.29 -22.04
C ALA D 144 -21.44 28.96 -22.05
N LEU D 145 -21.96 28.54 -20.90
CA LEU D 145 -23.40 28.41 -20.71
C LEU D 145 -23.90 29.65 -19.99
N HIS D 146 -24.84 30.39 -20.59
CA HIS D 146 -25.36 31.60 -19.97
C HIS D 146 -26.85 31.61 -19.69
N ILE D 147 -27.20 31.58 -18.41
CA ILE D 147 -28.58 31.70 -17.96
C ILE D 147 -29.02 33.16 -17.95
N ASN D 148 -30.33 33.41 -17.98
CA ASN D 148 -30.81 34.78 -17.74
C ASN D 148 -30.73 35.07 -16.24
N PRO D 149 -30.53 36.34 -15.86
CA PRO D 149 -30.44 36.65 -14.45
C PRO D 149 -31.66 36.17 -13.67
N TYR D 150 -31.43 35.29 -12.71
CA TYR D 150 -32.46 34.75 -11.84
C TYR D 150 -32.55 35.56 -10.57
N TYR D 151 -33.68 35.41 -9.89
CA TYR D 151 -33.91 36.02 -8.61
C TYR D 151 -34.08 37.52 -8.80
N GLY D 152 -32.97 38.23 -8.96
CA GLY D 152 -33.01 39.62 -9.38
C GLY D 152 -33.21 39.71 -10.89
N LYS D 153 -34.43 39.38 -11.30
CA LYS D 153 -34.95 39.50 -12.66
C LYS D 153 -34.75 40.89 -13.25
N THR D 154 -34.34 41.00 -14.51
CA THR D 154 -34.25 42.30 -15.17
C THR D 154 -35.30 42.39 -16.29
N SER D 155 -35.38 43.53 -16.97
CA SER D 155 -36.34 43.67 -18.06
C SER D 155 -35.81 42.97 -19.32
N LEU D 156 -36.63 42.91 -20.38
CA LEU D 156 -36.18 42.36 -21.65
C LEU D 156 -35.02 43.17 -22.23
N GLU D 157 -35.07 44.49 -22.07
CA GLU D 157 -33.97 45.36 -22.48
C GLU D 157 -32.71 45.01 -21.69
N GLY D 158 -32.85 44.92 -20.37
CA GLY D 158 -31.75 44.51 -19.50
C GLY D 158 -31.15 43.18 -19.89
N LEU D 159 -32.01 42.23 -20.26
CA LEU D 159 -31.57 40.92 -20.70
C LEU D 159 -30.67 40.98 -21.92
N VAL D 160 -31.06 41.81 -22.89
CA VAL D 160 -30.27 42.00 -24.10
C VAL D 160 -28.92 42.57 -23.68
N SER D 161 -28.93 43.62 -22.83
CA SER D 161 -27.67 44.20 -22.33
C SER D 161 -26.77 43.16 -21.65
N HIS D 162 -27.37 42.31 -20.83
CA HIS D 162 -26.63 41.26 -20.11
C HIS D 162 -25.96 40.28 -21.06
N PHE D 163 -26.76 39.67 -21.95
CA PHE D 163 -26.24 38.72 -22.95
C PHE D 163 -25.22 39.34 -23.88
N GLU D 164 -25.45 40.59 -24.28
CA GLU D 164 -24.53 41.27 -25.20
C GLU D 164 -23.18 41.65 -24.55
N SER D 165 -23.15 41.63 -23.21
CA SER D 165 -21.92 41.85 -22.45
C SER D 165 -20.98 40.66 -22.56
N VAL D 166 -21.50 39.46 -22.85
CA VAL D 166 -20.68 38.24 -22.86
C VAL D 166 -20.60 37.52 -24.21
N LEU D 167 -21.57 37.73 -25.09
CA LEU D 167 -21.56 37.06 -26.39
C LEU D 167 -20.29 37.28 -27.19
N PRO D 168 -19.72 38.52 -27.19
CA PRO D 168 -18.49 38.73 -27.95
C PRO D 168 -17.33 37.85 -27.53
N MET D 169 -17.38 37.24 -26.35
CA MET D 169 -16.23 36.54 -25.79
C MET D 169 -15.97 35.17 -26.42
N GLY D 170 -17.02 34.53 -26.93
CA GLY D 170 -16.86 33.20 -27.55
C GLY D 170 -18.14 32.39 -27.64
N PRO D 171 -18.05 31.15 -28.13
CA PRO D 171 -19.24 30.34 -28.38
C PRO D 171 -20.10 30.27 -27.14
N THR D 172 -21.38 30.60 -27.29
CA THR D 172 -22.27 30.78 -26.16
C THR D 172 -23.58 29.97 -26.33
N VAL D 173 -23.91 29.22 -25.29
CA VAL D 173 -25.20 28.57 -25.22
C VAL D 173 -26.05 29.35 -24.23
N ILE D 174 -27.18 29.87 -24.67
CA ILE D 174 -28.12 30.53 -23.76
C ILE D 174 -29.07 29.51 -23.09
N TYR D 175 -29.27 29.68 -21.80
CA TYR D 175 -29.94 28.68 -20.97
C TYR D 175 -31.28 29.26 -20.45
N ASN D 176 -32.38 28.64 -20.87
CA ASN D 176 -33.72 29.08 -20.45
C ASN D 176 -34.37 28.01 -19.61
N VAL D 177 -34.60 28.34 -18.34
CA VAL D 177 -35.20 27.42 -17.40
C VAL D 177 -36.12 28.21 -16.43
N PRO D 178 -37.27 28.72 -16.93
CA PRO D 178 -38.08 29.64 -16.13
C PRO D 178 -38.60 29.07 -14.81
N SER D 179 -38.79 27.77 -14.71
CA SER D 179 -39.14 27.16 -13.42
C SER D 179 -38.13 27.49 -12.30
N ARG D 180 -36.87 27.69 -12.66
CA ARG D 180 -35.82 27.99 -11.68
C ARG D 180 -35.51 29.49 -11.63
N THR D 181 -35.58 30.17 -12.77
CA THR D 181 -35.20 31.59 -12.81
C THR D 181 -36.31 32.53 -12.38
N GLY D 182 -37.55 32.14 -12.69
CA GLY D 182 -38.69 33.03 -12.48
C GLY D 182 -38.98 33.84 -13.74
N GLN D 183 -38.26 33.57 -14.84
CA GLN D 183 -38.40 34.36 -16.06
C GLN D 183 -38.15 33.58 -17.33
N ASP D 184 -39.16 33.56 -18.19
CA ASP D 184 -39.05 32.91 -19.47
C ASP D 184 -38.40 33.85 -20.48
N ILE D 185 -37.26 33.45 -21.02
CA ILE D 185 -36.61 34.21 -22.09
C ILE D 185 -37.44 34.06 -23.37
N PRO D 186 -38.03 35.17 -23.86
CA PRO D 186 -38.90 35.05 -25.02
C PRO D 186 -38.11 34.93 -26.32
N PRO D 187 -38.69 34.28 -27.35
CA PRO D 187 -38.05 34.11 -28.66
C PRO D 187 -37.54 35.42 -29.27
N GLY D 188 -38.27 36.51 -29.07
CA GLY D 188 -37.80 37.82 -29.50
C GLY D 188 -36.40 38.19 -28.98
N VAL D 189 -36.11 37.83 -27.73
CA VAL D 189 -34.78 38.10 -27.15
C VAL D 189 -33.72 37.19 -27.82
N ILE D 190 -33.99 35.89 -27.85
CA ILE D 190 -33.13 34.94 -28.57
C ILE D 190 -32.82 35.37 -30.02
N HIS D 191 -33.83 35.83 -30.75
CA HIS D 191 -33.61 36.30 -32.12
C HIS D 191 -32.80 37.60 -32.16
N THR D 192 -33.06 38.52 -31.25
CA THR D 192 -32.26 39.73 -31.11
C THR D 192 -30.78 39.36 -30.96
N VAL D 193 -30.48 38.46 -30.04
CA VAL D 193 -29.09 38.15 -29.73
C VAL D 193 -28.47 37.15 -30.69
N ALA D 194 -29.32 36.49 -31.48
CA ALA D 194 -28.87 35.63 -32.60
C ALA D 194 -28.12 36.39 -33.71
N GLN D 195 -28.16 37.72 -33.67
CA GLN D 195 -27.28 38.54 -34.53
C GLN D 195 -25.80 38.23 -34.30
N SER D 196 -25.47 37.79 -33.09
CA SER D 196 -24.09 37.40 -32.77
C SER D 196 -23.74 36.06 -33.41
N ALA D 197 -22.66 36.05 -34.19
CA ALA D 197 -22.08 34.82 -34.73
C ALA D 197 -21.63 33.85 -33.62
N ASN D 198 -21.44 34.38 -32.41
CA ASN D 198 -21.01 33.57 -31.26
C ASN D 198 -22.08 32.79 -30.51
N LEU D 199 -23.33 32.97 -30.92
CA LEU D 199 -24.41 32.17 -30.35
C LEU D 199 -24.42 30.81 -31.03
N ALA D 200 -24.16 29.78 -30.23
CA ALA D 200 -24.20 28.40 -30.69
C ALA D 200 -25.65 27.90 -30.70
N GLY D 201 -26.40 28.25 -29.66
CA GLY D 201 -27.80 27.86 -29.57
C GLY D 201 -28.39 28.04 -28.18
N VAL D 202 -29.40 27.23 -27.88
CA VAL D 202 -30.19 27.38 -26.64
C VAL D 202 -30.38 26.05 -25.90
N GLU D 204 -32.84 24.71 -23.84
CA GLU D 204 -34.24 25.07 -23.67
C GLU D 204 -34.97 24.08 -22.80
N CYS D 205 -35.65 24.60 -21.77
CA CYS D 205 -36.40 23.77 -20.82
C CYS D 205 -37.93 23.99 -20.79
N VAL D 206 -38.49 24.94 -21.56
CA VAL D 206 -39.97 25.12 -21.50
C VAL D 206 -40.79 24.03 -22.21
N GLY D 207 -40.20 23.35 -23.19
CA GLY D 207 -40.89 22.25 -23.88
C GLY D 207 -40.61 22.17 -25.37
N ASN D 208 -40.91 21.01 -25.96
CA ASN D 208 -40.60 20.74 -27.36
C ASN D 208 -41.25 21.72 -28.33
N ASP D 209 -42.36 22.26 -27.86
CA ASP D 209 -43.15 23.19 -28.61
C ASP D 209 -42.34 24.50 -28.77
N ARG D 210 -41.70 24.96 -27.69
CA ARG D 210 -40.76 26.10 -27.81
C ARG D 210 -39.55 25.75 -28.68
N ILE D 211 -39.04 24.53 -28.53
CA ILE D 211 -37.90 24.01 -29.32
C ILE D 211 -38.19 24.09 -30.81
N LYS D 212 -39.36 23.60 -31.23
CA LYS D 212 -39.73 23.62 -32.65
C LYS D 212 -39.75 25.03 -33.22
N GLN D 213 -40.34 25.97 -32.49
CA GLN D 213 -40.28 27.40 -32.83
C GLN D 213 -38.88 27.91 -33.18
N TYR D 214 -37.87 27.48 -32.44
CA TYR D 214 -36.51 27.91 -32.69
C TYR D 214 -35.92 27.18 -33.87
N THR D 215 -36.04 25.85 -33.87
CA THR D 215 -35.42 25.00 -34.89
C THR D 215 -36.00 25.17 -36.29
N ASP D 216 -37.27 25.57 -36.37
CA ASP D 216 -37.89 25.95 -37.65
C ASP D 216 -37.26 27.22 -38.21
N ASN D 217 -36.74 28.05 -37.30
CA ASN D 217 -36.12 29.32 -37.69
C ASN D 217 -34.59 29.30 -37.53
N ARG D 218 -34.02 28.11 -37.76
CA ARG D 218 -32.58 27.90 -37.91
C ARG D 218 -31.73 28.20 -36.64
N ILE D 219 -32.34 28.10 -35.47
CA ILE D 219 -31.59 28.21 -34.22
C ILE D 219 -31.40 26.83 -33.63
N VAL D 220 -30.15 26.51 -33.30
CA VAL D 220 -29.78 25.21 -32.72
C VAL D 220 -30.25 25.12 -31.27
N VAL D 221 -30.85 23.99 -30.92
CA VAL D 221 -31.43 23.83 -29.62
C VAL D 221 -31.00 22.49 -29.04
N TRP D 222 -30.56 22.53 -27.79
CA TRP D 222 -30.42 21.33 -27.00
C TRP D 222 -31.51 21.34 -25.94
N SER D 223 -32.26 20.25 -25.85
CA SER D 223 -33.28 20.12 -24.83
C SER D 223 -32.58 19.98 -23.51
N GLY D 224 -33.11 20.63 -22.49
CA GLY D 224 -32.58 20.56 -21.14
C GLY D 224 -33.35 19.62 -20.24
N ASN D 225 -34.29 18.87 -20.82
CA ASN D 225 -35.16 17.94 -20.07
C ASN D 225 -35.01 16.53 -20.57
N ASP D 226 -34.56 15.63 -19.70
CA ASP D 226 -34.28 14.27 -20.14
C ASP D 226 -35.54 13.54 -20.62
N ASP D 227 -36.68 13.74 -19.95
CA ASP D 227 -37.92 13.06 -20.36
C ASP D 227 -38.44 13.50 -21.73
N GLN D 228 -37.82 14.54 -22.28
CA GLN D 228 -38.28 15.10 -23.55
C GLN D 228 -37.29 14.97 -24.69
N CYS D 229 -36.01 14.77 -24.37
CA CYS D 229 -34.94 14.93 -25.38
C CYS D 229 -35.08 13.99 -26.58
N HIS D 230 -35.61 12.79 -26.35
CA HIS D 230 -35.79 11.85 -27.46
C HIS D 230 -36.69 12.47 -28.53
N ASP D 231 -37.92 12.78 -28.15
CA ASP D 231 -38.87 13.37 -29.08
C ASP D 231 -38.37 14.70 -29.57
N ALA D 232 -37.74 15.48 -28.68
CA ALA D 232 -37.09 16.74 -29.07
C ALA D 232 -36.19 16.52 -30.28
N LYS D 233 -35.33 15.51 -30.19
CA LYS D 233 -34.32 15.23 -31.24
C LYS D 233 -34.93 14.77 -32.56
N TRP D 234 -35.84 13.81 -32.46
CA TRP D 234 -36.32 13.09 -33.62
C TRP D 234 -37.52 13.74 -34.28
N ASP D 235 -38.33 14.45 -33.49
CA ASP D 235 -39.59 15.01 -33.96
C ASP D 235 -39.58 16.54 -34.07
N TYR D 236 -38.73 17.21 -33.28
CA TYR D 236 -38.80 18.68 -33.21
C TYR D 236 -37.54 19.42 -33.65
N GLY D 237 -36.60 18.69 -34.25
CA GLY D 237 -35.40 19.30 -34.81
C GLY D 237 -34.32 19.72 -33.81
N ALA D 238 -34.42 19.22 -32.56
CA ALA D 238 -33.37 19.49 -31.55
C ALA D 238 -32.09 18.77 -31.93
N THR D 239 -30.96 19.48 -31.87
CA THR D 239 -29.66 18.90 -32.16
C THR D 239 -29.27 17.84 -31.11
N GLY D 240 -29.73 18.00 -29.88
CA GLY D 240 -29.45 17.02 -28.84
C GLY D 240 -29.91 17.41 -27.44
N VAL D 241 -29.16 16.97 -26.44
CA VAL D 241 -29.54 17.18 -25.05
C VAL D 241 -28.37 17.78 -24.26
N ILE D 242 -28.71 18.57 -23.25
CA ILE D 242 -27.77 18.81 -22.16
C ILE D 242 -28.37 18.10 -20.97
N SER D 243 -27.73 17.01 -20.58
CA SER D 243 -28.37 15.99 -19.76
C SER D 243 -27.87 15.83 -18.31
N VAL D 244 -28.82 15.55 -17.43
CA VAL D 244 -28.51 15.13 -16.07
C VAL D 244 -28.34 13.62 -16.03
N THR D 245 -29.17 12.91 -16.80
CA THR D 245 -29.28 11.46 -16.67
C THR D 245 -28.08 10.73 -17.25
N SER D 246 -27.42 11.38 -18.21
CA SER D 246 -26.19 10.82 -18.75
C SER D 246 -25.06 10.75 -17.72
N ASN D 247 -25.21 11.43 -16.57
CA ASN D 247 -24.31 11.21 -15.43
C ASN D 247 -24.35 9.77 -14.94
N LEU D 248 -25.50 9.13 -15.12
CA LEU D 248 -25.72 7.78 -14.61
C LEU D 248 -25.66 6.71 -15.72
N ILE D 249 -26.27 7.03 -16.88
CA ILE D 249 -26.41 6.08 -17.99
C ILE D 249 -26.00 6.72 -19.33
N PRO D 250 -24.70 7.03 -19.50
CA PRO D 250 -24.38 7.80 -20.72
C PRO D 250 -24.42 6.96 -22.01
N GLY D 251 -24.17 5.67 -21.91
CA GLY D 251 -24.27 4.77 -23.08
C GLY D 251 -25.68 4.80 -23.66
N LEU D 252 -26.66 4.67 -22.77
CA LEU D 252 -28.08 4.62 -23.15
C LEU D 252 -28.53 5.95 -23.74
N MET D 253 -28.13 7.06 -23.11
CA MET D 253 -28.46 8.37 -23.64
C MET D 253 -27.86 8.56 -25.03
N ARG D 254 -26.61 8.11 -25.21
CA ARG D 254 -25.96 8.18 -26.52
C ARG D 254 -26.84 7.47 -27.57
N GLN D 255 -27.31 6.28 -27.24
CA GLN D 255 -28.17 5.49 -28.14
C GLN D 255 -29.48 6.18 -28.46
N LEU D 256 -30.01 6.96 -27.52
CA LEU D 256 -31.27 7.69 -27.74
C LEU D 256 -31.16 8.72 -28.85
N LEU D 257 -29.96 9.28 -29.02
CA LEU D 257 -29.75 10.44 -29.88
C LEU D 257 -29.00 10.14 -31.18
N PHE D 258 -28.25 9.04 -31.21
CA PHE D 258 -27.41 8.68 -32.36
C PHE D 258 -28.08 7.66 -33.31
N LYS D 259 -28.86 6.73 -32.75
CA LYS D 259 -29.31 5.53 -33.48
C LYS D 259 -30.52 5.72 -34.40
N GLY D 260 -31.38 6.67 -34.09
CA GLY D 260 -32.69 6.82 -34.75
C GLY D 260 -33.77 6.74 -33.68
N LYS D 261 -35.02 6.99 -34.04
CA LYS D 261 -36.13 6.86 -33.09
C LYS D 261 -36.07 5.51 -32.43
N ASN D 262 -36.30 5.51 -31.12
CA ASN D 262 -36.25 4.30 -30.32
C ASN D 262 -37.19 4.44 -29.12
N PRO D 263 -38.50 4.29 -29.35
CA PRO D 263 -39.52 4.50 -28.30
C PRO D 263 -39.36 3.55 -27.11
N SER D 264 -38.87 2.34 -27.33
CA SER D 264 -38.77 1.39 -26.21
C SER D 264 -37.58 1.65 -25.28
N LEU D 265 -36.48 2.16 -25.83
CA LEU D 265 -35.35 2.57 -24.99
C LEU D 265 -35.74 3.81 -24.21
N ASN D 266 -36.34 4.76 -24.91
CA ASN D 266 -36.86 5.97 -24.27
C ASN D 266 -37.74 5.62 -23.08
N ALA D 267 -38.70 4.71 -23.27
CA ALA D 267 -39.62 4.31 -22.19
C ALA D 267 -38.89 3.57 -21.06
N LYS D 268 -37.78 2.91 -21.42
CA LYS D 268 -36.97 2.13 -20.48
C LYS D 268 -36.25 3.01 -19.46
N ILE D 269 -35.84 4.21 -19.86
CA ILE D 269 -35.11 5.13 -18.97
C ILE D 269 -36.04 6.03 -18.15
N MET D 270 -37.30 6.14 -18.58
CA MET D 270 -38.24 7.05 -17.95
C MET D 270 -38.41 6.87 -16.41
N PRO D 271 -38.46 5.62 -15.91
CA PRO D 271 -38.52 5.48 -14.44
C PRO D 271 -37.34 6.14 -13.72
N LEU D 272 -36.16 6.08 -14.34
CA LEU D 272 -34.98 6.68 -13.75
C LEU D 272 -35.12 8.20 -13.80
N VAL D 273 -35.42 8.73 -14.99
CA VAL D 273 -35.66 10.15 -15.17
C VAL D 273 -36.68 10.68 -14.15
N ASN D 274 -37.78 9.98 -13.99
CA ASN D 274 -38.80 10.37 -13.03
C ASN D 274 -38.23 10.46 -11.61
N TRP D 275 -37.48 9.43 -11.19
CA TRP D 275 -36.88 9.38 -9.86
C TRP D 275 -35.87 10.52 -9.64
N LEU D 276 -35.15 10.90 -10.70
CA LEU D 276 -34.12 11.93 -10.62
C LEU D 276 -34.64 13.35 -10.39
N PHE D 277 -35.94 13.55 -10.56
CA PHE D 277 -36.50 14.90 -10.46
C PHE D 277 -37.66 15.02 -9.48
N GLU D 278 -37.80 14.03 -8.61
CA GLU D 278 -38.82 14.07 -7.56
C GLU D 278 -38.54 15.27 -6.67
N GLU D 279 -37.32 15.33 -6.13
CA GLU D 279 -36.79 16.53 -5.48
C GLU D 279 -35.91 17.31 -6.47
N PRO D 280 -35.63 18.59 -6.16
CA PRO D 280 -34.86 19.34 -7.14
C PRO D 280 -33.47 18.75 -7.42
N ASN D 281 -33.19 18.61 -8.70
CA ASN D 281 -31.88 18.30 -9.20
C ASN D 281 -30.90 19.31 -8.58
N PRO D 282 -29.72 18.86 -8.09
CA PRO D 282 -29.11 17.54 -8.24
C PRO D 282 -29.22 16.62 -7.02
N ILE D 283 -30.28 16.76 -6.22
CA ILE D 283 -30.45 15.96 -5.00
C ILE D 283 -30.53 14.47 -5.31
N GLY D 284 -31.36 14.11 -6.27
CA GLY D 284 -31.47 12.73 -6.75
C GLY D 284 -30.13 12.23 -7.26
N LEU D 285 -29.55 12.96 -8.21
CA LEU D 285 -28.25 12.59 -8.78
C LEU D 285 -27.14 12.40 -7.74
N ASN D 286 -26.96 13.39 -6.84
CA ASN D 286 -25.95 13.29 -5.79
C ASN D 286 -26.13 11.98 -4.99
N THR D 287 -27.39 11.67 -4.64
CA THR D 287 -27.73 10.44 -3.90
C THR D 287 -27.46 9.18 -4.73
N ALA D 288 -27.90 9.17 -5.99
CA ALA D 288 -27.65 8.04 -6.91
C ALA D 288 -26.15 7.72 -7.11
N LEU D 289 -25.34 8.74 -7.38
CA LEU D 289 -23.89 8.52 -7.56
C LEU D 289 -23.19 7.99 -6.30
N ALA D 290 -23.58 8.50 -5.14
CA ALA D 290 -23.11 7.94 -3.86
C ALA D 290 -23.51 6.44 -3.75
N GLN D 291 -24.79 6.15 -3.96
CA GLN D 291 -25.28 4.76 -3.97
C GLN D 291 -24.46 3.82 -4.85
N LEU D 292 -23.99 4.31 -5.98
CA LEU D 292 -23.22 3.52 -6.94
C LEU D 292 -21.73 3.46 -6.58
N GLY D 293 -21.36 4.17 -5.51
CA GLY D 293 -19.96 4.26 -5.07
C GLY D 293 -19.00 4.94 -6.04
N VAL D 294 -19.49 5.79 -6.93
CA VAL D 294 -18.59 6.56 -7.81
C VAL D 294 -18.22 7.95 -7.23
N VAL D 295 -18.94 8.35 -6.18
CA VAL D 295 -18.62 9.56 -5.42
C VAL D 295 -18.87 9.28 -3.93
N ARG D 296 -18.20 10.03 -3.07
CA ARG D 296 -18.42 9.97 -1.63
C ARG D 296 -19.80 10.53 -1.30
N PRO D 297 -20.44 10.04 -0.22
CA PRO D 297 -21.75 10.52 0.21
C PRO D 297 -21.66 11.88 0.92
N VAL D 298 -21.08 12.86 0.22
CA VAL D 298 -20.82 14.18 0.82
C VAL D 298 -21.64 15.22 0.06
N PHE D 299 -22.47 15.97 0.79
CA PHE D 299 -23.30 17.03 0.23
C PHE D 299 -22.88 18.37 0.79
N ARG D 300 -22.73 19.33 -0.11
CA ARG D 300 -22.63 20.73 0.25
C ARG D 300 -24.05 21.22 0.47
N LEU D 301 -24.30 21.81 1.64
CA LEU D 301 -25.60 22.38 1.92
C LEU D 301 -25.84 23.52 0.90
N PRO D 302 -27.11 23.80 0.56
CA PRO D 302 -28.37 23.39 1.17
C PRO D 302 -28.94 22.08 0.64
N TYR D 303 -28.16 21.30 -0.11
CA TYR D 303 -28.66 20.00 -0.58
C TYR D 303 -28.46 18.89 0.44
N VAL D 304 -29.43 17.98 0.44
CA VAL D 304 -29.54 16.92 1.45
C VAL D 304 -30.02 15.63 0.71
N PRO D 305 -29.45 14.44 1.04
CA PRO D 305 -29.79 13.23 0.26
C PRO D 305 -31.28 12.85 0.30
N LEU D 306 -31.74 12.12 -0.70
CA LEU D 306 -33.07 11.50 -0.67
C LEU D 306 -33.18 10.52 0.51
N PRO D 307 -34.37 10.40 1.12
CA PRO D 307 -34.53 9.49 2.27
C PRO D 307 -34.34 8.01 1.91
N LEU D 308 -34.38 7.15 2.92
CA LEU D 308 -34.17 5.70 2.76
C LEU D 308 -35.05 5.03 1.69
N ALA D 309 -36.36 5.28 1.74
CA ALA D 309 -37.30 4.59 0.86
C ALA D 309 -36.97 4.88 -0.60
N LYS D 310 -36.52 6.10 -0.88
CA LYS D 310 -36.19 6.51 -2.25
C LYS D 310 -34.93 5.85 -2.74
N ARG D 311 -34.05 5.53 -1.78
CA ARG D 311 -32.78 4.87 -2.06
C ARG D 311 -32.94 3.38 -2.41
N VAL D 312 -33.75 2.67 -1.62
CA VAL D 312 -34.20 1.31 -1.94
C VAL D 312 -34.81 1.33 -3.34
N GLU D 313 -35.77 2.22 -3.54
CA GLU D 313 -36.36 2.38 -4.85
C GLU D 313 -35.29 2.51 -5.95
N PHE D 314 -34.21 3.26 -5.68
CA PHE D 314 -33.14 3.42 -6.66
C PHE D 314 -32.43 2.11 -6.95
N VAL D 315 -32.19 1.31 -5.91
CA VAL D 315 -31.62 -0.03 -6.09
C VAL D 315 -32.45 -0.88 -7.08
N ASN D 316 -33.77 -0.79 -6.96
CA ASN D 316 -34.68 -1.54 -7.83
C ASN D 316 -34.69 -0.99 -9.25
N ILE D 317 -34.55 0.34 -9.37
CA ILE D 317 -34.52 0.97 -10.68
C ILE D 317 -33.29 0.52 -11.44
N VAL D 318 -32.18 0.38 -10.72
CA VAL D 318 -30.92 -0.11 -11.29
C VAL D 318 -31.02 -1.56 -11.76
N LYS D 319 -31.68 -2.41 -10.96
CA LYS D 319 -31.86 -3.82 -11.33
C LYS D 319 -32.66 -3.96 -12.62
N GLU D 320 -33.71 -3.16 -12.74
CA GLU D 320 -34.58 -3.21 -13.92
C GLU D 320 -33.87 -2.79 -15.22
N ILE D 321 -33.05 -1.75 -15.16
CA ILE D 321 -32.29 -1.28 -16.32
C ILE D 321 -31.02 -2.13 -16.54
N GLY D 322 -30.46 -2.67 -15.44
CA GLY D 322 -29.20 -3.41 -15.48
C GLY D 322 -28.01 -2.56 -15.02
N ARG D 323 -27.37 -2.98 -13.91
CA ARG D 323 -26.21 -2.28 -13.33
C ARG D 323 -25.08 -2.00 -14.31
N GLU D 324 -24.93 -2.87 -15.32
CA GLU D 324 -23.87 -2.72 -16.31
C GLU D 324 -24.02 -1.45 -17.15
N ASN D 325 -25.24 -0.90 -17.20
CA ASN D 325 -25.53 0.30 -17.99
C ASN D 325 -25.21 1.58 -17.23
N PHE D 326 -25.01 1.43 -15.91
CA PHE D 326 -24.70 2.54 -15.01
C PHE D 326 -23.19 2.72 -14.81
N VAL D 327 -22.79 3.97 -14.56
CA VAL D 327 -21.38 4.29 -14.32
C VAL D 327 -20.80 3.54 -13.11
N GLY D 328 -19.55 3.13 -13.24
CA GLY D 328 -18.83 2.48 -12.15
C GLY D 328 -19.02 0.97 -12.15
N GLU D 329 -18.34 0.33 -11.20
CA GLU D 329 -18.21 -1.13 -11.19
C GLU D 329 -18.71 -1.73 -9.88
N LYS D 330 -18.84 -0.91 -8.85
CA LYS D 330 -19.24 -1.41 -7.55
C LYS D 330 -20.73 -1.65 -7.50
N ASP D 331 -21.13 -2.71 -6.79
CA ASP D 331 -22.54 -3.01 -6.56
C ASP D 331 -23.23 -1.80 -5.96
N VAL D 332 -24.40 -1.47 -6.48
CA VAL D 332 -25.19 -0.39 -5.89
C VAL D 332 -25.54 -0.75 -4.44
N LYS D 333 -25.36 0.20 -3.54
CA LYS D 333 -25.78 0.04 -2.15
C LYS D 333 -26.95 0.97 -1.90
N VAL D 334 -27.80 0.64 -0.92
CA VAL D 334 -28.87 1.53 -0.47
C VAL D 334 -28.28 2.67 0.39
N LEU D 335 -27.34 2.32 1.28
CA LEU D 335 -26.63 3.24 2.19
C LEU D 335 -27.45 3.57 3.43
N ASP D 336 -26.77 3.80 4.56
CA ASP D 336 -27.45 4.24 5.79
C ASP D 336 -27.60 5.76 5.85
N ASP D 337 -28.52 6.23 6.70
CA ASP D 337 -28.68 7.66 6.88
C ASP D 337 -27.36 8.27 7.34
N ASP D 338 -26.67 7.53 8.22
CA ASP D 338 -25.45 7.98 8.86
C ASP D 338 -24.22 8.00 7.97
N ASP D 339 -24.31 7.44 6.76
CA ASP D 339 -23.18 7.44 5.84
C ASP D 339 -22.98 8.80 5.19
N PHE D 340 -24.00 9.64 5.20
CA PHE D 340 -23.98 10.89 4.47
C PHE D 340 -23.38 12.02 5.30
N ILE D 341 -22.47 12.78 4.70
CA ILE D 341 -21.88 13.92 5.38
C ILE D 341 -22.46 15.19 4.77
N LEU D 342 -22.98 16.07 5.62
CA LEU D 342 -23.48 17.38 5.20
C LEU D 342 -22.52 18.48 5.64
N VAL D 343 -22.11 19.32 4.69
CA VAL D 343 -21.12 20.38 4.97
C VAL D 343 -21.69 21.77 4.69
N GLY D 344 -21.70 22.60 5.74
CA GLY D 344 -22.16 23.99 5.65
C GLY D 344 -21.01 25.00 5.62
N ARG D 345 -19.93 24.71 6.35
CA ARG D 345 -18.73 25.53 6.33
C ARG D 345 -17.59 24.83 5.60
N TYR D 346 -17.21 25.33 4.43
CA TYR D 346 -16.09 24.74 3.66
C TYR D 346 -15.26 25.83 2.96
N SER E 40 9.43 -48.89 -25.65
CA SER E 40 8.43 -48.31 -26.62
C SER E 40 6.99 -48.74 -26.30
N VAL E 41 6.04 -47.91 -26.69
CA VAL E 41 4.62 -48.14 -26.39
C VAL E 41 4.08 -49.49 -26.94
N ASP E 42 4.46 -49.85 -28.16
CA ASP E 42 4.01 -51.11 -28.77
C ASP E 42 4.50 -52.34 -28.04
N ASP E 43 5.71 -52.28 -27.48
CA ASP E 43 6.28 -53.36 -26.68
C ASP E 43 5.47 -53.59 -25.41
N ILE E 44 4.87 -52.52 -24.90
CA ILE E 44 4.02 -52.59 -23.74
C ILE E 44 2.63 -53.04 -24.15
N LYS E 45 2.12 -52.50 -25.25
CA LYS E 45 0.80 -52.86 -25.79
C LYS E 45 0.62 -54.35 -26.03
N SER E 46 1.70 -55.08 -26.22
CA SER E 46 1.60 -56.51 -26.56
C SER E 46 1.67 -57.47 -25.35
N LEU E 47 1.96 -56.96 -24.15
CA LEU E 47 2.11 -57.82 -22.98
C LEU E 47 0.76 -58.42 -22.56
N ARG E 48 0.74 -59.72 -22.30
CA ARG E 48 -0.49 -60.38 -21.89
C ARG E 48 -0.55 -60.65 -20.39
N LEU E 49 0.52 -61.24 -19.85
CA LEU E 49 0.62 -61.53 -18.42
C LEU E 49 1.59 -60.58 -17.72
N ILE E 50 1.02 -59.63 -16.97
CA ILE E 50 1.81 -58.75 -16.11
C ILE E 50 1.50 -59.06 -14.66
N THR E 51 2.56 -59.26 -13.87
CA THR E 51 2.39 -59.57 -12.45
C THR E 51 2.61 -58.33 -11.60
N ALA E 52 1.61 -57.98 -10.77
CA ALA E 52 1.79 -56.94 -9.78
C ALA E 52 2.49 -57.62 -8.60
N ILE E 53 3.82 -57.61 -8.66
CA ILE E 53 4.66 -58.34 -7.72
C ILE E 53 4.56 -57.80 -6.26
N LYS E 54 4.47 -58.74 -5.34
CA LYS E 54 4.49 -58.46 -3.93
C LYS E 54 5.91 -58.06 -3.47
N THR E 55 5.98 -57.17 -2.48
CA THR E 55 7.25 -56.71 -1.93
C THR E 55 7.48 -57.37 -0.58
N PRO E 56 8.48 -58.27 -0.49
CA PRO E 56 8.70 -58.99 0.77
C PRO E 56 9.59 -58.19 1.73
N TYR E 57 9.44 -58.44 3.03
CA TYR E 57 10.12 -57.68 4.09
C TYR E 57 11.02 -58.51 4.97
N LEU E 58 11.99 -57.85 5.59
CA LEU E 58 12.88 -58.43 6.60
C LEU E 58 12.18 -58.20 7.92
N PRO E 59 12.58 -58.91 8.99
CA PRO E 59 11.94 -58.68 10.30
C PRO E 59 11.88 -57.21 10.75
N ASP E 60 12.88 -56.40 10.40
CA ASP E 60 12.87 -55.00 10.83
C ASP E 60 11.98 -54.14 9.93
N GLY E 61 11.50 -54.70 8.81
CA GLY E 61 10.59 -53.96 7.93
C GLY E 61 11.19 -53.43 6.64
N ARG E 62 12.51 -53.53 6.50
CA ARG E 62 13.20 -53.22 5.24
C ARG E 62 12.87 -54.27 4.18
N PHE E 63 13.07 -53.92 2.90
CA PHE E 63 12.82 -54.85 1.81
C PHE E 63 13.75 -56.06 1.91
N ASP E 64 13.20 -57.24 1.67
CA ASP E 64 13.93 -58.49 1.59
C ASP E 64 14.29 -58.73 0.11
N LEU E 65 15.40 -58.16 -0.35
CA LEU E 65 15.80 -58.26 -1.76
C LEU E 65 16.13 -59.68 -2.19
N GLU E 66 16.69 -60.47 -1.27
CA GLU E 66 16.89 -61.90 -1.55
C GLU E 66 15.56 -62.60 -1.91
N ALA E 67 14.54 -62.45 -1.06
CA ALA E 67 13.24 -63.07 -1.34
C ALA E 67 12.58 -62.46 -2.60
N TYR E 68 12.71 -61.16 -2.77
CA TYR E 68 12.15 -60.49 -3.94
C TYR E 68 12.75 -61.02 -5.23
N ASP E 69 14.07 -61.16 -5.25
CA ASP E 69 14.76 -61.61 -6.45
C ASP E 69 14.28 -62.97 -6.89
N ALA E 70 14.04 -63.84 -5.91
CA ALA E 70 13.56 -65.18 -6.15
C ALA E 70 12.14 -65.15 -6.67
N LEU E 71 11.33 -64.22 -6.15
CA LEU E 71 9.96 -64.03 -6.66
C LEU E 71 9.92 -63.63 -8.14
N VAL E 72 10.82 -62.73 -8.54
CA VAL E 72 10.80 -62.24 -9.92
C VAL E 72 11.26 -63.35 -10.88
N ASN E 73 12.29 -64.10 -10.48
CA ASN E 73 12.78 -65.25 -11.25
C ASN E 73 11.72 -66.32 -11.49
N MET E 74 10.96 -66.62 -10.45
CA MET E 74 9.84 -67.55 -10.56
C MET E 74 8.73 -67.02 -11.49
N GLN E 75 8.55 -65.70 -11.48
CA GLN E 75 7.68 -65.08 -12.49
C GLN E 75 8.24 -65.30 -13.89
N ILE E 76 9.54 -65.10 -14.06
CA ILE E 76 10.20 -65.25 -15.36
C ILE E 76 10.17 -66.71 -15.86
N VAL E 77 10.53 -67.64 -15.00
CA VAL E 77 10.51 -69.06 -15.36
C VAL E 77 9.14 -69.45 -15.94
N ASP E 78 8.06 -69.07 -15.26
CA ASP E 78 6.72 -69.43 -15.72
C ASP E 78 6.10 -68.53 -16.78
N GLY E 79 6.90 -67.64 -17.37
CA GLY E 79 6.49 -66.89 -18.56
C GLY E 79 5.73 -65.60 -18.33
N ALA E 80 5.76 -65.07 -17.10
CA ALA E 80 5.27 -63.71 -16.87
C ALA E 80 6.09 -62.76 -17.74
N GLU E 81 5.39 -61.82 -18.38
CA GLU E 81 6.00 -60.96 -19.38
C GLU E 81 6.43 -59.60 -18.85
N GLY E 82 5.73 -59.11 -17.82
CA GLY E 82 6.09 -57.85 -17.19
C GLY E 82 5.79 -57.88 -15.71
N VAL E 83 6.37 -56.93 -14.97
CA VAL E 83 6.01 -56.68 -13.56
C VAL E 83 5.71 -55.22 -13.22
N ILE E 84 4.74 -55.03 -12.35
CA ILE E 84 4.49 -53.73 -11.75
C ILE E 84 5.32 -53.67 -10.46
N VAL E 85 6.14 -52.63 -10.31
CA VAL E 85 6.94 -52.47 -9.10
C VAL E 85 6.35 -51.43 -8.19
N GLY E 86 6.05 -51.86 -6.96
CA GLY E 86 5.37 -51.04 -5.98
C GLY E 86 3.94 -50.67 -6.35
N GLY E 87 3.22 -51.58 -7.01
CA GLY E 87 1.77 -51.39 -7.25
C GLY E 87 0.96 -51.45 -5.96
N THR E 88 -0.36 -51.55 -6.07
CA THR E 88 -1.22 -51.70 -4.90
C THR E 88 -0.83 -53.00 -4.20
N THR E 89 -0.74 -54.06 -4.98
CA THR E 89 -0.29 -55.37 -4.52
C THR E 89 1.11 -55.31 -3.91
N GLY E 90 1.95 -54.45 -4.49
CA GLY E 90 3.34 -54.31 -4.06
C GLY E 90 3.50 -53.37 -2.88
N GLU E 91 2.40 -52.83 -2.37
CA GLU E 91 2.39 -51.93 -1.22
C GLU E 91 3.20 -50.64 -1.46
N GLY E 92 3.13 -50.11 -2.68
CA GLY E 92 3.76 -48.82 -3.00
C GLY E 92 3.34 -47.75 -2.01
N GLN E 93 2.08 -47.81 -1.59
CA GLN E 93 1.49 -46.87 -0.63
C GLN E 93 2.21 -46.81 0.71
N LEU E 94 3.01 -47.82 1.04
CA LEU E 94 3.66 -47.87 2.35
C LEU E 94 5.16 -47.56 2.26
N MET E 95 5.63 -47.33 1.03
CA MET E 95 7.04 -47.12 0.75
C MET E 95 7.37 -45.64 0.85
N SER E 96 8.58 -45.35 1.30
CA SER E 96 9.15 -44.03 1.09
C SER E 96 9.73 -44.06 -0.34
N TRP E 97 9.94 -42.89 -0.95
CA TRP E 97 10.33 -42.88 -2.36
C TRP E 97 11.75 -43.41 -2.64
N ASP E 98 12.70 -43.16 -1.76
CA ASP E 98 14.06 -43.69 -1.97
C ASP E 98 14.08 -45.23 -2.12
N GLU E 99 13.34 -45.89 -1.24
CA GLU E 99 13.07 -47.31 -1.22
C GLU E 99 12.40 -47.81 -2.52
N HIS E 100 11.43 -47.04 -3.02
CA HIS E 100 10.68 -47.39 -4.23
C HIS E 100 11.57 -47.27 -5.46
N ILE E 101 12.17 -46.09 -5.65
CA ILE E 101 13.11 -45.86 -6.74
C ILE E 101 14.25 -46.91 -6.72
N MET E 102 14.73 -47.23 -5.51
CA MET E 102 15.71 -48.30 -5.35
C MET E 102 15.22 -49.65 -5.90
N LEU E 103 14.00 -50.03 -5.53
CA LEU E 103 13.42 -51.31 -5.96
C LEU E 103 13.17 -51.34 -7.47
N ILE E 104 12.71 -50.21 -8.03
CA ILE E 104 12.54 -50.07 -9.49
C ILE E 104 13.89 -50.28 -10.20
N GLY E 105 14.90 -49.52 -9.78
CA GLY E 105 16.23 -49.60 -10.38
C GLY E 105 16.87 -50.96 -10.18
N HIS E 106 16.65 -51.55 -9.00
CA HIS E 106 17.11 -52.89 -8.73
C HIS E 106 16.50 -53.88 -9.73
N THR E 107 15.17 -53.81 -9.92
CA THR E 107 14.46 -54.71 -10.81
C THR E 107 14.96 -54.59 -12.26
N VAL E 108 15.14 -53.35 -12.74
CA VAL E 108 15.67 -53.10 -14.09
C VAL E 108 17.08 -53.69 -14.23
N ASN E 109 17.94 -53.39 -13.25
CA ASN E 109 19.32 -53.84 -13.25
C ASN E 109 19.44 -55.36 -13.31
N CYS E 110 18.67 -56.06 -12.49
CA CYS E 110 18.75 -57.53 -12.38
C CYS E 110 17.90 -58.30 -13.40
N PHE E 111 16.79 -57.71 -13.84
CA PHE E 111 15.81 -58.45 -14.64
C PHE E 111 15.32 -57.76 -15.89
N GLY E 112 15.69 -56.49 -16.09
CA GLY E 112 15.17 -55.69 -17.21
C GLY E 112 15.34 -56.30 -18.60
N GLY E 113 16.28 -57.22 -18.74
CA GLY E 113 16.52 -57.90 -20.00
C GLY E 113 15.55 -59.04 -20.25
N SER E 114 14.98 -59.58 -19.19
CA SER E 114 14.16 -60.79 -19.31
C SER E 114 12.69 -60.51 -19.05
N ILE E 115 12.38 -59.32 -18.56
CA ILE E 115 11.00 -58.99 -18.20
C ILE E 115 10.79 -57.49 -18.30
N LYS E 116 9.58 -57.07 -18.62
CA LYS E 116 9.27 -55.64 -18.66
C LYS E 116 9.01 -55.08 -17.26
N VAL E 117 9.65 -53.94 -16.93
CA VAL E 117 9.54 -53.31 -15.62
C VAL E 117 8.70 -52.03 -15.67
N ILE E 118 7.55 -52.07 -15.01
CA ILE E 118 6.61 -50.94 -14.96
C ILE E 118 6.57 -50.42 -13.52
N GLY E 119 7.11 -49.23 -13.32
CA GLY E 119 7.10 -48.65 -11.96
C GLY E 119 5.76 -48.03 -11.65
N ASN E 120 5.14 -48.37 -10.52
CA ASN E 120 3.96 -47.64 -10.09
C ASN E 120 4.39 -46.29 -9.54
N THR E 121 4.38 -45.28 -10.40
CA THR E 121 4.89 -43.95 -10.04
C THR E 121 3.78 -42.91 -9.97
N GLY E 122 2.54 -43.40 -9.95
CA GLY E 122 1.36 -42.55 -9.78
C GLY E 122 1.12 -42.12 -8.34
N SER E 123 0.21 -41.18 -8.15
CA SER E 123 -0.03 -40.57 -6.83
C SER E 123 -1.24 -39.64 -6.91
N ASN E 124 -1.81 -39.31 -5.76
CA ASN E 124 -2.87 -38.30 -5.72
C ASN E 124 -2.32 -36.87 -5.79
N SER E 125 -1.00 -36.76 -5.69
CA SER E 125 -0.30 -35.50 -5.75
C SER E 125 0.45 -35.43 -7.07
N THR E 126 0.15 -34.41 -7.89
CA THR E 126 0.78 -34.27 -9.21
C THR E 126 2.30 -34.13 -9.10
N ARG E 127 2.73 -33.29 -8.15
CA ARG E 127 4.15 -33.10 -7.88
C ARG E 127 4.87 -34.41 -7.63
N GLU E 128 4.30 -35.30 -6.80
CA GLU E 128 4.89 -36.60 -6.56
C GLU E 128 4.92 -37.49 -7.80
N ALA E 129 3.81 -37.46 -8.54
CA ALA E 129 3.65 -38.21 -9.79
C ALA E 129 4.70 -37.79 -10.83
N ILE E 130 4.86 -36.48 -11.01
CA ILE E 130 5.83 -35.91 -11.93
C ILE E 130 7.21 -36.38 -11.53
N HIS E 131 7.50 -36.21 -10.25
CA HIS E 131 8.82 -36.43 -9.70
C HIS E 131 9.22 -37.91 -9.74
N ALA E 132 8.37 -38.77 -9.18
CA ALA E 132 8.62 -40.22 -9.21
C ALA E 132 8.72 -40.78 -10.63
N THR E 133 7.87 -40.29 -11.54
CA THR E 133 7.83 -40.82 -12.91
C THR E 133 9.13 -40.51 -13.67
N GLU E 134 9.61 -39.27 -13.60
CA GLU E 134 10.85 -38.94 -14.29
C GLU E 134 12.04 -39.64 -13.65
N GLN E 135 12.05 -39.77 -12.32
CA GLN E 135 13.15 -40.51 -11.68
C GLN E 135 13.06 -41.99 -12.02
N GLY E 136 11.85 -42.54 -12.03
CA GLY E 136 11.64 -43.92 -12.45
C GLY E 136 12.13 -44.24 -13.85
N PHE E 137 11.80 -43.37 -14.81
CA PHE E 137 12.29 -43.57 -16.15
C PHE E 137 13.81 -43.39 -16.25
N ALA E 138 14.35 -42.44 -15.47
CA ALA E 138 15.78 -42.19 -15.47
C ALA E 138 16.60 -43.43 -15.06
N VAL E 139 16.07 -44.26 -14.17
CA VAL E 139 16.77 -45.49 -13.79
C VAL E 139 16.44 -46.68 -14.72
N GLY E 140 15.69 -46.39 -15.77
CA GLY E 140 15.44 -47.36 -16.83
C GLY E 140 14.18 -48.20 -16.77
N MET E 141 13.16 -47.79 -16.02
CA MET E 141 11.87 -48.50 -16.11
C MET E 141 11.28 -48.36 -17.52
N HIS E 142 10.51 -49.38 -17.93
CA HIS E 142 9.96 -49.43 -19.28
C HIS E 142 8.64 -48.66 -19.45
N ALA E 143 7.87 -48.50 -18.38
CA ALA E 143 6.56 -47.86 -18.44
C ALA E 143 6.19 -47.37 -17.05
N ALA E 144 5.19 -46.50 -16.97
CA ALA E 144 4.65 -46.06 -15.67
C ALA E 144 3.18 -46.46 -15.57
N LEU E 145 2.77 -46.87 -14.37
CA LEU E 145 1.37 -47.04 -14.06
C LEU E 145 0.90 -45.78 -13.33
N HIS E 146 -0.22 -45.21 -13.80
CA HIS E 146 -0.78 -43.97 -13.23
C HIS E 146 -2.28 -44.05 -12.89
N ILE E 147 -2.55 -44.11 -11.59
CA ILE E 147 -3.90 -44.07 -11.06
C ILE E 147 -4.41 -42.62 -11.09
N ASN E 148 -5.72 -42.44 -11.01
CA ASN E 148 -6.25 -41.10 -10.81
C ASN E 148 -6.11 -40.71 -9.34
N PRO E 149 -5.98 -39.40 -9.07
CA PRO E 149 -5.84 -38.99 -7.70
C PRO E 149 -6.97 -39.49 -6.81
N TYR E 150 -6.61 -40.32 -5.83
CA TYR E 150 -7.51 -40.94 -4.88
C TYR E 150 -7.56 -40.12 -3.59
N TYR E 151 -8.61 -40.36 -2.79
CA TYR E 151 -8.82 -39.64 -1.53
C TYR E 151 -9.05 -38.13 -1.77
N GLY E 152 -7.99 -37.38 -2.11
CA GLY E 152 -8.13 -35.99 -2.56
C GLY E 152 -8.52 -35.95 -4.03
N LYS E 153 -9.71 -36.46 -4.31
CA LYS E 153 -10.30 -36.48 -5.64
C LYS E 153 -10.33 -35.10 -6.34
N THR E 154 -10.04 -35.06 -7.63
CA THR E 154 -10.15 -33.82 -8.39
C THR E 154 -11.25 -33.93 -9.47
N SER E 155 -11.47 -32.83 -10.19
CA SER E 155 -12.47 -32.73 -11.25
C SER E 155 -11.97 -33.38 -12.52
N LEU E 156 -12.87 -33.58 -13.47
CA LEU E 156 -12.48 -34.18 -14.74
C LEU E 156 -11.44 -33.32 -15.47
N GLU E 157 -11.59 -32.00 -15.40
CA GLU E 157 -10.59 -31.09 -15.94
C GLU E 157 -9.24 -31.30 -15.27
N GLY E 158 -9.23 -31.37 -13.94
CA GLY E 158 -8.03 -31.65 -13.17
C GLY E 158 -7.40 -32.99 -13.50
N LEU E 159 -8.23 -34.01 -13.71
CA LEU E 159 -7.74 -35.33 -14.14
C LEU E 159 -6.89 -35.25 -15.40
N VAL E 160 -7.41 -34.55 -16.40
CA VAL E 160 -6.71 -34.35 -17.66
C VAL E 160 -5.38 -33.63 -17.38
N SER E 161 -5.43 -32.57 -16.58
CA SER E 161 -4.20 -31.85 -16.21
C SER E 161 -3.22 -32.79 -15.54
N HIS E 162 -3.72 -33.60 -14.61
CA HIS E 162 -2.86 -34.53 -13.88
C HIS E 162 -2.18 -35.48 -14.86
N PHE E 163 -2.99 -36.14 -15.67
CA PHE E 163 -2.49 -37.15 -16.61
C PHE E 163 -1.54 -36.57 -17.66
N GLU E 164 -1.85 -35.37 -18.14
CA GLU E 164 -1.01 -34.69 -19.13
C GLU E 164 0.34 -34.19 -18.59
N SER E 165 0.45 -34.11 -17.28
CA SER E 165 1.73 -33.78 -16.65
C SER E 165 2.73 -34.93 -16.73
N VAL E 166 2.25 -36.16 -16.87
CA VAL E 166 3.17 -37.30 -16.86
C VAL E 166 3.21 -38.12 -18.14
N LEU E 167 2.15 -38.04 -18.94
CA LEU E 167 2.12 -38.76 -20.21
C LEU E 167 3.32 -38.49 -21.13
N PRO E 168 3.82 -37.22 -21.15
CA PRO E 168 4.94 -36.99 -22.06
C PRO E 168 6.21 -37.78 -21.72
N MET E 169 6.31 -38.26 -20.48
CA MET E 169 7.56 -38.88 -20.01
C MET E 169 7.89 -40.26 -20.59
N GLY E 170 6.87 -41.01 -20.99
CA GLY E 170 7.11 -42.35 -21.50
C GLY E 170 5.86 -43.18 -21.53
N PRO E 171 5.99 -44.45 -21.96
CA PRO E 171 4.84 -45.37 -22.04
C PRO E 171 4.10 -45.39 -20.71
N THR E 172 2.79 -45.18 -20.77
CA THR E 172 1.97 -45.03 -19.58
C THR E 172 0.76 -45.96 -19.63
N VAL E 173 0.48 -46.60 -18.49
CA VAL E 173 -0.77 -47.32 -18.28
C VAL E 173 -1.58 -46.57 -17.23
N ILE E 174 -2.79 -46.17 -17.62
CA ILE E 174 -3.69 -45.51 -16.72
C ILE E 174 -4.49 -46.57 -15.96
N TYR E 175 -4.70 -46.33 -14.68
CA TYR E 175 -5.21 -47.33 -13.79
C TYR E 175 -6.53 -46.82 -13.18
N ASN E 176 -7.62 -47.50 -13.52
CA ASN E 176 -8.95 -47.16 -12.98
C ASN E 176 -9.42 -48.21 -11.97
N VAL E 177 -9.59 -47.80 -10.74
CA VAL E 177 -10.10 -48.71 -9.70
C VAL E 177 -10.98 -47.90 -8.72
N PRO E 178 -12.19 -47.50 -9.18
CA PRO E 178 -13.02 -46.62 -8.33
C PRO E 178 -13.40 -47.17 -6.97
N SER E 179 -13.43 -48.51 -6.81
CA SER E 179 -13.62 -49.07 -5.46
C SER E 179 -12.60 -48.51 -4.49
N ARG E 180 -11.34 -48.41 -4.93
CA ARG E 180 -10.26 -47.92 -4.07
C ARG E 180 -10.13 -46.41 -4.07
N THR E 181 -10.36 -45.79 -5.22
CA THR E 181 -10.10 -44.36 -5.39
C THR E 181 -11.26 -43.45 -5.04
N GLY E 182 -12.49 -43.96 -5.22
CA GLY E 182 -13.70 -43.14 -5.04
C GLY E 182 -14.11 -42.36 -6.28
N GLN E 183 -13.40 -42.57 -7.38
CA GLN E 183 -13.69 -41.86 -8.61
C GLN E 183 -13.47 -42.74 -9.81
N ASP E 184 -14.51 -42.89 -10.61
CA ASP E 184 -14.46 -43.69 -11.81
C ASP E 184 -13.96 -42.82 -12.94
N ILE E 185 -12.85 -43.21 -13.56
CA ILE E 185 -12.33 -42.47 -14.71
C ILE E 185 -13.27 -42.72 -15.89
N PRO E 186 -13.97 -41.66 -16.36
CA PRO E 186 -14.91 -41.83 -17.47
C PRO E 186 -14.17 -42.07 -18.79
N PRO E 187 -14.74 -42.92 -19.65
CA PRO E 187 -14.11 -43.21 -20.94
C PRO E 187 -13.75 -41.93 -21.72
N GLY E 188 -14.61 -40.90 -21.66
CA GLY E 188 -14.31 -39.59 -22.24
C GLY E 188 -12.96 -39.02 -21.85
N VAL E 189 -12.61 -39.09 -20.57
CA VAL E 189 -11.26 -38.71 -20.10
C VAL E 189 -10.16 -39.57 -20.74
N ILE E 190 -10.38 -40.89 -20.80
CA ILE E 190 -9.40 -41.78 -21.41
C ILE E 190 -9.18 -41.43 -22.87
N HIS E 191 -10.28 -41.16 -23.58
CA HIS E 191 -10.20 -40.78 -24.99
C HIS E 191 -9.52 -39.42 -25.20
N THR E 192 -9.76 -38.48 -24.29
CA THR E 192 -9.10 -37.19 -24.32
C THR E 192 -7.58 -37.38 -24.23
N VAL E 193 -7.10 -38.08 -23.22
CA VAL E 193 -5.65 -38.21 -23.03
C VAL E 193 -4.98 -39.18 -24.02
N ALA E 194 -5.78 -39.98 -24.71
CA ALA E 194 -5.27 -40.95 -25.69
C ALA E 194 -4.73 -40.29 -26.97
N GLN E 195 -4.86 -38.97 -27.08
CA GLN E 195 -4.20 -38.18 -28.11
C GLN E 195 -2.68 -38.25 -27.95
N SER E 196 -2.20 -38.55 -26.74
CA SER E 196 -0.79 -38.82 -26.52
C SER E 196 -0.44 -40.18 -27.06
N ALA E 197 0.65 -40.25 -27.82
CA ALA E 197 1.17 -41.51 -28.31
C ALA E 197 1.78 -42.36 -27.19
N ASN E 198 1.95 -41.77 -26.00
CA ASN E 198 2.52 -42.50 -24.86
C ASN E 198 1.52 -43.30 -24.03
N LEU E 199 0.23 -43.12 -24.31
CA LEU E 199 -0.78 -43.98 -23.69
C LEU E 199 -0.70 -45.38 -24.26
N ALA E 200 -0.25 -46.32 -23.42
CA ALA E 200 -0.23 -47.72 -23.79
C ALA E 200 -1.61 -48.35 -23.70
N GLY E 201 -2.34 -48.01 -22.63
CA GLY E 201 -3.67 -48.55 -22.41
C GLY E 201 -4.14 -48.37 -20.99
N VAL E 202 -5.13 -49.16 -20.59
CA VAL E 202 -5.81 -48.99 -19.32
C VAL E 202 -5.81 -50.26 -18.49
N GLU E 204 -8.04 -51.72 -16.22
CA GLU E 204 -9.42 -51.45 -15.86
C GLU E 204 -9.93 -52.44 -14.84
N CYS E 205 -10.60 -51.93 -13.80
CA CYS E 205 -11.07 -52.75 -12.70
C CYS E 205 -12.59 -52.72 -12.49
N VAL E 206 -13.31 -51.88 -13.24
CA VAL E 206 -14.76 -51.77 -13.00
C VAL E 206 -15.53 -53.02 -13.47
N GLY E 207 -15.01 -53.71 -14.49
CA GLY E 207 -15.66 -54.90 -15.00
C GLY E 207 -15.50 -55.04 -16.50
N ASN E 208 -15.76 -56.25 -17.00
CA ASN E 208 -15.63 -56.60 -18.42
C ASN E 208 -16.46 -55.77 -19.40
N ASP E 209 -17.61 -55.28 -18.94
CA ASP E 209 -18.46 -54.49 -19.81
C ASP E 209 -17.79 -53.15 -20.13
N ARG E 210 -17.11 -52.56 -19.14
CA ARG E 210 -16.31 -51.37 -19.37
C ARG E 210 -15.15 -51.67 -20.31
N ILE E 211 -14.44 -52.75 -20.04
CA ILE E 211 -13.36 -53.18 -20.93
C ILE E 211 -13.79 -53.16 -22.41
N LYS E 212 -14.94 -53.80 -22.71
CA LYS E 212 -15.46 -53.88 -24.07
C LYS E 212 -15.72 -52.51 -24.69
N GLN E 213 -16.22 -51.57 -23.88
CA GLN E 213 -16.43 -50.18 -24.32
C GLN E 213 -15.15 -49.55 -24.85
N TYR E 214 -14.01 -49.97 -24.28
CA TYR E 214 -12.71 -49.48 -24.69
C TYR E 214 -12.17 -50.27 -25.87
N THR E 215 -12.24 -51.58 -25.77
CA THR E 215 -11.61 -52.43 -26.80
C THR E 215 -12.32 -52.37 -28.15
N ASP E 216 -13.60 -52.00 -28.14
CA ASP E 216 -14.33 -51.75 -29.37
C ASP E 216 -13.88 -50.45 -29.98
N ASN E 217 -13.37 -49.54 -29.15
CA ASN E 217 -12.95 -48.22 -29.59
C ASN E 217 -11.47 -47.98 -29.66
N ARG E 218 -10.72 -49.00 -30.07
CA ARG E 218 -9.29 -48.87 -30.37
C ARG E 218 -8.35 -48.76 -29.14
N ILE E 219 -8.90 -48.96 -27.94
CA ILE E 219 -8.11 -48.84 -26.71
C ILE E 219 -7.67 -50.20 -26.10
N VAL E 220 -6.36 -50.33 -25.85
CA VAL E 220 -5.81 -51.54 -25.24
C VAL E 220 -6.16 -51.60 -23.75
N VAL E 221 -6.65 -52.75 -23.30
CA VAL E 221 -7.00 -52.89 -21.89
C VAL E 221 -6.41 -54.16 -21.28
N TRP E 222 -5.85 -54.00 -20.08
CA TRP E 222 -5.53 -55.14 -19.21
C TRP E 222 -6.57 -55.16 -18.12
N SER E 223 -7.12 -56.35 -17.87
CA SER E 223 -8.03 -56.55 -16.77
C SER E 223 -7.21 -56.52 -15.49
N GLY E 224 -7.76 -55.88 -14.47
CA GLY E 224 -7.15 -55.88 -13.15
C GLY E 224 -7.85 -56.81 -12.18
N ASN E 225 -8.73 -57.67 -12.71
CA ASN E 225 -9.52 -58.59 -11.92
C ASN E 225 -9.28 -60.04 -12.37
N ASP E 226 -8.58 -60.80 -11.55
CA ASP E 226 -8.26 -62.19 -11.88
C ASP E 226 -9.49 -63.08 -12.11
N ASP E 227 -10.57 -62.82 -11.36
CA ASP E 227 -11.80 -63.59 -11.50
C ASP E 227 -12.56 -63.22 -12.78
N GLN E 228 -12.03 -62.26 -13.53
CA GLN E 228 -12.68 -61.80 -14.75
C GLN E 228 -11.81 -61.90 -15.98
N CYS E 229 -10.51 -62.14 -15.77
CA CYS E 229 -9.51 -61.88 -16.82
C CYS E 229 -9.50 -62.88 -17.97
N HIS E 230 -9.87 -64.13 -17.68
CA HIS E 230 -10.05 -65.16 -18.71
C HIS E 230 -11.11 -64.71 -19.73
N ASP E 231 -12.30 -64.38 -19.21
CA ASP E 231 -13.41 -63.86 -20.02
C ASP E 231 -13.16 -62.50 -20.66
N ALA E 232 -12.40 -61.65 -19.98
CA ALA E 232 -12.01 -60.36 -20.53
C ALA E 232 -11.19 -60.57 -21.80
N LYS E 233 -10.29 -61.55 -21.72
CA LYS E 233 -9.39 -61.83 -22.81
C LYS E 233 -10.10 -62.46 -24.03
N TRP E 234 -11.05 -63.37 -23.79
CA TRP E 234 -11.63 -64.14 -24.89
C TRP E 234 -12.99 -63.63 -25.36
N ASP E 235 -13.73 -62.98 -24.46
CA ASP E 235 -15.03 -62.45 -24.83
C ASP E 235 -15.11 -60.93 -24.94
N TYR E 236 -14.18 -60.19 -24.35
CA TYR E 236 -14.32 -58.72 -24.32
C TYR E 236 -13.15 -57.92 -24.86
N GLY E 237 -12.23 -58.58 -25.56
CA GLY E 237 -11.20 -57.91 -26.35
C GLY E 237 -9.94 -57.47 -25.60
N ALA E 238 -9.86 -57.79 -24.30
CA ALA E 238 -8.69 -57.43 -23.48
C ALA E 238 -7.39 -58.07 -24.01
N THR E 239 -6.30 -57.32 -23.89
CA THR E 239 -4.98 -57.80 -24.31
C THR E 239 -4.40 -58.77 -23.30
N GLY E 240 -4.76 -58.60 -22.04
CA GLY E 240 -4.31 -59.48 -20.97
C GLY E 240 -4.76 -59.08 -19.58
N VAL E 241 -3.93 -59.40 -18.60
CA VAL E 241 -4.22 -59.14 -17.18
C VAL E 241 -3.02 -58.46 -16.49
N ILE E 242 -3.32 -57.59 -15.53
CA ILE E 242 -2.33 -57.17 -14.57
C ILE E 242 -2.73 -57.84 -13.26
N SER E 243 -2.00 -58.89 -12.91
CA SER E 243 -2.52 -59.91 -12.01
C SER E 243 -2.01 -59.88 -10.60
N VAL E 244 -2.91 -60.14 -9.66
CA VAL E 244 -2.53 -60.45 -8.28
C VAL E 244 -2.20 -61.95 -8.17
N THR E 245 -3.10 -62.78 -8.67
CA THR E 245 -3.06 -64.24 -8.49
C THR E 245 -1.82 -64.90 -9.09
N SER E 246 -1.29 -64.31 -10.14
CA SER E 246 -0.08 -64.83 -10.75
C SER E 246 1.16 -64.81 -9.82
N ASN E 247 1.14 -64.00 -8.75
CA ASN E 247 2.20 -64.10 -7.73
C ASN E 247 2.29 -65.53 -7.17
N LEU E 248 1.14 -66.21 -7.14
CA LEU E 248 1.01 -67.57 -6.58
C LEU E 248 1.08 -68.70 -7.63
N ILE E 249 0.39 -68.52 -8.76
CA ILE E 249 0.30 -69.59 -9.76
C ILE E 249 0.59 -69.08 -11.19
N PRO E 250 1.80 -68.51 -11.41
CA PRO E 250 2.02 -67.79 -12.64
C PRO E 250 1.83 -68.68 -13.89
N GLY E 251 2.26 -69.93 -13.82
CA GLY E 251 2.06 -70.90 -14.92
C GLY E 251 0.59 -71.09 -15.29
N LEU E 252 -0.26 -71.25 -14.28
CA LEU E 252 -1.69 -71.45 -14.54
C LEU E 252 -2.35 -70.20 -15.14
N MET E 253 -1.97 -69.02 -14.65
CA MET E 253 -2.50 -67.77 -15.20
C MET E 253 -2.07 -67.58 -16.64
N ARG E 254 -0.83 -67.95 -16.95
CA ARG E 254 -0.33 -67.86 -18.30
C ARG E 254 -1.22 -68.70 -19.24
N GLN E 255 -1.43 -69.97 -18.88
CA GLN E 255 -2.29 -70.87 -19.65
C GLN E 255 -3.63 -70.24 -19.99
N LEU E 256 -4.26 -69.60 -19.00
CA LEU E 256 -5.57 -68.95 -19.16
C LEU E 256 -5.63 -67.84 -20.23
N LEU E 257 -4.51 -67.18 -20.48
CA LEU E 257 -4.50 -66.06 -21.42
C LEU E 257 -3.86 -66.44 -22.75
N PHE E 258 -3.14 -67.55 -22.76
CA PHE E 258 -2.31 -67.90 -23.92
C PHE E 258 -2.91 -69.00 -24.79
N LYS E 259 -3.73 -69.88 -24.21
CA LYS E 259 -4.08 -71.13 -24.90
C LYS E 259 -5.49 -71.24 -25.51
N GLY E 260 -6.39 -70.32 -25.17
CA GLY E 260 -7.79 -70.36 -25.65
C GLY E 260 -8.78 -70.59 -24.52
N LYS E 261 -10.07 -70.38 -24.78
CA LYS E 261 -11.10 -70.55 -23.75
C LYS E 261 -10.98 -71.89 -23.02
N ASN E 262 -10.87 -71.83 -21.71
CA ASN E 262 -10.72 -73.02 -20.89
C ASN E 262 -11.57 -72.92 -19.63
N PRO E 263 -12.90 -73.16 -19.76
CA PRO E 263 -13.83 -72.93 -18.65
C PRO E 263 -13.50 -73.74 -17.39
N SER E 264 -12.86 -74.89 -17.54
CA SER E 264 -12.55 -75.74 -16.40
C SER E 264 -11.28 -75.32 -15.64
N LEU E 265 -10.24 -74.89 -16.36
CA LEU E 265 -9.09 -74.27 -15.69
C LEU E 265 -9.50 -72.97 -14.97
N ASN E 266 -10.27 -72.12 -15.65
CA ASN E 266 -10.82 -70.93 -15.02
C ASN E 266 -11.62 -71.26 -13.75
N ALA E 267 -12.50 -72.25 -13.83
CA ALA E 267 -13.25 -72.67 -12.63
C ALA E 267 -12.33 -73.23 -11.52
N LYS E 268 -11.19 -73.78 -11.91
CA LYS E 268 -10.25 -74.39 -10.97
C LYS E 268 -9.52 -73.35 -10.08
N ILE E 269 -9.22 -72.18 -10.63
CA ILE E 269 -8.51 -71.13 -9.89
C ILE E 269 -9.47 -70.28 -9.05
N MET E 270 -10.75 -70.31 -9.38
CA MET E 270 -11.72 -69.43 -8.74
C MET E 270 -11.73 -69.49 -7.20
N PRO E 271 -11.68 -70.69 -6.60
CA PRO E 271 -11.59 -70.71 -5.14
C PRO E 271 -10.33 -70.02 -4.56
N LEU E 272 -9.20 -70.14 -5.26
CA LEU E 272 -8.00 -69.37 -4.89
C LEU E 272 -8.24 -67.85 -5.00
N VAL E 273 -8.78 -67.41 -6.13
CA VAL E 273 -9.09 -65.99 -6.34
C VAL E 273 -10.05 -65.44 -5.27
N ASN E 274 -11.17 -66.15 -5.06
CA ASN E 274 -12.13 -65.74 -4.05
C ASN E 274 -11.49 -65.58 -2.67
N TRP E 275 -10.63 -66.54 -2.31
CA TRP E 275 -9.83 -66.47 -1.08
C TRP E 275 -8.93 -65.22 -1.05
N LEU E 276 -8.23 -64.95 -2.15
CA LEU E 276 -7.32 -63.80 -2.23
C LEU E 276 -7.96 -62.44 -2.00
N PHE E 277 -9.27 -62.34 -2.19
CA PHE E 277 -9.96 -61.04 -2.11
C PHE E 277 -11.06 -60.96 -1.08
N GLU E 278 -11.08 -61.90 -0.14
CA GLU E 278 -12.05 -61.85 0.94
C GLU E 278 -11.80 -60.62 1.81
N GLU E 279 -10.52 -60.33 2.05
CA GLU E 279 -10.11 -59.04 2.63
C GLU E 279 -9.38 -58.26 1.54
N PRO E 280 -9.21 -56.92 1.75
CA PRO E 280 -8.56 -56.12 0.70
C PRO E 280 -7.16 -56.63 0.37
N ASN E 281 -6.92 -56.82 -0.93
CA ASN E 281 -5.60 -57.12 -1.47
C ASN E 281 -4.64 -56.02 -1.03
N PRO E 282 -3.39 -56.37 -0.61
CA PRO E 282 -2.71 -57.67 -0.68
C PRO E 282 -2.66 -58.48 0.61
N ILE E 283 -3.64 -58.34 1.50
CA ILE E 283 -3.63 -59.11 2.75
C ILE E 283 -3.58 -60.62 2.48
N GLY E 284 -4.45 -61.09 1.60
CA GLY E 284 -4.52 -62.52 1.26
C GLY E 284 -3.25 -63.02 0.62
N LEU E 285 -2.78 -62.29 -0.39
CA LEU E 285 -1.52 -62.59 -1.03
C LEU E 285 -0.33 -62.66 -0.07
N ASN E 286 -0.15 -61.62 0.75
CA ASN E 286 0.91 -61.59 1.77
C ASN E 286 0.86 -62.83 2.65
N THR E 287 -0.35 -63.17 3.13
CA THR E 287 -0.57 -64.35 3.95
C THR E 287 -0.15 -65.61 3.19
N ALA E 288 -0.63 -65.78 1.96
CA ALA E 288 -0.39 -66.99 1.17
C ALA E 288 1.07 -67.21 0.80
N LEU E 289 1.78 -66.14 0.46
CA LEU E 289 3.21 -66.24 0.16
C LEU E 289 4.05 -66.61 1.36
N ALA E 290 3.66 -66.13 2.54
CA ALA E 290 4.31 -66.53 3.78
C ALA E 290 4.07 -68.03 4.03
N GLN E 291 2.81 -68.47 3.89
CA GLN E 291 2.45 -69.90 3.98
C GLN E 291 3.24 -70.78 3.02
N LEU E 292 3.47 -70.30 1.81
CA LEU E 292 4.27 -71.03 0.84
C LEU E 292 5.78 -70.98 1.15
N GLY E 293 6.17 -70.16 2.11
CA GLY E 293 7.56 -70.03 2.50
C GLY E 293 8.45 -69.29 1.52
N VAL E 294 7.86 -68.57 0.57
CA VAL E 294 8.69 -67.80 -0.39
C VAL E 294 8.98 -66.36 0.11
N VAL E 295 8.22 -65.90 1.09
CA VAL E 295 8.52 -64.65 1.79
C VAL E 295 8.48 -64.90 3.30
N ARG E 296 9.10 -64.01 4.07
CA ARG E 296 9.01 -64.00 5.52
C ARG E 296 7.63 -63.54 5.98
N PRO E 297 7.16 -64.06 7.13
CA PRO E 297 5.85 -63.63 7.62
C PRO E 297 5.92 -62.23 8.27
N VAL E 298 6.28 -61.22 7.47
CA VAL E 298 6.47 -59.87 7.97
C VAL E 298 5.52 -58.96 7.20
N PHE E 299 4.71 -58.20 7.92
CA PHE E 299 3.70 -57.31 7.37
C PHE E 299 4.02 -55.91 7.81
N ARG E 300 3.92 -54.97 6.89
CA ARG E 300 3.96 -53.56 7.20
C ARG E 300 2.52 -53.17 7.45
N LEU E 301 2.30 -52.52 8.58
CA LEU E 301 1.01 -52.00 8.94
C LEU E 301 0.62 -50.90 7.90
N PRO E 302 -0.69 -50.72 7.62
CA PRO E 302 -1.88 -51.21 8.29
C PRO E 302 -2.34 -52.64 7.95
N TYR E 303 -1.57 -53.37 7.15
CA TYR E 303 -1.95 -54.74 6.79
C TYR E 303 -1.59 -55.74 7.86
N VAL E 304 -2.40 -56.78 7.93
CA VAL E 304 -2.37 -57.74 9.01
C VAL E 304 -2.81 -59.07 8.39
N PRO E 305 -2.18 -60.20 8.78
CA PRO E 305 -2.46 -61.45 8.04
C PRO E 305 -3.91 -61.91 8.17
N LEU E 306 -4.33 -62.76 7.23
CA LEU E 306 -5.60 -63.46 7.38
C LEU E 306 -5.54 -64.35 8.65
N PRO E 307 -6.67 -64.48 9.38
CA PRO E 307 -6.69 -65.32 10.60
C PRO E 307 -6.47 -66.82 10.35
N LEU E 308 -6.26 -67.55 11.45
CA LEU E 308 -5.99 -68.99 11.46
C LEU E 308 -6.91 -69.83 10.55
N ALA E 309 -8.22 -69.59 10.62
CA ALA E 309 -9.19 -70.36 9.86
C ALA E 309 -8.97 -70.24 8.34
N LYS E 310 -8.69 -69.02 7.88
CA LYS E 310 -8.43 -68.77 6.46
C LYS E 310 -7.12 -69.41 5.98
N ARG E 311 -6.14 -69.46 6.87
CA ARG E 311 -4.82 -70.03 6.60
C ARG E 311 -4.90 -71.55 6.42
N VAL E 312 -5.73 -72.19 7.25
CA VAL E 312 -6.08 -73.60 7.11
C VAL E 312 -6.74 -73.83 5.74
N GLU E 313 -7.69 -72.97 5.43
CA GLU E 313 -8.43 -73.02 4.18
C GLU E 313 -7.47 -72.98 3.01
N PHE E 314 -6.47 -72.12 3.09
CA PHE E 314 -5.47 -72.00 2.03
C PHE E 314 -4.65 -73.28 1.80
N VAL E 315 -4.32 -73.98 2.89
CA VAL E 315 -3.63 -75.27 2.78
C VAL E 315 -4.47 -76.27 1.97
N ASN E 316 -5.79 -76.29 2.20
CA ASN E 316 -6.70 -77.13 1.41
C ASN E 316 -6.81 -76.65 -0.05
N ILE E 317 -6.90 -75.34 -0.25
CA ILE E 317 -6.91 -74.77 -1.62
C ILE E 317 -5.67 -75.19 -2.40
N VAL E 318 -4.50 -75.10 -1.77
CA VAL E 318 -3.24 -75.54 -2.41
C VAL E 318 -3.29 -77.04 -2.77
N LYS E 319 -3.86 -77.83 -1.87
CA LYS E 319 -3.98 -79.28 -2.07
C LYS E 319 -4.81 -79.60 -3.30
N GLU E 320 -5.95 -78.95 -3.40
CA GLU E 320 -6.90 -79.12 -4.50
C GLU E 320 -6.30 -78.78 -5.87
N ILE E 321 -5.66 -77.61 -5.95
CA ILE E 321 -5.03 -77.16 -7.18
C ILE E 321 -3.73 -77.90 -7.48
N GLY E 322 -3.00 -78.30 -6.45
CA GLY E 322 -1.71 -78.98 -6.60
C GLY E 322 -0.51 -78.10 -6.29
N ARG E 323 0.22 -78.45 -5.23
CA ARG E 323 1.42 -77.71 -4.76
C ARG E 323 2.41 -77.38 -5.87
N GLU E 324 2.55 -78.28 -6.84
CA GLU E 324 3.51 -78.09 -7.91
C GLU E 324 3.17 -76.87 -8.80
N ASN E 325 1.93 -76.39 -8.69
CA ASN E 325 1.47 -75.24 -9.48
C ASN E 325 1.75 -73.90 -8.83
N PHE E 326 2.11 -73.94 -7.55
CA PHE E 326 2.40 -72.73 -6.78
C PHE E 326 3.89 -72.47 -6.73
N VAL E 327 4.25 -71.18 -6.61
CA VAL E 327 5.66 -70.76 -6.46
C VAL E 327 6.35 -71.43 -5.26
N GLY E 328 7.63 -71.74 -5.41
CA GLY E 328 8.44 -72.31 -4.34
C GLY E 328 8.43 -73.83 -4.27
N GLU E 329 9.33 -74.38 -3.46
CA GLU E 329 9.49 -75.83 -3.31
C GLU E 329 9.04 -76.37 -1.95
N LYS E 330 9.01 -75.50 -0.93
CA LYS E 330 8.75 -75.90 0.45
C LYS E 330 7.29 -76.28 0.69
N ASP E 331 7.05 -77.27 1.55
CA ASP E 331 5.71 -77.69 1.94
C ASP E 331 4.92 -76.50 2.47
N VAL E 332 3.68 -76.34 2.02
CA VAL E 332 2.83 -75.27 2.54
C VAL E 332 2.60 -75.44 4.05
N LYS E 333 2.62 -74.32 4.77
CA LYS E 333 2.43 -74.31 6.20
C LYS E 333 1.17 -73.52 6.53
N VAL E 334 0.55 -73.81 7.68
CA VAL E 334 -0.54 -72.97 8.17
C VAL E 334 0.03 -71.68 8.75
N LEU E 335 1.15 -71.83 9.49
CA LEU E 335 1.76 -70.77 10.32
C LEU E 335 0.87 -70.43 11.51
N ASP E 336 1.50 -70.16 12.65
CA ASP E 336 0.76 -69.73 13.81
C ASP E 336 0.79 -68.21 13.98
N ASP E 337 -0.12 -67.69 14.79
CA ASP E 337 -0.30 -66.25 14.95
C ASP E 337 0.99 -65.52 15.29
N ASP E 338 1.76 -66.10 16.21
CA ASP E 338 2.99 -65.47 16.67
C ASP E 338 4.19 -65.63 15.73
N ASP E 339 4.01 -66.36 14.63
CA ASP E 339 5.02 -66.36 13.54
C ASP E 339 5.05 -65.00 12.82
N PHE E 340 3.94 -64.27 12.86
CA PHE E 340 3.82 -63.05 12.05
C PHE E 340 4.42 -61.81 12.75
N ILE E 341 5.16 -61.01 11.98
CA ILE E 341 5.72 -59.78 12.50
C ILE E 341 5.00 -58.59 11.87
N LEU E 342 4.46 -57.73 12.72
CA LEU E 342 3.75 -56.52 12.30
C LEU E 342 4.63 -55.30 12.54
N VAL E 343 4.96 -54.57 11.48
CA VAL E 343 5.87 -53.44 11.60
C VAL E 343 5.17 -52.11 11.42
N GLY E 344 5.21 -51.30 12.47
CA GLY E 344 4.65 -49.94 12.44
C GLY E 344 5.73 -48.90 12.24
N ARG E 345 6.89 -49.10 12.88
CA ARG E 345 8.00 -48.15 12.79
C ARG E 345 9.12 -48.76 11.94
N TYR E 346 9.35 -48.17 10.79
CA TYR E 346 10.40 -48.61 9.89
C TYR E 346 10.68 -47.42 8.97
N SER F 40 -32.32 42.32 20.42
CA SER F 40 -33.63 41.74 20.88
C SER F 40 -34.54 41.45 19.70
N VAL F 41 -35.14 40.27 19.74
CA VAL F 41 -36.09 39.84 18.74
C VAL F 41 -37.36 40.70 18.81
N ASP F 42 -37.83 40.98 20.03
CA ASP F 42 -39.07 41.75 20.23
C ASP F 42 -38.99 43.16 19.65
N ASP F 43 -37.79 43.74 19.63
CA ASP F 43 -37.59 45.08 19.05
C ASP F 43 -37.74 45.07 17.53
N ILE F 44 -37.38 43.96 16.91
CA ILE F 44 -37.62 43.78 15.48
C ILE F 44 -39.11 43.54 15.21
N LYS F 45 -39.75 42.75 16.07
CA LYS F 45 -41.15 42.37 15.91
C LYS F 45 -42.11 43.55 15.98
N SER F 46 -41.69 44.66 16.57
CA SER F 46 -42.53 45.85 16.70
C SER F 46 -42.37 46.87 15.57
N LEU F 47 -41.39 46.67 14.69
CA LEU F 47 -41.18 47.61 13.56
C LEU F 47 -42.36 47.59 12.58
N ARG F 48 -42.83 48.77 12.22
CA ARG F 48 -43.95 48.87 11.27
C ARG F 48 -43.51 49.33 9.88
N LEU F 49 -42.70 50.39 9.83
CA LEU F 49 -42.18 50.82 8.56
C LEU F 49 -40.70 50.43 8.43
N ILE F 50 -40.44 49.45 7.56
CA ILE F 50 -39.07 49.09 7.15
C ILE F 50 -38.87 49.36 5.66
N THR F 51 -37.79 50.05 5.33
CA THR F 51 -37.50 50.43 3.97
C THR F 51 -36.40 49.53 3.45
N ALA F 52 -36.64 48.88 2.32
CA ALA F 52 -35.59 48.13 1.64
C ALA F 52 -34.84 49.17 0.82
N ILE F 53 -33.78 49.72 1.41
CA ILE F 53 -33.14 50.94 0.87
C ILE F 53 -32.35 50.65 -0.41
N LYS F 54 -32.44 51.58 -1.34
CA LYS F 54 -31.74 51.49 -2.60
C LYS F 54 -30.24 51.76 -2.38
N THR F 55 -29.38 51.05 -3.12
CA THR F 55 -27.95 51.30 -3.05
C THR F 55 -27.55 52.19 -4.22
N PRO F 56 -27.14 53.43 -3.93
CA PRO F 56 -26.83 54.36 -5.01
C PRO F 56 -25.36 54.26 -5.45
N TYR F 57 -25.07 54.56 -6.71
CA TYR F 57 -23.71 54.37 -7.25
C TYR F 57 -23.04 55.62 -7.75
N LEU F 58 -21.71 55.55 -7.75
CA LEU F 58 -20.83 56.54 -8.37
C LEU F 58 -20.73 56.16 -9.83
N PRO F 59 -20.28 57.09 -10.70
CA PRO F 59 -20.14 56.79 -12.12
C PRO F 59 -19.30 55.56 -12.49
N ASP F 60 -18.38 55.15 -11.61
CA ASP F 60 -17.56 53.95 -11.87
C ASP F 60 -18.19 52.68 -11.27
N GLY F 61 -19.32 52.84 -10.58
CA GLY F 61 -20.08 51.71 -10.08
C GLY F 61 -19.85 51.36 -8.63
N ARG F 62 -18.88 52.00 -8.00
CA ARG F 62 -18.70 51.89 -6.55
C ARG F 62 -19.87 52.54 -5.80
N PHE F 63 -20.08 52.16 -4.55
CA PHE F 63 -21.16 52.76 -3.74
C PHE F 63 -20.94 54.28 -3.55
N ASP F 64 -22.01 55.04 -3.68
CA ASP F 64 -22.00 56.47 -3.41
C ASP F 64 -22.51 56.67 -1.98
N LEU F 65 -21.59 56.56 -1.01
CA LEU F 65 -21.95 56.64 0.41
C LEU F 65 -22.57 57.96 0.82
N GLU F 66 -22.17 59.03 0.14
CA GLU F 66 -22.73 60.36 0.40
C GLU F 66 -24.22 60.42 0.05
N ALA F 67 -24.58 59.88 -1.12
CA ALA F 67 -26.00 59.80 -1.52
C ALA F 67 -26.77 58.82 -0.61
N TYR F 68 -26.13 57.69 -0.30
CA TYR F 68 -26.71 56.70 0.60
C TYR F 68 -27.07 57.29 1.96
N ASP F 69 -26.12 57.97 2.58
CA ASP F 69 -26.33 58.58 3.90
C ASP F 69 -27.50 59.58 3.84
N ALA F 70 -27.55 60.37 2.76
CA ALA F 70 -28.67 61.29 2.53
C ALA F 70 -30.00 60.52 2.42
N LEU F 71 -30.00 59.39 1.71
CA LEU F 71 -31.21 58.56 1.61
C LEU F 71 -31.64 58.06 2.98
N VAL F 72 -30.67 57.60 3.77
CA VAL F 72 -31.03 57.03 5.07
C VAL F 72 -31.54 58.13 6.02
N ASN F 73 -30.87 59.28 6.04
CA ASN F 73 -31.33 60.42 6.82
C ASN F 73 -32.77 60.80 6.48
N MET F 74 -33.09 60.83 5.19
CA MET F 74 -34.45 61.16 4.79
C MET F 74 -35.45 60.14 5.32
N GLN F 75 -35.08 58.86 5.29
CA GLN F 75 -35.93 57.82 5.86
C GLN F 75 -36.19 58.06 7.33
N ILE F 76 -35.12 58.36 8.08
CA ILE F 76 -35.24 58.60 9.52
C ILE F 76 -36.17 59.80 9.80
N VAL F 77 -35.90 60.92 9.13
CA VAL F 77 -36.71 62.15 9.27
C VAL F 77 -38.21 61.90 9.08
N ASP F 78 -38.59 61.09 8.10
CA ASP F 78 -40.00 60.79 7.85
C ASP F 78 -40.56 59.58 8.59
N GLY F 79 -39.77 59.02 9.50
CA GLY F 79 -40.28 58.01 10.44
C GLY F 79 -40.15 56.54 10.09
N ALA F 80 -39.35 56.20 9.08
CA ALA F 80 -39.00 54.81 8.84
C ALA F 80 -38.28 54.28 10.08
N GLU F 81 -38.64 53.07 10.50
CA GLU F 81 -38.09 52.48 11.71
C GLU F 81 -36.96 51.45 11.51
N GLY F 82 -36.81 50.93 10.29
CA GLY F 82 -35.70 50.04 9.95
C GLY F 82 -35.31 50.16 8.48
N VAL F 83 -34.11 49.69 8.14
CA VAL F 83 -33.75 49.46 6.74
C VAL F 83 -33.22 48.04 6.51
N ILE F 84 -33.55 47.49 5.35
CA ILE F 84 -32.87 46.32 4.83
C ILE F 84 -31.70 46.86 4.01
N VAL F 85 -30.50 46.41 4.34
CA VAL F 85 -29.28 46.82 3.65
C VAL F 85 -28.88 45.74 2.66
N GLY F 86 -28.95 46.06 1.38
CA GLY F 86 -28.56 45.12 0.34
C GLY F 86 -29.59 44.03 0.14
N GLY F 87 -30.86 44.38 0.32
CA GLY F 87 -31.95 43.48 -0.04
C GLY F 87 -32.07 43.38 -1.56
N THR F 88 -33.18 42.82 -2.03
CA THR F 88 -33.44 42.74 -3.47
C THR F 88 -33.46 44.14 -4.07
N THR F 89 -34.15 45.06 -3.39
CA THR F 89 -34.23 46.47 -3.77
C THR F 89 -32.87 47.14 -3.69
N GLY F 90 -32.07 46.74 -2.70
CA GLY F 90 -30.72 47.27 -2.51
C GLY F 90 -29.67 46.66 -3.42
N GLU F 91 -30.10 45.75 -4.30
CA GLU F 91 -29.19 45.07 -5.24
C GLU F 91 -28.07 44.27 -4.54
N GLY F 92 -28.43 43.60 -3.45
CA GLY F 92 -27.49 42.72 -2.73
C GLY F 92 -26.87 41.69 -3.67
N GLN F 93 -27.69 41.22 -4.60
CA GLN F 93 -27.29 40.22 -5.59
C GLN F 93 -26.18 40.70 -6.53
N LEU F 94 -25.93 42.00 -6.56
CA LEU F 94 -24.91 42.56 -7.43
C LEU F 94 -23.66 42.97 -6.65
N MET F 95 -23.64 42.72 -5.36
CA MET F 95 -22.52 43.16 -4.52
C MET F 95 -21.51 42.05 -4.31
N SER F 96 -20.24 42.42 -4.14
CA SER F 96 -19.29 41.49 -3.53
C SER F 96 -19.53 41.58 -2.03
N TRP F 97 -19.16 40.54 -1.28
CA TRP F 97 -19.44 40.54 0.15
C TRP F 97 -18.71 41.63 0.93
N ASP F 98 -17.47 41.94 0.54
CA ASP F 98 -16.76 42.99 1.26
C ASP F 98 -17.47 44.35 1.19
N GLU F 99 -17.96 44.74 0.02
CA GLU F 99 -18.71 46.02 -0.07
C GLU F 99 -20.06 45.89 0.65
N HIS F 100 -20.61 44.67 0.67
CA HIS F 100 -21.87 44.47 1.37
C HIS F 100 -21.70 44.60 2.90
N ILE F 101 -20.69 43.93 3.45
CA ILE F 101 -20.49 43.99 4.90
C ILE F 101 -20.04 45.39 5.33
N MET F 102 -19.22 46.03 4.49
CA MET F 102 -19.05 47.46 4.60
C MET F 102 -20.42 47.97 4.22
N LEU F 103 -20.91 49.05 4.77
CA LEU F 103 -22.29 49.43 4.34
C LEU F 103 -23.23 48.94 5.38
N ILE F 104 -23.30 47.63 5.61
CA ILE F 104 -23.97 47.13 6.81
C ILE F 104 -23.30 47.77 8.05
N GLY F 105 -21.99 47.58 8.17
CA GLY F 105 -21.20 48.17 9.26
C GLY F 105 -21.24 49.69 9.25
N HIS F 106 -21.17 50.28 8.05
CA HIS F 106 -21.31 51.71 7.86
C HIS F 106 -22.68 52.21 8.36
N THR F 107 -23.75 51.53 7.93
CA THR F 107 -25.09 51.90 8.33
C THR F 107 -25.26 51.80 9.85
N VAL F 108 -24.71 50.75 10.45
CA VAL F 108 -24.76 50.56 11.90
C VAL F 108 -23.97 51.68 12.58
N ASN F 109 -22.74 51.89 12.12
CA ASN F 109 -21.92 52.97 12.66
C ASN F 109 -22.59 54.33 12.61
N CYS F 110 -23.10 54.71 11.43
CA CYS F 110 -23.67 56.04 11.22
C CYS F 110 -25.10 56.23 11.74
N PHE F 111 -25.88 55.16 11.78
CA PHE F 111 -27.33 55.29 12.05
C PHE F 111 -27.90 54.28 13.01
N GLY F 112 -27.06 53.39 13.55
CA GLY F 112 -27.54 52.30 14.37
C GLY F 112 -28.27 52.75 15.61
N GLY F 113 -28.06 54.00 16.01
CA GLY F 113 -28.73 54.55 17.16
C GLY F 113 -30.09 55.10 16.83
N SER F 114 -30.33 55.41 15.55
CA SER F 114 -31.60 56.04 15.14
C SER F 114 -32.55 55.12 14.37
N ILE F 115 -32.07 53.96 13.93
CA ILE F 115 -32.87 53.11 13.06
C ILE F 115 -32.39 51.67 13.20
N LYS F 116 -33.28 50.70 13.00
CA LYS F 116 -32.85 49.32 12.99
C LYS F 116 -32.24 48.91 11.64
N VAL F 117 -31.10 48.22 11.73
CA VAL F 117 -30.32 47.86 10.56
C VAL F 117 -30.42 46.35 10.36
N ILE F 118 -31.08 45.97 9.27
CA ILE F 118 -31.29 44.55 8.93
C ILE F 118 -30.47 44.18 7.70
N GLY F 119 -29.41 43.39 7.92
CA GLY F 119 -28.54 43.01 6.82
C GLY F 119 -29.17 41.88 6.04
N ASN F 120 -29.27 42.04 4.73
CA ASN F 120 -29.72 40.92 3.92
C ASN F 120 -28.53 40.00 3.77
N THR F 121 -28.41 39.03 4.67
CA THR F 121 -27.27 38.12 4.64
C THR F 121 -27.66 36.72 4.14
N GLY F 122 -28.79 36.64 3.45
CA GLY F 122 -29.26 35.40 2.85
C GLY F 122 -28.60 35.03 1.53
N SER F 123 -28.69 33.77 1.17
CA SER F 123 -28.05 33.26 -0.04
C SER F 123 -28.63 31.92 -0.47
N ASN F 124 -28.47 31.57 -1.75
CA ASN F 124 -28.79 30.20 -2.18
C ASN F 124 -27.70 29.17 -1.78
N SER F 125 -26.60 29.71 -1.26
CA SER F 125 -25.52 28.91 -0.69
C SER F 125 -25.51 29.03 0.83
N THR F 126 -25.68 27.89 1.50
CA THR F 126 -25.65 27.84 2.96
C THR F 126 -24.32 28.36 3.51
N ARG F 127 -23.21 27.98 2.89
CA ARG F 127 -21.89 28.45 3.30
C ARG F 127 -21.78 29.98 3.28
N GLU F 128 -22.27 30.61 2.21
CA GLU F 128 -22.28 32.06 2.10
C GLU F 128 -23.22 32.69 3.14
N ALA F 129 -24.38 32.07 3.37
CA ALA F 129 -25.37 32.57 4.32
C ALA F 129 -24.82 32.56 5.74
N ILE F 130 -24.18 31.46 6.09
CA ILE F 130 -23.54 31.30 7.39
C ILE F 130 -22.49 32.38 7.61
N HIS F 131 -21.57 32.47 6.65
CA HIS F 131 -20.44 33.38 6.69
C HIS F 131 -20.89 34.84 6.76
N ALA F 132 -21.76 35.24 5.84
CA ALA F 132 -22.25 36.61 5.79
C ALA F 132 -23.10 36.99 7.02
N THR F 133 -23.83 36.04 7.57
CA THR F 133 -24.72 36.34 8.69
C THR F 133 -23.92 36.56 9.96
N GLU F 134 -22.95 35.68 10.24
CA GLU F 134 -22.16 35.85 11.44
C GLU F 134 -21.27 37.09 11.32
N GLN F 135 -20.78 37.37 10.11
CA GLN F 135 -19.99 38.61 9.91
C GLN F 135 -20.83 39.88 10.07
N GLY F 136 -22.08 39.85 9.60
CA GLY F 136 -22.97 41.01 9.70
C GLY F 136 -23.40 41.31 11.13
N PHE F 137 -23.67 40.25 11.88
CA PHE F 137 -23.93 40.39 13.31
C PHE F 137 -22.71 40.87 14.09
N ALA F 138 -21.51 40.44 13.65
CA ALA F 138 -20.26 40.85 14.31
C ALA F 138 -20.05 42.36 14.21
N VAL F 139 -20.37 42.95 13.06
CA VAL F 139 -20.26 44.40 12.91
C VAL F 139 -21.47 45.16 13.48
N GLY F 140 -22.41 44.41 14.04
CA GLY F 140 -23.52 45.03 14.78
C GLY F 140 -24.87 45.25 14.14
N MET F 141 -25.18 44.59 13.02
CA MET F 141 -26.55 44.69 12.48
C MET F 141 -27.53 44.13 13.50
N HIS F 142 -28.77 44.56 13.46
CA HIS F 142 -29.71 44.14 14.50
C HIS F 142 -30.46 42.83 14.14
N ALA F 143 -30.65 42.60 12.84
CA ALA F 143 -31.30 41.38 12.35
C ALA F 143 -30.74 40.95 11.00
N ALA F 144 -31.03 39.69 10.63
CA ALA F 144 -30.72 39.20 9.31
C ALA F 144 -32.01 38.90 8.57
N LEU F 145 -32.02 39.25 7.29
CA LEU F 145 -33.05 38.81 6.37
C LEU F 145 -32.57 37.57 5.62
N HIS F 146 -33.36 36.51 5.63
CA HIS F 146 -33.00 35.24 5.00
C HIS F 146 -34.02 34.69 4.02
N ILE F 147 -33.68 34.72 2.76
CA ILE F 147 -34.47 34.09 1.70
C ILE F 147 -34.18 32.57 1.65
N ASN F 148 -35.10 31.80 1.06
CA ASN F 148 -34.84 30.41 0.74
C ASN F 148 -33.89 30.34 -0.46
N PRO F 149 -33.09 29.26 -0.56
CA PRO F 149 -32.20 29.10 -1.74
C PRO F 149 -32.93 29.11 -3.10
N TYR F 150 -32.66 30.16 -3.89
CA TYR F 150 -33.29 30.41 -5.18
C TYR F 150 -32.43 29.84 -6.27
N TYR F 151 -33.07 29.58 -7.40
CA TYR F 151 -32.48 29.04 -8.62
C TYR F 151 -31.98 27.58 -8.44
N GLY F 152 -30.98 27.42 -7.61
CA GLY F 152 -30.63 26.16 -7.04
C GLY F 152 -31.51 25.80 -5.87
N LYS F 153 -32.79 25.67 -6.14
CA LYS F 153 -33.83 25.18 -5.26
C LYS F 153 -33.47 23.89 -4.53
N THR F 154 -33.69 23.83 -3.26
CA THR F 154 -33.50 22.57 -2.51
C THR F 154 -34.83 21.97 -2.01
N SER F 155 -34.77 20.79 -1.39
CA SER F 155 -35.96 20.13 -0.80
C SER F 155 -36.38 20.83 0.47
N LEU F 156 -37.57 20.50 0.98
CA LEU F 156 -38.03 21.10 2.24
C LEU F 156 -37.15 20.70 3.43
N GLU F 157 -36.62 19.49 3.40
CA GLU F 157 -35.64 19.05 4.40
C GLU F 157 -34.39 19.92 4.30
N GLY F 158 -33.91 20.12 3.07
CA GLY F 158 -32.80 21.02 2.83
C GLY F 158 -33.03 22.45 3.30
N LEU F 159 -34.23 22.97 3.06
CA LEU F 159 -34.62 24.31 3.51
C LEU F 159 -34.45 24.45 5.00
N VAL F 160 -35.00 23.47 5.72
CA VAL F 160 -34.91 23.43 7.16
C VAL F 160 -33.44 23.42 7.61
N SER F 161 -32.63 22.54 7.01
CA SER F 161 -31.21 22.48 7.37
C SER F 161 -30.56 23.84 7.12
N HIS F 162 -30.92 24.48 6.00
CA HIS F 162 -30.36 25.78 5.63
C HIS F 162 -30.73 26.88 6.65
N PHE F 163 -32.02 27.02 6.95
CA PHE F 163 -32.43 28.03 7.93
C PHE F 163 -31.87 27.80 9.34
N GLU F 164 -31.80 26.53 9.74
CA GLU F 164 -31.30 26.19 11.07
C GLU F 164 -29.79 26.42 11.22
N SER F 165 -29.10 26.60 10.10
CA SER F 165 -27.69 26.95 10.12
C SER F 165 -27.46 28.40 10.53
N VAL F 166 -28.47 29.24 10.33
CA VAL F 166 -28.32 30.67 10.53
C VAL F 166 -29.20 31.25 11.62
N LEU F 167 -30.31 30.60 11.94
CA LEU F 167 -31.20 31.09 13.00
C LEU F 167 -30.56 31.26 14.39
N PRO F 168 -29.58 30.39 14.76
CA PRO F 168 -28.98 30.62 16.08
C PRO F 168 -28.13 31.89 16.18
N MET F 169 -27.87 32.56 15.08
CA MET F 169 -26.94 33.70 15.07
C MET F 169 -27.50 35.05 15.57
N GLY F 170 -28.80 35.26 15.36
CA GLY F 170 -29.50 36.41 15.90
C GLY F 170 -30.90 36.53 15.33
N PRO F 171 -31.60 37.65 15.66
CA PRO F 171 -32.93 37.90 15.12
C PRO F 171 -32.97 37.78 13.59
N THR F 172 -33.97 37.07 13.08
CA THR F 172 -34.05 36.70 11.67
C THR F 172 -35.44 36.98 11.07
N VAL F 173 -35.46 37.63 9.91
CA VAL F 173 -36.66 37.72 9.10
C VAL F 173 -36.49 36.75 7.94
N ILE F 174 -37.41 35.79 7.83
CA ILE F 174 -37.45 34.87 6.71
C ILE F 174 -38.22 35.52 5.54
N TYR F 175 -37.69 35.35 4.34
CA TYR F 175 -38.16 36.11 3.18
C TYR F 175 -38.73 35.16 2.12
N ASN F 176 -40.05 35.25 1.91
CA ASN F 176 -40.73 34.41 0.93
C ASN F 176 -41.17 35.22 -0.27
N VAL F 177 -40.63 34.87 -1.43
CA VAL F 177 -40.95 35.54 -2.69
C VAL F 177 -40.81 34.56 -3.88
N PRO F 178 -41.77 33.61 -4.01
CA PRO F 178 -41.66 32.55 -5.02
C PRO F 178 -41.64 33.03 -6.46
N SER F 179 -42.22 34.17 -6.76
CA SER F 179 -42.12 34.72 -8.13
C SER F 179 -40.66 34.93 -8.54
N ARG F 180 -39.80 35.22 -7.57
CA ARG F 180 -38.36 35.35 -7.79
C ARG F 180 -37.55 34.07 -7.52
N THR F 181 -37.94 33.28 -6.52
CA THR F 181 -37.12 32.13 -6.13
C THR F 181 -37.45 30.85 -6.88
N GLY F 182 -38.71 30.73 -7.32
CA GLY F 182 -39.23 29.50 -7.91
C GLY F 182 -39.70 28.51 -6.84
N GLN F 183 -39.73 28.95 -5.59
CA GLN F 183 -40.07 28.07 -4.47
C GLN F 183 -40.79 28.86 -3.38
N ASP F 184 -42.03 28.48 -3.14
CA ASP F 184 -42.83 29.07 -2.07
C ASP F 184 -42.44 28.40 -0.77
N ILE F 185 -42.00 29.17 0.22
CA ILE F 185 -41.75 28.60 1.53
C ILE F 185 -43.10 28.26 2.16
N PRO F 186 -43.37 26.97 2.43
CA PRO F 186 -44.69 26.58 2.95
C PRO F 186 -44.82 26.89 4.44
N PRO F 187 -46.07 27.06 4.94
CA PRO F 187 -46.26 27.30 6.37
C PRO F 187 -45.59 26.30 7.31
N GLY F 188 -45.58 25.02 6.94
CA GLY F 188 -44.96 23.99 7.78
C GLY F 188 -43.48 24.22 8.07
N VAL F 189 -42.76 24.69 7.07
CA VAL F 189 -41.34 25.01 7.22
C VAL F 189 -41.20 26.19 8.18
N ILE F 190 -42.09 27.17 8.03
CA ILE F 190 -42.06 28.36 8.87
C ILE F 190 -42.31 28.04 10.35
N HIS F 191 -43.27 27.16 10.61
CA HIS F 191 -43.57 26.74 11.97
C HIS F 191 -42.47 25.86 12.58
N THR F 192 -41.84 25.04 11.74
CA THR F 192 -40.69 24.25 12.19
C THR F 192 -39.54 25.14 12.64
N VAL F 193 -39.17 26.12 11.81
CA VAL F 193 -38.08 27.01 12.17
C VAL F 193 -38.49 27.97 13.30
N ALA F 194 -39.79 28.15 13.52
CA ALA F 194 -40.28 29.07 14.55
C ALA F 194 -40.04 28.53 15.96
N GLN F 195 -39.63 27.27 16.05
CA GLN F 195 -39.08 26.69 17.29
C GLN F 195 -37.91 27.51 17.86
N SER F 196 -37.16 28.18 16.98
CA SER F 196 -36.11 29.11 17.39
C SER F 196 -36.69 30.42 17.94
N ALA F 197 -36.25 30.82 19.12
CA ALA F 197 -36.64 32.12 19.68
C ALA F 197 -36.10 33.28 18.83
N ASN F 198 -35.17 32.99 17.92
CA ASN F 198 -34.57 34.03 17.09
C ASN F 198 -35.39 34.43 15.87
N LEU F 199 -36.45 33.67 15.57
CA LEU F 199 -37.35 34.06 14.47
C LEU F 199 -38.18 35.30 14.82
N ALA F 200 -37.87 36.42 14.17
CA ALA F 200 -38.63 37.65 14.31
C ALA F 200 -39.96 37.52 13.61
N GLY F 201 -39.92 37.08 12.35
CA GLY F 201 -41.13 36.94 11.56
C GLY F 201 -40.83 36.68 10.11
N VAL F 202 -41.82 36.95 9.25
CA VAL F 202 -41.73 36.68 7.81
C VAL F 202 -41.98 37.92 6.96
N GLU F 204 -43.37 38.58 3.66
CA GLU F 204 -44.22 37.72 2.84
C GLU F 204 -44.65 38.38 1.55
N CYS F 205 -44.43 37.70 0.44
CA CYS F 205 -44.79 38.26 -0.87
C CYS F 205 -45.84 37.46 -1.67
N VAL F 206 -46.26 36.27 -1.20
CA VAL F 206 -47.24 35.48 -1.97
C VAL F 206 -48.65 36.06 -1.95
N GLY F 207 -48.96 36.84 -0.93
CA GLY F 207 -50.23 37.54 -0.86
C GLY F 207 -50.87 37.59 0.52
N ASN F 208 -51.92 38.38 0.63
CA ASN F 208 -52.60 38.62 1.88
C ASN F 208 -53.27 37.39 2.49
N ASP F 209 -53.72 36.48 1.62
CA ASP F 209 -54.29 35.22 2.07
C ASP F 209 -53.26 34.50 2.94
N ARG F 210 -52.01 34.44 2.47
CA ARG F 210 -50.91 33.82 3.22
C ARG F 210 -50.61 34.58 4.51
N ILE F 211 -50.59 35.91 4.44
CA ILE F 211 -50.32 36.69 5.65
C ILE F 211 -51.31 36.33 6.76
N LYS F 212 -52.59 36.30 6.43
CA LYS F 212 -53.61 35.99 7.43
C LYS F 212 -53.37 34.63 8.08
N GLN F 213 -53.00 33.62 7.28
CA GLN F 213 -52.60 32.31 7.83
C GLN F 213 -51.56 32.40 8.95
N TYR F 214 -50.56 33.27 8.78
CA TYR F 214 -49.49 33.38 9.77
C TYR F 214 -49.91 34.21 10.99
N THR F 215 -50.52 35.35 10.75
CA THR F 215 -50.88 36.27 11.82
C THR F 215 -52.01 35.73 12.71
N ASP F 216 -52.84 34.84 12.16
CA ASP F 216 -53.82 34.10 12.97
C ASP F 216 -53.15 33.07 13.88
N ASN F 217 -51.91 32.72 13.54
CA ASN F 217 -51.15 31.70 14.27
C ASN F 217 -49.90 32.22 14.97
N ARG F 218 -50.00 33.47 15.47
CA ARG F 218 -48.97 34.10 16.31
C ARG F 218 -47.64 34.45 15.62
N ILE F 219 -47.56 34.29 14.29
CA ILE F 219 -46.35 34.65 13.54
C ILE F 219 -46.42 36.08 13.06
N VAL F 220 -45.35 36.83 13.30
CA VAL F 220 -45.27 38.23 12.88
C VAL F 220 -44.99 38.30 11.39
N VAL F 221 -45.78 39.08 10.67
CA VAL F 221 -45.59 39.20 9.23
C VAL F 221 -45.44 40.66 8.79
N TRP F 222 -44.44 40.92 7.94
CA TRP F 222 -44.38 42.14 7.13
C TRP F 222 -44.78 41.76 5.70
N SER F 223 -45.70 42.55 5.12
CA SER F 223 -45.99 42.43 3.71
C SER F 223 -44.77 42.93 2.92
N GLY F 224 -44.44 42.20 1.86
CA GLY F 224 -43.39 42.64 0.91
C GLY F 224 -43.95 43.29 -0.36
N ASN F 225 -45.28 43.46 -0.42
CA ASN F 225 -45.93 44.05 -1.59
C ASN F 225 -46.64 45.34 -1.21
N ASP F 226 -46.17 46.44 -1.80
CA ASP F 226 -46.66 47.79 -1.48
C ASP F 226 -48.11 48.00 -1.93
N ASP F 227 -48.53 47.34 -3.02
CA ASP F 227 -49.91 47.47 -3.49
C ASP F 227 -50.91 46.77 -2.56
N GLN F 228 -50.42 45.87 -1.71
CA GLN F 228 -51.26 45.12 -0.79
C GLN F 228 -51.07 45.53 0.66
N CYS F 229 -50.02 46.31 0.93
CA CYS F 229 -49.58 46.49 2.32
C CYS F 229 -50.54 47.24 3.21
N HIS F 230 -51.28 48.19 2.65
CA HIS F 230 -52.35 48.88 3.39
C HIS F 230 -53.33 47.86 3.94
N ASP F 231 -53.87 47.05 3.03
CA ASP F 231 -54.87 46.05 3.37
C ASP F 231 -54.30 44.99 4.30
N ALA F 232 -53.06 44.58 4.07
CA ALA F 232 -52.36 43.61 4.90
C ALA F 232 -52.36 44.07 6.34
N LYS F 233 -52.05 45.34 6.53
CA LYS F 233 -51.96 45.93 7.87
C LYS F 233 -53.33 45.96 8.58
N TRP F 234 -54.35 46.47 7.89
CA TRP F 234 -55.64 46.74 8.55
C TRP F 234 -56.63 45.57 8.50
N ASP F 235 -56.57 44.75 7.46
CA ASP F 235 -57.49 43.65 7.29
C ASP F 235 -56.87 42.27 7.54
N TYR F 236 -55.55 42.14 7.41
CA TYR F 236 -54.96 40.81 7.52
C TYR F 236 -54.02 40.56 8.69
N GLY F 237 -53.86 41.54 9.58
CA GLY F 237 -53.07 41.34 10.81
C GLY F 237 -51.56 41.54 10.64
N ALA F 238 -51.14 41.97 9.45
CA ALA F 238 -49.73 42.32 9.20
C ALA F 238 -49.30 43.41 10.19
N THR F 239 -48.08 43.26 10.72
CA THR F 239 -47.48 44.22 11.66
C THR F 239 -46.99 45.46 10.92
N GLY F 240 -46.68 45.31 9.64
CA GLY F 240 -46.11 46.40 8.87
C GLY F 240 -45.68 45.99 7.48
N VAL F 241 -44.82 46.83 6.89
CA VAL F 241 -44.33 46.60 5.54
C VAL F 241 -42.79 46.61 5.47
N ILE F 242 -42.25 45.79 4.58
CA ILE F 242 -40.87 45.96 4.16
C ILE F 242 -40.99 46.49 2.74
N SER F 243 -40.68 47.77 2.58
CA SER F 243 -41.21 48.56 1.49
C SER F 243 -40.18 49.10 0.51
N VAL F 244 -40.55 49.07 -0.76
CA VAL F 244 -39.84 49.73 -1.84
C VAL F 244 -40.31 51.18 -1.97
N THR F 245 -41.63 51.38 -1.98
CA THR F 245 -42.23 52.67 -2.29
C THR F 245 -41.80 53.76 -1.27
N SER F 246 -41.57 53.33 -0.04
CA SER F 246 -41.13 54.23 1.03
C SER F 246 -39.77 54.88 0.75
N ASN F 247 -38.99 54.31 -0.17
CA ASN F 247 -37.79 54.96 -0.68
C ASN F 247 -38.13 56.32 -1.28
N LEU F 248 -39.33 56.46 -1.85
CA LEU F 248 -39.74 57.67 -2.55
C LEU F 248 -40.64 58.56 -1.71
N ILE F 249 -41.58 57.94 -0.99
CA ILE F 249 -42.57 58.69 -0.22
C ILE F 249 -42.70 58.11 1.20
N PRO F 250 -41.61 58.20 1.99
CA PRO F 250 -41.63 57.53 3.29
C PRO F 250 -42.70 58.10 4.22
N GLY F 251 -42.93 59.40 4.15
CA GLY F 251 -43.93 60.08 4.99
C GLY F 251 -45.34 59.64 4.72
N LEU F 252 -45.66 59.40 3.44
CA LEU F 252 -46.98 58.90 3.06
C LEU F 252 -47.15 57.44 3.41
N MET F 253 -46.08 56.66 3.26
CA MET F 253 -46.11 55.25 3.67
C MET F 253 -46.25 55.11 5.20
N ARG F 254 -45.59 55.98 5.95
CA ARG F 254 -45.83 56.04 7.38
C ARG F 254 -47.30 56.33 7.73
N GLN F 255 -47.92 57.31 7.06
CA GLN F 255 -49.32 57.62 7.34
C GLN F 255 -50.20 56.39 7.05
N LEU F 256 -49.93 55.77 5.91
CA LEU F 256 -50.65 54.60 5.44
C LEU F 256 -50.65 53.45 6.47
N LEU F 257 -49.57 53.34 7.24
CA LEU F 257 -49.39 52.23 8.19
C LEU F 257 -49.70 52.57 9.65
N PHE F 258 -49.62 53.85 10.03
CA PHE F 258 -49.68 54.24 11.45
C PHE F 258 -51.00 54.79 11.96
N LYS F 259 -51.77 55.44 11.08
CA LYS F 259 -52.90 56.25 11.50
C LYS F 259 -54.25 55.52 11.53
N GLY F 260 -54.47 54.57 10.62
CA GLY F 260 -55.72 53.82 10.56
C GLY F 260 -56.08 53.62 9.09
N LYS F 261 -57.11 52.81 8.81
CA LYS F 261 -57.57 52.61 7.44
C LYS F 261 -57.76 53.94 6.75
N ASN F 262 -57.23 54.06 5.55
CA ASN F 262 -57.36 55.26 4.76
C ASN F 262 -57.34 54.87 3.28
N PRO F 263 -58.49 54.41 2.76
CA PRO F 263 -58.58 53.92 1.39
C PRO F 263 -58.34 55.02 0.33
N SER F 264 -58.59 56.28 0.68
CA SER F 264 -58.34 57.36 -0.27
C SER F 264 -56.84 57.65 -0.45
N LEU F 265 -56.06 57.55 0.63
CA LEU F 265 -54.59 57.66 0.52
C LEU F 265 -53.99 56.49 -0.25
N ASN F 266 -54.48 55.29 0.04
CA ASN F 266 -54.03 54.08 -0.65
C ASN F 266 -54.21 54.19 -2.15
N ALA F 267 -55.36 54.70 -2.56
CA ALA F 267 -55.66 54.90 -3.98
C ALA F 267 -54.82 56.03 -4.57
N LYS F 268 -54.47 57.02 -3.76
CA LYS F 268 -53.68 58.15 -4.22
C LYS F 268 -52.25 57.73 -4.57
N ILE F 269 -51.74 56.72 -3.87
CA ILE F 269 -50.38 56.25 -4.10
C ILE F 269 -50.30 55.11 -5.12
N MET F 270 -51.43 54.50 -5.44
CA MET F 270 -51.41 53.31 -6.29
C MET F 270 -50.82 53.52 -7.69
N PRO F 271 -51.11 54.69 -8.33
CA PRO F 271 -50.46 54.88 -9.64
C PRO F 271 -48.94 54.84 -9.56
N LEU F 272 -48.37 55.34 -8.46
CA LEU F 272 -46.92 55.29 -8.26
C LEU F 272 -46.44 53.86 -8.05
N VAL F 273 -47.16 53.12 -7.21
CA VAL F 273 -46.85 51.73 -6.94
C VAL F 273 -46.90 50.91 -8.23
N ASN F 274 -47.98 51.07 -9.02
CA ASN F 274 -48.09 50.36 -10.30
C ASN F 274 -46.93 50.66 -11.24
N TRP F 275 -46.61 51.94 -11.38
CA TRP F 275 -45.48 52.39 -12.19
C TRP F 275 -44.18 51.74 -11.70
N LEU F 276 -44.02 51.63 -10.40
CA LEU F 276 -42.81 51.04 -9.81
C LEU F 276 -42.58 49.55 -10.11
N PHE F 277 -43.61 48.84 -10.53
CA PHE F 277 -43.48 47.40 -10.70
C PHE F 277 -43.86 46.87 -12.08
N GLU F 278 -43.93 47.75 -13.07
CA GLU F 278 -44.21 47.30 -14.43
C GLU F 278 -43.05 46.48 -14.98
N GLU F 279 -41.83 46.95 -14.76
CA GLU F 279 -40.63 46.12 -14.94
C GLU F 279 -40.17 45.63 -13.57
N PRO F 280 -39.35 44.56 -13.51
CA PRO F 280 -38.90 44.07 -12.21
C PRO F 280 -38.19 45.13 -11.35
N ASN F 281 -38.62 45.24 -10.11
CA ASN F 281 -37.97 46.05 -9.07
C ASN F 281 -36.54 45.56 -8.94
N PRO F 282 -35.56 46.48 -8.79
CA PRO F 282 -35.65 47.94 -8.59
C PRO F 282 -35.48 48.83 -9.82
N ILE F 283 -35.83 48.34 -11.00
CA ILE F 283 -35.65 49.12 -12.22
C ILE F 283 -36.41 50.45 -12.13
N GLY F 284 -37.67 50.39 -11.72
CA GLY F 284 -38.48 51.59 -11.56
C GLY F 284 -37.92 52.51 -10.48
N LEU F 285 -37.69 51.95 -9.29
CA LEU F 285 -37.11 52.70 -8.19
C LEU F 285 -35.82 53.42 -8.59
N ASN F 286 -34.85 52.67 -9.12
CA ASN F 286 -33.58 53.24 -9.56
C ASN F 286 -33.85 54.42 -10.47
N THR F 287 -34.81 54.28 -11.38
CA THR F 287 -35.10 55.31 -12.36
C THR F 287 -35.67 56.55 -11.68
N ALA F 288 -36.67 56.32 -10.82
CA ALA F 288 -37.38 57.39 -10.12
C ALA F 288 -36.45 58.21 -9.22
N LEU F 289 -35.55 57.52 -8.52
CA LEU F 289 -34.60 58.20 -7.64
C LEU F 289 -33.65 59.08 -8.41
N ALA F 290 -33.22 58.63 -9.59
CA ALA F 290 -32.39 59.48 -10.45
C ALA F 290 -33.19 60.70 -10.94
N GLN F 291 -34.46 60.49 -11.29
CA GLN F 291 -35.32 61.60 -11.71
C GLN F 291 -35.50 62.63 -10.59
N LEU F 292 -35.59 62.16 -9.35
CA LEU F 292 -35.71 63.06 -8.21
C LEU F 292 -34.39 63.73 -7.85
N GLY F 293 -33.30 63.25 -8.44
CA GLY F 293 -32.02 63.85 -8.20
C GLY F 293 -31.36 63.49 -6.88
N VAL F 294 -31.87 62.48 -6.19
CA VAL F 294 -31.26 62.10 -4.90
C VAL F 294 -30.23 60.98 -5.05
N VAL F 295 -30.15 60.41 -6.25
CA VAL F 295 -29.05 59.50 -6.61
C VAL F 295 -28.58 59.81 -8.04
N ARG F 296 -27.36 59.38 -8.37
CA ARG F 296 -26.82 59.49 -9.71
C ARG F 296 -27.52 58.52 -10.65
N PRO F 297 -27.67 58.90 -11.93
CA PRO F 297 -28.27 57.98 -12.91
C PRO F 297 -27.30 56.85 -13.32
N VAL F 298 -26.84 56.09 -12.33
CA VAL F 298 -25.90 54.99 -12.58
C VAL F 298 -26.56 53.67 -12.20
N PHE F 299 -26.53 52.74 -13.15
CA PHE F 299 -27.09 51.39 -12.98
C PHE F 299 -25.95 50.40 -13.06
N ARG F 300 -25.95 49.44 -12.13
CA ARG F 300 -25.14 48.23 -12.27
C ARG F 300 -25.98 47.25 -13.09
N LEU F 301 -25.38 46.67 -14.11
CA LEU F 301 -26.06 45.69 -14.97
C LEU F 301 -26.34 44.43 -14.12
N PRO F 302 -27.41 43.67 -14.44
CA PRO F 302 -28.26 43.67 -15.65
C PRO F 302 -29.42 44.67 -15.66
N TYR F 303 -29.45 45.56 -14.67
CA TYR F 303 -30.52 46.53 -14.61
C TYR F 303 -30.26 47.73 -15.52
N VAL F 304 -31.36 48.26 -16.05
CA VAL F 304 -31.35 49.22 -17.13
C VAL F 304 -32.57 50.13 -16.83
N PRO F 305 -32.45 51.45 -17.07
CA PRO F 305 -33.54 52.35 -16.65
C PRO F 305 -34.82 52.15 -17.46
N LEU F 306 -35.96 52.54 -16.87
CA LEU F 306 -37.20 52.65 -17.65
C LEU F 306 -37.06 53.68 -18.80
N PRO F 307 -37.68 53.36 -19.96
CA PRO F 307 -37.57 54.21 -21.13
C PRO F 307 -38.25 55.58 -20.98
N LEU F 308 -37.98 56.47 -21.93
CA LEU F 308 -38.44 57.86 -21.89
C LEU F 308 -39.92 58.03 -21.53
N ALA F 309 -40.80 57.32 -22.25
CA ALA F 309 -42.24 57.44 -22.06
C ALA F 309 -42.63 57.22 -20.61
N LYS F 310 -41.99 56.25 -19.97
CA LYS F 310 -42.21 55.98 -18.55
C LYS F 310 -41.66 57.08 -17.65
N ARG F 311 -40.54 57.66 -18.04
CA ARG F 311 -39.94 58.76 -17.27
C ARG F 311 -40.84 60.00 -17.30
N VAL F 312 -41.43 60.24 -18.45
CA VAL F 312 -42.39 61.33 -18.60
C VAL F 312 -43.57 61.07 -17.66
N GLU F 313 -44.08 59.84 -17.71
CA GLU F 313 -45.17 59.38 -16.87
C GLU F 313 -44.92 59.67 -15.39
N PHE F 314 -43.71 59.38 -14.93
CA PHE F 314 -43.32 59.62 -13.55
C PHE F 314 -43.38 61.10 -13.15
N VAL F 315 -42.97 61.99 -14.04
CA VAL F 315 -43.07 63.41 -13.78
C VAL F 315 -44.53 63.78 -13.50
N ASN F 316 -45.46 63.21 -14.26
CA ASN F 316 -46.90 63.46 -14.04
C ASN F 316 -47.42 62.85 -12.74
N ILE F 317 -46.96 61.65 -12.43
CA ILE F 317 -47.31 60.97 -11.17
C ILE F 317 -46.84 61.80 -9.96
N VAL F 318 -45.66 62.40 -10.04
CA VAL F 318 -45.14 63.29 -9.00
C VAL F 318 -45.99 64.58 -8.87
N LYS F 319 -46.37 65.14 -10.00
CA LYS F 319 -47.17 66.36 -10.03
C LYS F 319 -48.52 66.12 -9.32
N GLU F 320 -49.14 64.98 -9.62
CA GLU F 320 -50.42 64.57 -9.04
C GLU F 320 -50.38 64.29 -7.54
N ILE F 321 -49.30 63.65 -7.07
CA ILE F 321 -49.10 63.36 -5.65
C ILE F 321 -48.53 64.59 -4.92
N GLY F 322 -47.69 65.35 -5.62
CA GLY F 322 -47.05 66.53 -5.06
C GLY F 322 -45.60 66.28 -4.70
N ARG F 323 -44.72 67.00 -5.38
CA ARG F 323 -43.27 66.90 -5.15
C ARG F 323 -42.89 66.89 -3.68
N GLU F 324 -43.59 67.67 -2.87
CA GLU F 324 -43.24 67.83 -1.46
C GLU F 324 -43.35 66.54 -0.64
N ASN F 325 -43.99 65.51 -1.20
CA ASN F 325 -44.12 64.22 -0.53
C ASN F 325 -42.99 63.26 -0.89
N PHE F 326 -42.22 63.61 -1.91
CA PHE F 326 -41.14 62.77 -2.41
C PHE F 326 -39.81 63.19 -1.82
N VAL F 327 -38.91 62.23 -1.64
CA VAL F 327 -37.58 62.51 -1.11
C VAL F 327 -36.86 63.61 -1.90
N GLY F 328 -36.11 64.44 -1.19
CA GLY F 328 -35.28 65.45 -1.83
C GLY F 328 -35.98 66.77 -2.09
N GLU F 329 -35.20 67.74 -2.56
CA GLU F 329 -35.62 69.13 -2.71
C GLU F 329 -35.62 69.57 -4.17
N LYS F 330 -34.90 68.83 -5.01
CA LYS F 330 -34.70 69.24 -6.40
C LYS F 330 -35.93 68.94 -7.25
N ASP F 331 -36.19 69.81 -8.23
CA ASP F 331 -37.29 69.62 -9.17
C ASP F 331 -37.09 68.30 -9.91
N VAL F 332 -38.15 67.51 -10.02
CA VAL F 332 -38.07 66.24 -10.73
C VAL F 332 -37.71 66.49 -12.20
N LYS F 333 -36.84 65.65 -12.73
CA LYS F 333 -36.46 65.70 -14.13
C LYS F 333 -36.94 64.45 -14.87
N VAL F 334 -37.14 64.57 -16.19
CA VAL F 334 -37.41 63.40 -17.01
C VAL F 334 -36.14 62.58 -17.19
N LEU F 335 -35.02 63.28 -17.44
CA LEU F 335 -33.70 62.71 -17.85
C LEU F 335 -33.68 62.14 -19.26
N ASP F 336 -32.55 62.33 -19.95
CA ASP F 336 -32.39 61.76 -21.27
C ASP F 336 -31.63 60.43 -21.25
N ASP F 337 -31.84 59.64 -22.29
CA ASP F 337 -31.21 58.32 -22.41
C ASP F 337 -29.72 58.28 -22.11
N ASP F 338 -28.98 59.25 -22.63
CA ASP F 338 -27.53 59.31 -22.47
C ASP F 338 -27.08 59.93 -21.13
N ASP F 339 -28.02 60.33 -20.29
CA ASP F 339 -27.70 60.73 -18.90
C ASP F 339 -27.33 59.49 -18.09
N PHE F 340 -27.83 58.34 -18.52
CA PHE F 340 -27.67 57.11 -17.75
C PHE F 340 -26.36 56.36 -18.03
N ILE F 341 -25.71 55.95 -16.96
CA ILE F 341 -24.50 55.16 -17.04
C ILE F 341 -24.83 53.73 -16.60
N LEU F 342 -24.48 52.77 -17.47
CA LEU F 342 -24.67 51.35 -17.23
C LEU F 342 -23.30 50.73 -16.99
N VAL F 343 -23.13 50.11 -15.83
CA VAL F 343 -21.83 49.59 -15.46
C VAL F 343 -21.84 48.06 -15.44
N GLY F 344 -20.96 47.47 -16.24
CA GLY F 344 -20.78 46.04 -16.31
C GLY F 344 -19.53 45.60 -15.59
N ARG F 345 -18.45 46.38 -15.73
CA ARG F 345 -17.20 46.09 -15.04
C ARG F 345 -16.99 47.07 -13.85
N TYR F 346 -17.00 46.50 -12.66
CA TYR F 346 -16.70 47.21 -11.43
C TYR F 346 -16.32 46.10 -10.46
N SER G 40 13.43 -10.06 18.27
CA SER G 40 14.27 -8.82 18.15
C SER G 40 15.76 -9.14 18.06
N VAL G 41 16.48 -8.44 17.19
CA VAL G 41 17.93 -8.64 17.03
C VAL G 41 18.75 -8.21 18.28
N ASP G 42 18.35 -7.10 18.89
CA ASP G 42 19.03 -6.58 20.09
C ASP G 42 18.95 -7.55 21.27
N ASP G 43 17.81 -8.24 21.39
CA ASP G 43 17.61 -9.30 22.39
C ASP G 43 18.60 -10.44 22.30
N ILE G 44 18.91 -10.87 21.08
CA ILE G 44 19.88 -11.94 20.87
C ILE G 44 21.28 -11.42 21.19
N LYS G 45 21.54 -10.19 20.78
CA LYS G 45 22.82 -9.52 21.03
C LYS G 45 23.15 -9.39 22.51
N SER G 46 22.11 -9.26 23.34
CA SER G 46 22.32 -9.07 24.77
C SER G 46 22.35 -10.38 25.56
N LEU G 47 22.30 -11.51 24.85
CA LEU G 47 22.40 -12.82 25.51
C LEU G 47 23.84 -13.09 25.96
N ARG G 48 23.99 -13.64 27.17
CA ARG G 48 25.30 -13.86 27.78
C ARG G 48 25.65 -15.36 27.94
N LEU G 49 24.75 -16.11 28.56
CA LEU G 49 24.99 -17.53 28.73
C LEU G 49 24.02 -18.30 27.82
N ILE G 50 24.59 -18.93 26.79
CA ILE G 50 23.83 -19.77 25.84
C ILE G 50 24.41 -21.17 25.90
N THR G 51 23.53 -22.18 26.00
CA THR G 51 23.97 -23.58 26.02
C THR G 51 23.74 -24.29 24.68
N ALA G 52 24.79 -24.90 24.15
CA ALA G 52 24.65 -25.79 23.01
C ALA G 52 24.16 -27.12 23.57
N ILE G 53 22.84 -27.23 23.75
CA ILE G 53 22.24 -28.33 24.51
C ILE G 53 22.46 -29.69 23.82
N LYS G 54 22.81 -30.71 24.60
CA LYS G 54 22.94 -32.06 24.08
C LYS G 54 21.56 -32.66 23.73
N THR G 55 21.53 -33.52 22.72
CA THR G 55 20.28 -34.19 22.32
C THR G 55 20.32 -35.64 22.81
N PRO G 56 19.45 -35.98 23.78
CA PRO G 56 19.49 -37.31 24.37
C PRO G 56 18.58 -38.30 23.62
N TYR G 57 18.89 -39.58 23.71
CA TYR G 57 18.21 -40.59 22.89
C TYR G 57 17.59 -41.68 23.70
N LEU G 58 16.59 -42.30 23.10
CA LEU G 58 16.00 -43.54 23.58
C LEU G 58 16.83 -44.70 23.06
N PRO G 59 16.70 -45.90 23.67
CA PRO G 59 17.45 -47.09 23.25
C PRO G 59 17.40 -47.40 21.73
N ASP G 60 16.34 -46.99 21.03
CA ASP G 60 16.25 -47.22 19.58
C ASP G 60 16.81 -46.05 18.73
N GLY G 61 17.24 -44.97 19.40
CA GLY G 61 17.97 -43.89 18.74
C GLY G 61 17.12 -42.68 18.43
N ARG G 62 15.81 -42.80 18.67
CA ARG G 62 14.91 -41.65 18.62
C ARG G 62 15.21 -40.71 19.75
N PHE G 63 14.82 -39.44 19.60
CA PHE G 63 15.02 -38.43 20.61
C PHE G 63 14.25 -38.81 21.87
N ASP G 64 14.90 -38.66 23.03
CA ASP G 64 14.27 -38.86 24.32
C ASP G 64 13.81 -37.49 24.83
N LEU G 65 12.58 -37.13 24.52
CA LEU G 65 12.10 -35.81 24.84
C LEU G 65 11.95 -35.59 26.35
N GLU G 66 11.60 -36.64 27.09
CA GLU G 66 11.54 -36.56 28.55
C GLU G 66 12.89 -36.13 29.11
N ALA G 67 13.96 -36.83 28.77
CA ALA G 67 15.30 -36.41 29.20
C ALA G 67 15.63 -34.98 28.72
N TYR G 68 15.27 -34.66 27.48
CA TYR G 68 15.60 -33.36 26.87
C TYR G 68 14.96 -32.20 27.59
N ASP G 69 13.66 -32.34 27.86
CA ASP G 69 12.91 -31.38 28.66
C ASP G 69 13.56 -31.12 30.03
N ALA G 70 13.94 -32.19 30.72
CA ALA G 70 14.62 -32.05 32.00
C ALA G 70 15.98 -31.32 31.86
N LEU G 71 16.71 -31.58 30.79
CA LEU G 71 17.99 -30.88 30.55
C LEU G 71 17.76 -29.38 30.31
N VAL G 72 16.76 -29.05 29.50
CA VAL G 72 16.47 -27.63 29.23
C VAL G 72 16.00 -26.90 30.52
N ASN G 73 15.17 -27.56 31.32
CA ASN G 73 14.76 -27.01 32.63
C ASN G 73 15.91 -26.72 33.59
N MET G 74 16.89 -27.63 33.64
CA MET G 74 18.06 -27.40 34.49
C MET G 74 18.88 -26.19 34.02
N GLN G 75 18.95 -25.99 32.71
CA GLN G 75 19.58 -24.80 32.14
C GLN G 75 18.83 -23.52 32.55
N ILE G 76 17.50 -23.55 32.45
CA ILE G 76 16.66 -22.43 32.86
C ILE G 76 16.82 -22.09 34.34
N VAL G 77 16.89 -23.12 35.20
CA VAL G 77 16.94 -22.93 36.65
C VAL G 77 18.25 -22.28 37.08
N ASP G 78 19.34 -22.63 36.40
CA ASP G 78 20.63 -22.03 36.71
C ASP G 78 20.98 -20.84 35.83
N GLY G 79 20.00 -20.23 35.18
CA GLY G 79 20.21 -18.95 34.50
C GLY G 79 20.61 -18.90 33.02
N ALA G 80 20.75 -20.05 32.34
CA ALA G 80 21.07 -20.00 30.92
C ALA G 80 20.02 -19.17 30.19
N GLU G 81 20.45 -18.30 29.29
CA GLU G 81 19.51 -17.37 28.65
C GLU G 81 19.03 -17.83 27.28
N GLY G 82 19.81 -18.69 26.64
CA GLY G 82 19.44 -19.22 25.33
C GLY G 82 19.91 -20.66 25.18
N VAL G 83 19.37 -21.37 24.18
CA VAL G 83 19.89 -22.69 23.79
C VAL G 83 20.05 -22.81 22.28
N ILE G 84 21.16 -23.39 21.84
CA ILE G 84 21.28 -23.86 20.46
C ILE G 84 20.65 -25.25 20.38
N VAL G 85 19.74 -25.42 19.43
CA VAL G 85 19.03 -26.68 19.23
C VAL G 85 19.59 -27.39 18.00
N GLY G 86 20.16 -28.57 18.23
CA GLY G 86 20.77 -29.34 17.16
C GLY G 86 22.05 -28.69 16.64
N GLY G 87 22.79 -28.03 17.54
CA GLY G 87 24.15 -27.59 17.21
C GLY G 87 25.08 -28.79 17.05
N THR G 88 26.39 -28.52 17.01
CA THR G 88 27.42 -29.55 16.90
C THR G 88 27.34 -30.47 18.12
N THR G 89 27.24 -29.87 19.30
CA THR G 89 27.07 -30.58 20.57
C THR G 89 25.75 -31.34 20.62
N GLY G 90 24.71 -30.72 20.09
CA GLY G 90 23.39 -31.34 19.95
C GLY G 90 23.27 -32.35 18.83
N GLU G 91 24.39 -32.69 18.19
CA GLU G 91 24.43 -33.67 17.10
C GLU G 91 23.41 -33.38 15.98
N GLY G 92 23.34 -32.11 15.56
CA GLY G 92 22.49 -31.70 14.42
C GLY G 92 22.83 -32.46 13.15
N GLN G 93 24.13 -32.74 12.99
CA GLN G 93 24.65 -33.51 11.86
C GLN G 93 24.00 -34.89 11.71
N LEU G 94 23.41 -35.41 12.78
CA LEU G 94 22.89 -36.77 12.80
C LEU G 94 21.37 -36.83 12.68
N MET G 95 20.75 -35.65 12.56
CA MET G 95 19.31 -35.58 12.52
C MET G 95 18.80 -35.58 11.09
N SER G 96 17.58 -36.06 10.90
CA SER G 96 16.90 -35.81 9.65
C SER G 96 16.18 -34.50 9.90
N TRP G 97 15.84 -33.77 8.85
CA TRP G 97 15.28 -32.44 9.07
C TRP G 97 13.92 -32.47 9.80
N ASP G 98 13.11 -33.50 9.55
CA ASP G 98 11.81 -33.58 10.26
C ASP G 98 11.98 -33.60 11.78
N GLU G 99 12.91 -34.41 12.24
CA GLU G 99 13.32 -34.56 13.64
C GLU G 99 13.79 -33.22 14.20
N HIS G 100 14.61 -32.55 13.39
CA HIS G 100 15.24 -31.32 13.82
C HIS G 100 14.23 -30.20 13.99
N ILE G 101 13.38 -30.03 13.00
CA ILE G 101 12.39 -28.97 13.10
C ILE G 101 11.40 -29.31 14.20
N MET G 102 11.12 -30.60 14.40
CA MET G 102 10.32 -31.02 15.53
C MET G 102 10.93 -30.53 16.85
N LEU G 103 12.21 -30.84 17.07
CA LEU G 103 12.92 -30.43 18.27
C LEU G 103 12.88 -28.91 18.47
N ILE G 104 13.13 -28.17 17.41
CA ILE G 104 13.09 -26.70 17.46
C ILE G 104 11.69 -26.22 17.92
N GLY G 105 10.65 -26.74 17.27
CA GLY G 105 9.29 -26.34 17.54
C GLY G 105 8.85 -26.77 18.92
N HIS G 106 9.32 -27.95 19.33
CA HIS G 106 9.08 -28.44 20.67
C HIS G 106 9.72 -27.50 21.71
N THR G 107 10.95 -27.08 21.47
CA THR G 107 11.67 -26.24 22.41
C THR G 107 10.98 -24.88 22.50
N VAL G 108 10.55 -24.36 21.35
CA VAL G 108 9.85 -23.09 21.31
C VAL G 108 8.53 -23.20 22.06
N ASN G 109 7.75 -24.24 21.75
CA ASN G 109 6.46 -24.47 22.40
C ASN G 109 6.55 -24.66 23.92
N CYS G 110 7.58 -25.34 24.40
CA CYS G 110 7.67 -25.67 25.83
C CYS G 110 8.45 -24.64 26.64
N PHE G 111 9.40 -23.95 26.01
CA PHE G 111 10.38 -23.14 26.74
C PHE G 111 10.53 -21.73 26.17
N GLY G 112 9.95 -21.48 25.00
CA GLY G 112 10.11 -20.18 24.31
C GLY G 112 9.96 -18.94 25.16
N GLY G 113 8.99 -18.95 26.08
CA GLY G 113 8.76 -17.81 26.99
C GLY G 113 9.78 -17.62 28.09
N SER G 114 10.56 -18.66 28.40
CA SER G 114 11.54 -18.64 29.48
C SER G 114 12.99 -18.57 29.00
N ILE G 115 13.21 -18.85 27.72
CA ILE G 115 14.59 -18.97 27.19
C ILE G 115 14.61 -18.69 25.69
N LYS G 116 15.70 -18.15 25.18
CA LYS G 116 15.81 -17.95 23.72
C LYS G 116 16.18 -19.23 22.99
N VAL G 117 15.41 -19.54 21.96
CA VAL G 117 15.63 -20.74 21.17
C VAL G 117 16.33 -20.38 19.86
N ILE G 118 17.57 -20.81 19.75
CA ILE G 118 18.37 -20.59 18.57
C ILE G 118 18.48 -21.90 17.83
N GLY G 119 17.88 -21.95 16.64
CA GLY G 119 17.89 -23.20 15.86
C GLY G 119 19.16 -23.27 15.05
N ASN G 120 19.86 -24.40 15.11
CA ASN G 120 20.97 -24.60 14.19
C ASN G 120 20.51 -25.07 12.80
N THR G 121 20.28 -24.11 11.91
CA THR G 121 19.68 -24.38 10.62
C THR G 121 20.69 -24.19 9.48
N GLY G 122 21.97 -24.04 9.82
CA GLY G 122 23.02 -23.96 8.82
C GLY G 122 23.31 -25.29 8.18
N SER G 123 24.03 -25.25 7.06
CA SER G 123 24.31 -26.45 6.28
C SER G 123 25.41 -26.12 5.28
N ASN G 124 26.09 -27.13 4.77
CA ASN G 124 27.02 -26.88 3.66
C ASN G 124 26.28 -26.75 2.32
N SER G 125 24.97 -26.95 2.36
CA SER G 125 24.08 -26.79 1.19
C SER G 125 23.15 -25.61 1.43
N THR G 126 23.25 -24.61 0.56
CA THR G 126 22.47 -23.38 0.67
C THR G 126 20.97 -23.66 0.62
N ARG G 127 20.58 -24.59 -0.27
CA ARG G 127 19.20 -25.05 -0.37
C ARG G 127 18.66 -25.51 0.97
N GLU G 128 19.41 -26.37 1.65
CA GLU G 128 19.04 -26.86 2.96
C GLU G 128 19.03 -25.75 4.00
N ALA G 129 20.05 -24.89 3.97
CA ALA G 129 20.13 -23.77 4.89
C ALA G 129 18.91 -22.85 4.73
N ILE G 130 18.57 -22.52 3.48
CA ILE G 130 17.42 -21.69 3.19
C ILE G 130 16.14 -22.31 3.74
N HIS G 131 15.95 -23.57 3.36
CA HIS G 131 14.74 -24.28 3.70
C HIS G 131 14.61 -24.50 5.21
N ALA G 132 15.69 -24.95 5.85
CA ALA G 132 15.68 -25.18 7.30
C ALA G 132 15.42 -23.88 8.08
N THR G 133 16.07 -22.80 7.64
CA THR G 133 15.97 -21.52 8.32
C THR G 133 14.56 -20.94 8.27
N GLU G 134 13.94 -20.92 7.09
CA GLU G 134 12.58 -20.37 6.96
C GLU G 134 11.58 -21.23 7.74
N GLN G 135 11.71 -22.55 7.65
CA GLN G 135 10.83 -23.40 8.44
C GLN G 135 11.09 -23.21 9.93
N GLY G 136 12.36 -23.10 10.30
CA GLY G 136 12.74 -22.84 11.68
C GLY G 136 12.08 -21.58 12.25
N PHE G 137 12.13 -20.47 11.49
CA PHE G 137 11.51 -19.22 11.95
C PHE G 137 9.99 -19.32 11.98
N ALA G 138 9.42 -19.99 10.98
CA ALA G 138 7.98 -20.19 10.92
C ALA G 138 7.43 -20.90 12.16
N VAL G 139 8.17 -21.85 12.73
CA VAL G 139 7.72 -22.48 13.99
C VAL G 139 8.11 -21.71 15.24
N GLY G 140 8.74 -20.55 15.03
CA GLY G 140 8.97 -19.56 16.09
C GLY G 140 10.31 -19.53 16.79
N MET G 141 11.35 -20.04 16.15
CA MET G 141 12.68 -19.94 16.74
C MET G 141 13.08 -18.46 16.76
N HIS G 142 13.90 -18.06 17.74
CA HIS G 142 14.24 -16.64 17.90
C HIS G 142 15.41 -16.19 17.02
N ALA G 143 16.31 -17.11 16.71
CA ALA G 143 17.45 -16.80 15.86
C ALA G 143 17.94 -18.07 15.21
N ALA G 144 18.80 -17.93 14.20
CA ALA G 144 19.41 -19.07 13.53
C ALA G 144 20.91 -18.98 13.75
N LEU G 145 21.55 -20.14 13.90
CA LEU G 145 23.00 -20.28 13.89
C LEU G 145 23.39 -20.78 12.52
N HIS G 146 24.36 -20.10 11.91
CA HIS G 146 24.78 -20.40 10.54
C HIS G 146 26.28 -20.55 10.36
N ILE G 147 26.70 -21.79 10.18
CA ILE G 147 28.09 -22.10 9.90
C ILE G 147 28.39 -21.80 8.43
N ASN G 148 29.68 -21.70 8.08
CA ASN G 148 30.08 -21.65 6.67
C ASN G 148 30.08 -23.07 6.12
N PRO G 149 29.81 -23.22 4.81
CA PRO G 149 29.82 -24.56 4.23
C PRO G 149 31.11 -25.29 4.53
N TYR G 150 30.97 -26.47 5.13
CA TYR G 150 32.08 -27.31 5.56
C TYR G 150 32.15 -28.47 4.62
N TYR G 151 33.32 -29.11 4.54
CA TYR G 151 33.59 -30.23 3.64
C TYR G 151 33.58 -29.80 2.17
N GLY G 152 32.39 -29.51 1.63
CA GLY G 152 32.27 -28.86 0.33
C GLY G 152 32.43 -27.37 0.52
N LYS G 153 33.67 -26.95 0.77
CA LYS G 153 34.03 -25.54 0.90
C LYS G 153 33.75 -24.71 -0.36
N THR G 154 33.29 -23.48 -0.15
CA THR G 154 33.10 -22.54 -1.26
C THR G 154 34.09 -21.38 -1.18
N SER G 155 34.14 -20.58 -2.24
CA SER G 155 34.97 -19.37 -2.28
C SER G 155 34.37 -18.34 -1.32
N LEU G 156 35.12 -17.27 -1.05
CA LEU G 156 34.63 -16.20 -0.17
C LEU G 156 33.40 -15.54 -0.78
N GLU G 157 33.40 -15.39 -2.10
CA GLU G 157 32.24 -14.87 -2.83
C GLU G 157 31.03 -15.78 -2.65
N GLY G 158 31.25 -17.08 -2.80
CA GLY G 158 30.23 -18.07 -2.49
C GLY G 158 29.75 -17.93 -1.05
N LEU G 159 30.67 -17.66 -0.13
CA LEU G 159 30.30 -17.47 1.27
C LEU G 159 29.32 -16.33 1.43
N VAL G 160 29.61 -15.22 0.77
CA VAL G 160 28.74 -14.07 0.86
C VAL G 160 27.37 -14.43 0.29
N SER G 161 27.34 -15.06 -0.89
CA SER G 161 26.08 -15.49 -1.50
C SER G 161 25.28 -16.42 -0.58
N HIS G 162 25.97 -17.37 0.04
CA HIS G 162 25.34 -18.31 0.96
C HIS G 162 24.72 -17.61 2.18
N PHE G 163 25.50 -16.78 2.87
CA PHE G 163 24.97 -16.07 4.05
C PHE G 163 23.87 -15.07 3.70
N GLU G 164 23.99 -14.41 2.56
CA GLU G 164 22.95 -13.47 2.13
C GLU G 164 21.65 -14.17 1.70
N SER G 165 21.73 -15.48 1.40
CA SER G 165 20.53 -16.29 1.16
C SER G 165 19.66 -16.40 2.41
N VAL G 166 20.27 -16.32 3.59
CA VAL G 166 19.55 -16.62 4.84
C VAL G 166 19.44 -15.46 5.82
N LEU G 167 20.36 -14.51 5.72
CA LEU G 167 20.33 -13.38 6.64
C LEU G 167 18.99 -12.60 6.65
N PRO G 168 18.29 -12.49 5.49
CA PRO G 168 17.05 -11.73 5.54
C PRO G 168 15.97 -12.38 6.37
N MET G 169 16.14 -13.65 6.70
CA MET G 169 15.06 -14.41 7.31
C MET G 169 14.82 -14.10 8.79
N GLY G 170 15.86 -13.64 9.49
CA GLY G 170 15.72 -13.30 10.91
C GLY G 170 17.06 -13.15 11.59
N PRO G 171 17.06 -12.88 12.92
CA PRO G 171 18.29 -12.71 13.70
C PRO G 171 19.21 -13.91 13.51
N THR G 172 20.49 -13.64 13.26
CA THR G 172 21.42 -14.68 12.80
C THR G 172 22.76 -14.57 13.52
N VAL G 173 23.25 -15.71 14.01
CA VAL G 173 24.57 -15.80 14.58
C VAL G 173 25.41 -16.59 13.60
N ILE G 174 26.51 -16.00 13.16
CA ILE G 174 27.42 -16.71 12.28
C ILE G 174 28.47 -17.47 13.08
N TYR G 175 28.70 -18.72 12.66
CA TYR G 175 29.50 -19.68 13.41
C TYR G 175 30.80 -20.01 12.67
N ASN G 176 31.91 -19.56 13.25
CA ASN G 176 33.26 -19.81 12.73
C ASN G 176 33.99 -20.83 13.59
N VAL G 177 34.31 -21.97 12.98
CA VAL G 177 35.04 -23.06 13.64
C VAL G 177 35.87 -23.80 12.58
N PRO G 178 36.97 -23.15 12.11
CA PRO G 178 37.77 -23.71 11.03
C PRO G 178 38.43 -25.04 11.36
N SER G 179 38.65 -25.32 12.65
CA SER G 179 39.19 -26.64 13.03
C SER G 179 38.26 -27.77 12.57
N ARG G 180 36.96 -27.48 12.48
CA ARG G 180 35.96 -28.44 11.95
C ARG G 180 35.58 -28.27 10.46
N THR G 181 35.49 -27.01 9.98
CA THR G 181 35.03 -26.72 8.62
C THR G 181 36.12 -26.79 7.53
N GLY G 182 37.33 -26.41 7.93
CA GLY G 182 38.45 -26.32 6.99
C GLY G 182 38.55 -24.92 6.44
N GLN G 183 37.70 -24.02 6.92
CA GLN G 183 37.73 -22.67 6.38
C GLN G 183 37.49 -21.65 7.45
N ASP G 184 38.49 -20.81 7.69
CA ASP G 184 38.37 -19.73 8.63
C ASP G 184 37.60 -18.63 7.93
N ILE G 185 36.48 -18.20 8.52
CA ILE G 185 35.72 -17.10 7.95
C ILE G 185 36.49 -15.83 8.29
N PRO G 186 36.98 -15.13 7.25
CA PRO G 186 37.73 -13.89 7.51
C PRO G 186 36.82 -12.76 7.96
N PRO G 187 37.31 -11.87 8.83
CA PRO G 187 36.55 -10.69 9.25
C PRO G 187 36.01 -9.86 8.10
N GLY G 188 36.71 -9.79 6.97
CA GLY G 188 36.18 -9.07 5.81
C GLY G 188 34.81 -9.59 5.38
N VAL G 189 34.63 -10.91 5.43
CA VAL G 189 33.35 -11.52 5.09
C VAL G 189 32.30 -11.14 6.14
N ILE G 190 32.65 -11.28 7.41
CA ILE G 190 31.75 -10.90 8.49
C ILE G 190 31.32 -9.44 8.37
N HIS G 191 32.29 -8.54 8.15
CA HIS G 191 31.97 -7.12 7.98
C HIS G 191 31.08 -6.84 6.77
N THR G 192 31.30 -7.58 5.69
CA THR G 192 30.42 -7.51 4.51
C THR G 192 28.99 -7.90 4.88
N VAL G 193 28.80 -9.06 5.48
CA VAL G 193 27.44 -9.50 5.76
C VAL G 193 26.78 -8.72 6.90
N ALA G 194 27.61 -8.08 7.74
CA ALA G 194 27.14 -7.19 8.81
C ALA G 194 26.34 -5.95 8.34
N GLN G 195 26.28 -5.73 7.03
CA GLN G 195 25.41 -4.73 6.42
C GLN G 195 23.93 -5.06 6.64
N SER G 196 23.64 -6.36 6.82
CA SER G 196 22.30 -6.79 7.16
C SER G 196 21.98 -6.47 8.61
N ALA G 197 20.83 -5.84 8.85
CA ALA G 197 20.38 -5.54 10.20
C ALA G 197 20.17 -6.81 11.04
N ASN G 198 20.07 -7.97 10.36
CA ASN G 198 19.77 -9.24 11.03
C ASN G 198 20.95 -10.03 11.61
N LEU G 199 22.17 -9.57 11.35
CA LEU G 199 23.35 -10.18 11.97
C LEU G 199 23.40 -9.78 13.44
N ALA G 200 23.13 -10.76 14.31
CA ALA G 200 23.26 -10.56 15.74
C ALA G 200 24.74 -10.56 16.14
N GLY G 201 25.51 -11.54 15.66
CA GLY G 201 26.93 -11.63 16.02
C GLY G 201 27.60 -12.91 15.55
N VAL G 202 28.77 -13.20 16.11
CA VAL G 202 29.57 -14.35 15.71
C VAL G 202 29.82 -15.30 16.88
N GLU G 204 32.48 -17.45 17.84
CA GLU G 204 33.88 -17.48 17.42
C GLU G 204 34.69 -18.55 18.14
N CYS G 205 35.41 -19.37 17.39
CA CYS G 205 36.16 -20.47 17.96
C CYS G 205 37.67 -20.40 17.72
N VAL G 206 38.14 -19.38 16.99
CA VAL G 206 39.57 -19.32 16.68
C VAL G 206 40.45 -18.88 17.86
N GLY G 207 39.93 -18.04 18.73
CA GLY G 207 40.72 -17.60 19.88
C GLY G 207 40.36 -16.21 20.31
N ASN G 208 40.81 -15.84 21.50
CA ASN G 208 40.48 -14.53 22.06
C ASN G 208 41.01 -13.35 21.25
N ASP G 209 42.17 -13.51 20.64
CA ASP G 209 42.71 -12.44 19.79
C ASP G 209 41.82 -12.14 18.57
N ARG G 210 41.29 -13.19 17.93
CA ARG G 210 40.27 -12.96 16.90
C ARG G 210 39.08 -12.22 17.46
N ILE G 211 38.60 -12.62 18.63
CA ILE G 211 37.44 -11.98 19.21
C ILE G 211 37.65 -10.49 19.36
N LYS G 212 38.85 -10.11 19.77
CA LYS G 212 39.19 -8.70 20.02
C LYS G 212 39.06 -7.84 18.75
N GLN G 213 39.61 -8.36 17.66
CA GLN G 213 39.42 -7.75 16.35
C GLN G 213 37.96 -7.38 16.11
N TYR G 214 37.03 -8.24 16.51
CA TYR G 214 35.58 -8.00 16.28
C TYR G 214 34.95 -7.02 17.25
N THR G 215 35.20 -7.22 18.55
CA THR G 215 34.58 -6.38 19.58
C THR G 215 35.10 -4.92 19.57
N ASP G 216 36.35 -4.72 19.16
CA ASP G 216 36.91 -3.37 18.95
C ASP G 216 36.19 -2.69 17.79
N ASN G 217 35.61 -3.50 16.91
CA ASN G 217 34.95 -3.01 15.71
C ASN G 217 33.45 -3.23 15.70
N ARG G 218 32.83 -3.14 16.87
CA ARG G 218 31.37 -3.10 16.98
C ARG G 218 30.62 -4.37 16.49
N ILE G 219 31.30 -5.51 16.51
CA ILE G 219 30.65 -6.77 16.24
C ILE G 219 30.53 -7.61 17.52
N VAL G 220 29.30 -7.97 17.85
CA VAL G 220 29.02 -8.84 19.00
C VAL G 220 29.59 -10.26 18.79
N VAL G 221 30.24 -10.79 19.83
CA VAL G 221 30.87 -12.10 19.73
C VAL G 221 30.59 -12.93 20.98
N TRP G 222 30.31 -14.22 20.76
CA TRP G 222 30.25 -15.20 21.84
C TRP G 222 31.41 -16.13 21.61
N SER G 223 32.17 -16.44 22.66
CA SER G 223 33.25 -17.40 22.52
C SER G 223 32.61 -18.77 22.45
N GLY G 224 33.14 -19.65 21.59
CA GLY G 224 32.70 -21.04 21.54
C GLY G 224 33.72 -21.98 22.15
N ASN G 225 34.65 -21.43 22.92
CA ASN G 225 35.64 -22.22 23.65
C ASN G 225 35.49 -21.99 25.15
N ASP G 226 35.06 -23.04 25.83
CA ASP G 226 34.87 -22.97 27.27
C ASP G 226 36.16 -22.66 28.03
N ASP G 227 37.28 -23.20 27.57
CA ASP G 227 38.56 -22.95 28.25
C ASP G 227 39.06 -21.52 28.06
N GLN G 228 38.34 -20.70 27.29
CA GLN G 228 38.74 -19.34 26.97
C GLN G 228 37.71 -18.29 27.34
N CYS G 229 36.48 -18.73 27.60
CA CYS G 229 35.36 -17.78 27.59
C CYS G 229 35.35 -16.79 28.74
N HIS G 230 36.02 -17.14 29.83
CA HIS G 230 36.11 -16.25 30.99
C HIS G 230 36.91 -15.00 30.60
N ASP G 231 38.12 -15.20 30.09
CA ASP G 231 38.94 -14.10 29.61
C ASP G 231 38.23 -13.33 28.47
N ALA G 232 37.74 -14.09 27.47
CA ALA G 232 36.95 -13.53 26.37
C ALA G 232 35.95 -12.49 26.86
N LYS G 233 35.15 -12.82 27.87
CA LYS G 233 34.10 -11.89 28.31
C LYS G 233 34.60 -10.68 29.13
N TRP G 234 35.65 -10.89 29.92
CA TRP G 234 36.09 -9.89 30.90
C TRP G 234 37.15 -8.98 30.32
N ASP G 235 38.10 -9.60 29.62
CA ASP G 235 39.25 -8.93 29.01
C ASP G 235 39.06 -8.55 27.52
N TYR G 236 38.30 -9.34 26.75
CA TYR G 236 38.27 -9.14 25.29
C TYR G 236 36.94 -8.65 24.70
N GLY G 237 36.00 -8.27 25.54
CA GLY G 237 34.76 -7.66 25.07
C GLY G 237 33.64 -8.60 24.62
N ALA G 238 33.87 -9.92 24.66
CA ALA G 238 32.85 -10.91 24.31
C ALA G 238 31.61 -10.67 25.15
N THR G 239 30.43 -10.80 24.54
CA THR G 239 29.18 -10.58 25.26
C THR G 239 28.91 -11.75 26.19
N GLY G 240 29.44 -12.92 25.84
CA GLY G 240 29.18 -14.14 26.58
C GLY G 240 29.74 -15.37 25.90
N VAL G 241 29.16 -16.53 26.21
CA VAL G 241 29.65 -17.80 25.68
C VAL G 241 28.51 -18.57 24.99
N ILE G 242 28.87 -19.40 24.02
CA ILE G 242 27.96 -20.44 23.55
C ILE G 242 28.65 -21.74 23.98
N SER G 243 28.12 -22.36 25.03
CA SER G 243 28.89 -23.28 25.86
C SER G 243 28.51 -24.75 25.77
N VAL G 244 29.53 -25.61 25.76
CA VAL G 244 29.36 -27.04 25.95
C VAL G 244 29.28 -27.37 27.45
N THR G 245 30.25 -26.85 28.22
CA THR G 245 30.42 -27.22 29.63
C THR G 245 29.23 -26.89 30.51
N SER G 246 28.49 -25.84 30.15
CA SER G 246 27.26 -25.48 30.86
C SER G 246 26.21 -26.60 30.84
N ASN G 247 26.31 -27.51 29.87
CA ASN G 247 25.50 -28.74 29.90
C ASN G 247 25.69 -29.49 31.23
N LEU G 248 26.90 -29.44 31.78
CA LEU G 248 27.22 -30.15 33.02
C LEU G 248 27.13 -29.26 34.27
N ILE G 249 27.76 -28.10 34.22
CA ILE G 249 27.83 -27.21 35.39
C ILE G 249 27.30 -25.82 35.07
N PRO G 250 25.99 -25.71 34.77
CA PRO G 250 25.48 -24.42 34.31
C PRO G 250 25.63 -23.30 35.36
N GLY G 251 25.49 -23.64 36.65
CA GLY G 251 25.59 -22.65 37.73
C GLY G 251 26.96 -22.01 37.82
N LEU G 252 27.99 -22.85 37.68
CA LEU G 252 29.37 -22.39 37.71
C LEU G 252 29.77 -21.58 36.49
N MET G 253 29.21 -21.96 35.33
CA MET G 253 29.50 -21.21 34.10
C MET G 253 28.86 -19.84 34.23
N ARG G 254 27.63 -19.78 34.74
CA ARG G 254 26.97 -18.51 35.03
C ARG G 254 27.85 -17.66 35.96
N GLN G 255 28.16 -18.18 37.16
CA GLN G 255 29.01 -17.44 38.11
C GLN G 255 30.25 -16.86 37.44
N LEU G 256 30.91 -17.69 36.65
CA LEU G 256 32.08 -17.30 35.88
C LEU G 256 31.86 -16.06 34.99
N LEU G 257 30.71 -15.99 34.33
CA LEU G 257 30.44 -14.93 33.33
C LEU G 257 29.72 -13.69 33.88
N PHE G 258 29.12 -13.81 35.06
CA PHE G 258 28.20 -12.79 35.60
C PHE G 258 28.77 -11.94 36.75
N LYS G 259 29.48 -12.59 37.70
CA LYS G 259 29.90 -11.95 38.97
C LYS G 259 31.25 -11.22 39.00
N GLY G 260 32.01 -11.24 37.91
CA GLY G 260 33.32 -10.57 37.88
C GLY G 260 34.45 -11.55 37.65
N LYS G 261 35.58 -11.03 37.19
CA LYS G 261 36.81 -11.80 36.99
C LYS G 261 37.17 -12.66 38.21
N ASN G 262 37.35 -13.96 37.99
CA ASN G 262 37.60 -14.92 39.07
C ASN G 262 38.56 -16.01 38.61
N PRO G 263 39.88 -15.77 38.78
CA PRO G 263 40.94 -16.69 38.33
C PRO G 263 40.89 -18.07 38.98
N SER G 264 40.50 -18.13 40.25
CA SER G 264 40.44 -19.40 40.94
C SER G 264 39.27 -20.28 40.47
N LEU G 265 38.08 -19.69 40.29
CA LEU G 265 36.95 -20.43 39.70
C LEU G 265 37.28 -20.95 38.29
N ASN G 266 37.78 -20.07 37.43
CA ASN G 266 38.24 -20.48 36.10
C ASN G 266 39.21 -21.66 36.15
N ALA G 267 40.22 -21.57 37.02
CA ALA G 267 41.20 -22.66 37.18
C ALA G 267 40.55 -23.95 37.68
N LYS G 268 39.49 -23.80 38.46
CA LYS G 268 38.80 -24.94 39.04
C LYS G 268 38.08 -25.79 37.97
N ILE G 269 37.45 -25.13 36.99
CA ILE G 269 36.67 -25.84 35.95
C ILE G 269 37.57 -26.47 34.89
N MET G 270 38.81 -25.99 34.80
CA MET G 270 39.71 -26.37 33.70
C MET G 270 39.99 -27.88 33.55
N PRO G 271 40.09 -28.63 34.66
CA PRO G 271 40.21 -30.10 34.50
C PRO G 271 38.97 -30.73 33.86
N LEU G 272 37.78 -30.24 34.18
CA LEU G 272 36.58 -30.72 33.53
C LEU G 272 36.62 -30.38 32.05
N VAL G 273 36.88 -29.12 31.72
CA VAL G 273 36.87 -28.65 30.34
C VAL G 273 37.88 -29.43 29.50
N ASN G 274 39.08 -29.65 30.02
CA ASN G 274 40.10 -30.41 29.31
C ASN G 274 39.70 -31.85 29.04
N TRP G 275 39.04 -32.46 30.02
CA TRP G 275 38.54 -33.82 29.88
C TRP G 275 37.45 -33.85 28.80
N LEU G 276 36.59 -32.83 28.78
CA LEU G 276 35.50 -32.76 27.82
C LEU G 276 35.94 -32.78 26.35
N PHE G 277 37.17 -32.34 26.10
CA PHE G 277 37.64 -32.14 24.72
C PHE G 277 38.85 -32.99 24.32
N GLU G 278 39.20 -34.00 25.13
CA GLU G 278 40.27 -34.91 24.76
C GLU G 278 39.91 -35.63 23.47
N GLU G 279 38.70 -36.19 23.40
CA GLU G 279 38.13 -36.67 22.13
C GLU G 279 37.18 -35.60 21.56
N PRO G 280 36.84 -35.68 20.27
CA PRO G 280 36.01 -34.59 19.73
C PRO G 280 34.67 -34.47 20.43
N ASN G 281 34.30 -33.26 20.81
CA ASN G 281 32.97 -32.94 21.34
C ASN G 281 31.91 -33.33 20.32
N PRO G 282 30.79 -33.98 20.76
CA PRO G 282 30.31 -34.28 22.11
C PRO G 282 30.57 -35.68 22.67
N ILE G 283 31.65 -36.35 22.29
CA ILE G 283 31.93 -37.68 22.83
C ILE G 283 32.05 -37.68 24.37
N GLY G 284 32.81 -36.72 24.91
CA GLY G 284 32.95 -36.54 26.34
C GLY G 284 31.65 -36.17 27.00
N LEU G 285 30.98 -35.15 26.49
CA LEU G 285 29.71 -34.74 27.07
C LEU G 285 28.67 -35.85 27.13
N ASN G 286 28.55 -36.64 26.04
CA ASN G 286 27.61 -37.75 25.97
C ASN G 286 27.89 -38.75 27.08
N THR G 287 29.18 -39.02 27.28
CA THR G 287 29.65 -39.94 28.28
C THR G 287 29.33 -39.39 29.68
N ALA G 288 29.70 -38.14 29.93
CA ALA G 288 29.52 -37.50 31.23
C ALA G 288 28.07 -37.46 31.67
N LEU G 289 27.18 -37.10 30.73
CA LEU G 289 25.75 -36.98 31.05
C LEU G 289 25.13 -38.33 31.37
N ALA G 290 25.59 -39.37 30.70
CA ALA G 290 25.17 -40.73 30.99
C ALA G 290 25.62 -41.11 32.41
N GLN G 291 26.90 -40.94 32.70
CA GLN G 291 27.46 -41.17 34.04
C GLN G 291 26.71 -40.44 35.16
N LEU G 292 26.24 -39.23 34.89
CA LEU G 292 25.45 -38.46 35.84
C LEU G 292 24.01 -38.94 35.90
N GLY G 293 23.62 -39.81 34.96
CA GLY G 293 22.28 -40.40 34.93
C GLY G 293 21.18 -39.48 34.42
N VAL G 294 21.53 -38.35 33.82
CA VAL G 294 20.52 -37.41 33.30
C VAL G 294 20.07 -37.75 31.89
N VAL G 295 20.87 -38.55 31.19
CA VAL G 295 20.49 -39.10 29.88
C VAL G 295 20.82 -40.57 29.86
N ARG G 296 20.15 -41.31 28.99
CA ARG G 296 20.44 -42.72 28.79
C ARG G 296 21.78 -42.87 28.08
N PRO G 297 22.49 -44.00 28.33
CA PRO G 297 23.81 -44.25 27.73
C PRO G 297 23.67 -44.76 26.29
N VAL G 298 23.03 -43.95 25.46
CA VAL G 298 22.73 -44.26 24.08
C VAL G 298 23.44 -43.27 23.14
N PHE G 299 24.16 -43.82 22.17
CA PHE G 299 24.97 -43.06 21.24
C PHE G 299 24.48 -43.34 19.82
N ARG G 300 24.14 -42.30 19.06
CA ARG G 300 24.02 -42.41 17.61
C ARG G 300 25.43 -42.41 17.03
N LEU G 301 25.72 -43.39 16.18
CA LEU G 301 27.00 -43.44 15.48
C LEU G 301 27.09 -42.26 14.49
N PRO G 302 28.30 -41.75 14.21
CA PRO G 302 29.62 -42.30 14.46
C PRO G 302 30.23 -42.06 15.84
N TYR G 303 29.47 -41.53 16.80
CA TYR G 303 30.02 -41.27 18.11
C TYR G 303 29.97 -42.53 18.99
N VAL G 304 30.93 -42.61 19.91
CA VAL G 304 31.19 -43.80 20.69
C VAL G 304 31.72 -43.30 22.05
N PRO G 305 31.37 -43.97 23.18
CA PRO G 305 31.72 -43.39 24.48
C PRO G 305 33.21 -43.43 24.79
N LEU G 306 33.63 -42.62 25.76
CA LEU G 306 35.00 -42.67 26.30
C LEU G 306 35.21 -43.98 27.06
N PRO G 307 36.44 -44.53 27.01
CA PRO G 307 36.74 -45.79 27.68
C PRO G 307 36.67 -45.69 29.22
N LEU G 308 36.64 -46.86 29.86
CA LEU G 308 36.54 -47.02 31.33
C LEU G 308 37.45 -46.08 32.14
N ALA G 309 38.76 -46.14 31.89
CA ALA G 309 39.72 -45.29 32.62
C ALA G 309 39.33 -43.80 32.58
N LYS G 310 38.80 -43.33 31.45
CA LYS G 310 38.34 -41.93 31.33
C LYS G 310 37.09 -41.64 32.14
N ARG G 311 36.25 -42.67 32.29
CA ARG G 311 35.01 -42.53 33.06
C ARG G 311 35.28 -42.55 34.57
N VAL G 312 36.30 -43.33 34.97
CA VAL G 312 36.84 -43.30 36.33
C VAL G 312 37.38 -41.88 36.59
N GLU G 313 38.16 -41.36 35.64
CA GLU G 313 38.67 -40.01 35.72
C GLU G 313 37.53 -38.97 35.90
N PHE G 314 36.41 -39.15 35.19
CA PHE G 314 35.26 -38.24 35.36
C PHE G 314 34.67 -38.28 36.77
N VAL G 315 34.62 -39.46 37.38
CA VAL G 315 34.15 -39.57 38.76
C VAL G 315 34.97 -38.69 39.74
N ASN G 316 36.29 -38.66 39.55
CA ASN G 316 37.21 -37.89 40.37
C ASN G 316 37.13 -36.39 40.11
N ILE G 317 36.88 -36.03 38.86
CA ILE G 317 36.66 -34.63 38.51
C ILE G 317 35.38 -34.12 39.19
N VAL G 318 34.34 -34.94 39.15
CA VAL G 318 33.08 -34.63 39.85
C VAL G 318 33.28 -34.48 41.36
N LYS G 319 34.05 -35.39 41.97
CA LYS G 319 34.32 -35.32 43.41
C LYS G 319 35.12 -34.05 43.79
N GLU G 320 36.10 -33.70 42.96
CA GLU G 320 36.90 -32.50 43.20
C GLU G 320 36.08 -31.20 43.08
N ILE G 321 35.28 -31.07 42.01
CA ILE G 321 34.39 -29.91 41.83
C ILE G 321 33.23 -29.95 42.81
N GLY G 322 32.79 -31.15 43.17
CA GLY G 322 31.61 -31.32 44.01
C GLY G 322 30.39 -31.64 43.16
N ARG G 323 29.80 -32.82 43.40
CA ARG G 323 28.63 -33.32 42.67
C ARG G 323 27.45 -32.34 42.64
N GLU G 324 27.36 -31.51 43.66
CA GLU G 324 26.22 -30.59 43.80
C GLU G 324 26.23 -29.48 42.74
N ASN G 325 27.39 -29.28 42.10
CA ASN G 325 27.54 -28.33 41.01
C ASN G 325 27.16 -28.90 39.63
N PHE G 326 26.89 -30.21 39.56
CA PHE G 326 26.57 -30.87 38.29
C PHE G 326 25.07 -31.12 38.16
N VAL G 327 24.56 -31.03 36.94
CA VAL G 327 23.17 -31.33 36.64
C VAL G 327 22.74 -32.69 37.22
N GLY G 328 21.50 -32.78 37.68
CA GLY G 328 20.96 -34.01 38.24
C GLY G 328 21.20 -34.22 39.72
N GLU G 329 20.52 -35.24 40.26
CA GLU G 329 20.59 -35.54 41.69
C GLU G 329 21.24 -36.89 41.97
N LYS G 330 21.31 -37.75 40.96
CA LYS G 330 21.74 -39.13 41.15
C LYS G 330 23.24 -39.21 41.38
N ASP G 331 23.67 -40.20 42.15
CA ASP G 331 25.09 -40.41 42.37
C ASP G 331 25.71 -40.64 41.00
N VAL G 332 26.89 -40.09 40.76
CA VAL G 332 27.60 -40.31 39.50
C VAL G 332 28.09 -41.76 39.44
N LYS G 333 28.03 -42.39 38.27
CA LYS G 333 28.51 -43.77 38.10
C LYS G 333 29.64 -43.85 37.10
N VAL G 334 30.53 -44.84 37.26
CA VAL G 334 31.57 -45.07 36.26
C VAL G 334 30.90 -45.66 35.01
N LEU G 335 29.97 -46.59 35.24
CA LEU G 335 29.27 -47.38 34.20
C LEU G 335 30.20 -48.43 33.57
N ASP G 336 29.61 -49.54 33.16
CA ASP G 336 30.36 -50.58 32.49
C ASP G 336 30.26 -50.37 30.98
N ASP G 337 31.28 -50.86 30.27
CA ASP G 337 31.28 -50.85 28.82
C ASP G 337 29.95 -51.33 28.24
N ASP G 338 29.41 -52.42 28.79
CA ASP G 338 28.15 -53.04 28.32
C ASP G 338 26.89 -52.21 28.57
N ASP G 339 26.98 -51.16 29.39
CA ASP G 339 25.84 -50.25 29.60
C ASP G 339 25.50 -49.42 28.35
N PHE G 340 26.49 -49.13 27.51
CA PHE G 340 26.31 -48.22 26.38
C PHE G 340 25.70 -48.87 25.14
N ILE G 341 24.70 -48.21 24.58
CA ILE G 341 24.09 -48.68 23.34
C ILE G 341 24.49 -47.79 22.16
N LEU G 342 25.01 -48.44 21.11
CA LEU G 342 25.41 -47.78 19.85
C LEU G 342 24.37 -48.04 18.76
N VAL G 343 23.81 -46.96 18.23
CA VAL G 343 22.77 -47.06 17.19
C VAL G 343 23.28 -46.54 15.84
N GLY G 344 23.24 -47.42 14.84
CA GLY G 344 23.54 -47.07 13.46
C GLY G 344 22.28 -46.86 12.61
N ARG G 345 21.29 -47.73 12.77
CA ARG G 345 20.06 -47.63 11.98
C ARG G 345 18.91 -47.10 12.84
N TYR G 346 18.41 -45.93 12.50
CA TYR G 346 17.34 -45.30 13.25
C TYR G 346 16.54 -44.36 12.34
N SER H 40 -5.71 -31.74 26.70
CA SER H 40 -6.79 -32.54 27.36
C SER H 40 -7.90 -32.95 26.39
N VAL H 41 -8.35 -34.20 26.53
CA VAL H 41 -9.43 -34.76 25.72
C VAL H 41 -10.72 -33.93 25.80
N ASP H 42 -11.16 -33.58 27.02
CA ASP H 42 -12.44 -32.91 27.23
C ASP H 42 -12.47 -31.51 26.65
N ASP H 43 -11.29 -30.91 26.50
CA ASP H 43 -11.19 -29.60 25.89
C ASP H 43 -11.54 -29.66 24.41
N ILE H 44 -11.18 -30.78 23.79
CA ILE H 44 -11.49 -31.03 22.40
C ILE H 44 -12.96 -31.41 22.26
N LYS H 45 -13.43 -32.34 23.08
CA LYS H 45 -14.82 -32.81 23.07
C LYS H 45 -15.87 -31.68 23.14
N SER H 46 -15.48 -30.51 23.63
CA SER H 46 -16.44 -29.45 23.83
C SER H 46 -16.40 -28.39 22.72
N LEU H 47 -15.60 -28.63 21.68
CA LEU H 47 -15.51 -27.69 20.56
C LEU H 47 -16.72 -27.82 19.63
N ARG H 48 -17.24 -26.68 19.17
CA ARG H 48 -18.44 -26.69 18.32
C ARG H 48 -18.14 -26.28 16.89
N LEU H 49 -17.37 -25.21 16.72
CA LEU H 49 -17.01 -24.76 15.38
C LEU H 49 -15.53 -24.99 15.17
N ILE H 50 -15.19 -26.00 14.38
CA ILE H 50 -13.82 -26.25 13.94
C ILE H 50 -13.77 -26.01 12.45
N THR H 51 -12.82 -25.19 11.99
CA THR H 51 -12.65 -24.93 10.58
C THR H 51 -11.56 -25.83 9.95
N ALA H 52 -11.89 -26.54 8.88
CA ALA H 52 -10.86 -27.19 8.06
C ALA H 52 -10.22 -26.13 7.17
N ILE H 53 -9.26 -25.41 7.74
CA ILE H 53 -8.67 -24.23 7.12
C ILE H 53 -7.93 -24.58 5.84
N LYS H 54 -8.11 -23.72 4.84
CA LYS H 54 -7.45 -23.82 3.55
C LYS H 54 -5.97 -23.40 3.66
N THR H 55 -5.11 -24.03 2.87
CA THR H 55 -3.70 -23.68 2.82
C THR H 55 -3.45 -22.86 1.56
N PRO H 56 -3.14 -21.56 1.72
CA PRO H 56 -2.94 -20.68 0.57
C PRO H 56 -1.49 -20.75 0.10
N TYR H 57 -1.29 -20.50 -1.19
CA TYR H 57 0.04 -20.62 -1.79
C TYR H 57 0.57 -19.34 -2.37
N LEU H 58 1.88 -19.29 -2.47
CA LEU H 58 2.59 -18.24 -3.18
C LEU H 58 2.63 -18.66 -4.65
N PRO H 59 3.03 -17.74 -5.55
CA PRO H 59 3.02 -18.11 -6.98
C PRO H 59 3.95 -19.27 -7.35
N ASP H 60 4.93 -19.57 -6.50
CA ASP H 60 5.87 -20.64 -6.79
C ASP H 60 5.43 -21.96 -6.12
N GLY H 61 4.26 -21.94 -5.48
CA GLY H 61 3.68 -23.16 -4.90
C GLY H 61 3.92 -23.30 -3.41
N ARG H 62 4.84 -22.52 -2.86
CA ARG H 62 5.12 -22.55 -1.42
C ARG H 62 3.93 -21.97 -0.63
N PHE H 63 3.83 -22.34 0.65
CA PHE H 63 2.77 -21.82 1.49
C PHE H 63 2.86 -20.30 1.56
N ASP H 64 1.72 -19.62 1.50
CA ASP H 64 1.64 -18.18 1.75
C ASP H 64 1.28 -17.98 3.21
N LEU H 65 2.30 -17.88 4.06
CA LEU H 65 2.08 -17.76 5.51
C LEU H 65 1.42 -16.47 5.96
N GLU H 66 1.66 -15.38 5.23
CA GLU H 66 1.01 -14.12 5.51
C GLU H 66 -0.51 -14.23 5.28
N ALA H 67 -0.91 -14.74 4.12
CA ALA H 67 -2.33 -15.03 3.86
C ALA H 67 -2.91 -16.03 4.86
N TYR H 68 -2.16 -17.08 5.16
CA TYR H 68 -2.57 -18.11 6.11
C TYR H 68 -2.88 -17.53 7.50
N ASP H 69 -1.97 -16.71 8.00
CA ASP H 69 -2.18 -16.00 9.26
C ASP H 69 -3.46 -15.13 9.22
N ALA H 70 -3.63 -14.36 8.15
CA ALA H 70 -4.83 -13.57 7.99
C ALA H 70 -6.08 -14.46 8.06
N LEU H 71 -6.11 -15.55 7.29
CA LEU H 71 -7.20 -16.54 7.38
C LEU H 71 -7.51 -17.02 8.79
N VAL H 72 -6.49 -17.48 9.53
CA VAL H 72 -6.73 -17.95 10.91
C VAL H 72 -7.19 -16.82 11.85
N ASN H 73 -6.68 -15.61 11.64
CA ASN H 73 -7.15 -14.45 12.41
C ASN H 73 -8.63 -14.13 12.17
N MET H 74 -9.11 -14.26 10.93
CA MET H 74 -10.52 -14.02 10.65
C MET H 74 -11.38 -15.11 11.27
N GLN H 75 -10.85 -16.33 11.31
CA GLN H 75 -11.54 -17.42 12.02
C GLN H 75 -11.71 -17.11 13.51
N ILE H 76 -10.62 -16.67 14.14
CA ILE H 76 -10.63 -16.35 15.56
C ILE H 76 -11.63 -15.21 15.85
N VAL H 77 -11.54 -14.13 15.08
CA VAL H 77 -12.44 -12.98 15.22
C VAL H 77 -13.91 -13.39 15.21
N ASP H 78 -14.32 -14.18 14.22
CA ASP H 78 -15.72 -14.59 14.09
C ASP H 78 -16.08 -15.82 14.91
N GLY H 79 -15.18 -16.24 15.80
CA GLY H 79 -15.51 -17.18 16.87
C GLY H 79 -15.30 -18.66 16.58
N ALA H 80 -14.57 -18.99 15.53
CA ALA H 80 -14.20 -20.38 15.29
C ALA H 80 -13.32 -20.83 16.45
N GLU H 81 -13.56 -22.04 16.93
CA GLU H 81 -12.89 -22.53 18.14
C GLU H 81 -11.70 -23.49 17.89
N GLY H 82 -11.63 -24.04 16.68
CA GLY H 82 -10.55 -24.96 16.33
C GLY H 82 -10.21 -24.85 14.85
N VAL H 83 -9.02 -25.30 14.47
CA VAL H 83 -8.70 -25.47 13.04
C VAL H 83 -8.06 -26.82 12.80
N ILE H 84 -8.42 -27.46 11.68
CA ILE H 84 -7.66 -28.60 11.18
C ILE H 84 -6.53 -28.07 10.31
N VAL H 85 -5.30 -28.41 10.65
CA VAL H 85 -4.14 -28.03 9.85
C VAL H 85 -3.77 -29.13 8.85
N GLY H 86 -3.91 -28.81 7.56
CA GLY H 86 -3.62 -29.77 6.50
C GLY H 86 -4.60 -30.93 6.43
N GLY H 87 -5.87 -30.67 6.72
CA GLY H 87 -6.93 -31.64 6.44
C GLY H 87 -7.12 -31.83 4.94
N THR H 88 -8.22 -32.45 4.53
CA THR H 88 -8.51 -32.64 3.10
C THR H 88 -8.68 -31.27 2.43
N THR H 89 -9.43 -30.39 3.08
CA THR H 89 -9.64 -29.03 2.62
C THR H 89 -8.35 -28.21 2.65
N GLY H 90 -7.47 -28.57 3.58
CA GLY H 90 -6.16 -27.91 3.70
C GLY H 90 -5.13 -28.51 2.77
N GLU H 91 -5.57 -29.45 1.94
CA GLU H 91 -4.69 -30.12 0.97
C GLU H 91 -3.44 -30.76 1.60
N GLY H 92 -3.64 -31.44 2.73
CA GLY H 92 -2.53 -32.11 3.40
C GLY H 92 -1.91 -33.15 2.50
N GLN H 93 -2.75 -33.74 1.64
CA GLN H 93 -2.33 -34.75 0.68
C GLN H 93 -1.32 -34.24 -0.35
N LEU H 94 -1.15 -32.92 -0.45
CA LEU H 94 -0.22 -32.34 -1.41
C LEU H 94 1.01 -31.72 -0.74
N MET H 95 1.12 -31.94 0.57
CA MET H 95 2.24 -31.39 1.33
C MET H 95 3.36 -32.41 1.46
N SER H 96 4.59 -31.92 1.57
CA SER H 96 5.68 -32.77 2.08
C SER H 96 5.55 -32.68 3.58
N TRP H 97 6.03 -33.68 4.30
CA TRP H 97 5.85 -33.70 5.76
C TRP H 97 6.52 -32.51 6.50
N ASP H 98 7.67 -32.04 6.02
CA ASP H 98 8.29 -30.92 6.74
C ASP H 98 7.49 -29.61 6.65
N GLU H 99 6.93 -29.31 5.47
CA GLU H 99 5.91 -28.28 5.30
C GLU H 99 4.77 -28.44 6.31
N HIS H 100 4.19 -29.64 6.33
CA HIS H 100 3.04 -29.91 7.18
C HIS H 100 3.35 -29.67 8.66
N ILE H 101 4.42 -30.30 9.16
CA ILE H 101 4.86 -30.12 10.56
C ILE H 101 5.22 -28.65 10.85
N MET H 102 5.89 -28.02 9.89
CA MET H 102 6.17 -26.59 10.01
C MET H 102 4.87 -25.82 10.20
N LEU H 103 3.87 -26.10 9.35
CA LEU H 103 2.58 -25.39 9.39
C LEU H 103 1.88 -25.65 10.71
N ILE H 104 1.97 -26.88 11.21
CA ILE H 104 1.39 -27.21 12.54
C ILE H 104 2.07 -26.43 13.68
N GLY H 105 3.40 -26.52 13.74
CA GLY H 105 4.16 -25.80 14.76
C GLY H 105 3.92 -24.30 14.68
N HIS H 106 3.84 -23.77 13.46
CA HIS H 106 3.58 -22.37 13.20
C HIS H 106 2.25 -21.94 13.81
N THR H 107 1.20 -22.72 13.56
CA THR H 107 -0.17 -22.41 14.00
C THR H 107 -0.28 -22.46 15.52
N VAL H 108 0.39 -23.43 16.12
CA VAL H 108 0.44 -23.50 17.58
C VAL H 108 1.18 -22.29 18.13
N ASN H 109 2.34 -22.01 17.54
CA ASN H 109 3.18 -20.91 17.98
C ASN H 109 2.45 -19.58 17.91
N CYS H 110 1.76 -19.34 16.80
CA CYS H 110 1.12 -18.05 16.60
C CYS H 110 -0.25 -17.96 17.25
N PHE H 111 -1.01 -19.06 17.28
CA PHE H 111 -2.41 -18.97 17.64
C PHE H 111 -2.83 -19.93 18.74
N GLY H 112 -1.88 -20.71 19.24
CA GLY H 112 -2.18 -21.82 20.13
C GLY H 112 -2.93 -21.42 21.39
N GLY H 113 -2.79 -20.16 21.78
CA GLY H 113 -3.48 -19.65 22.96
C GLY H 113 -4.86 -19.09 22.71
N SER H 114 -5.25 -18.98 21.43
CA SER H 114 -6.57 -18.46 21.04
C SER H 114 -7.49 -19.50 20.41
N ILE H 115 -6.92 -20.55 19.81
CA ILE H 115 -7.72 -21.50 19.09
C ILE H 115 -7.08 -22.85 19.29
N LYS H 116 -7.89 -23.90 19.25
CA LYS H 116 -7.35 -25.26 19.34
C LYS H 116 -6.78 -25.70 18.00
N VAL H 117 -5.61 -26.33 18.05
CA VAL H 117 -4.88 -26.73 16.85
C VAL H 117 -4.88 -28.26 16.68
N ILE H 118 -5.52 -28.71 15.60
CA ILE H 118 -5.69 -30.13 15.33
C ILE H 118 -4.94 -30.46 14.04
N GLY H 119 -3.82 -31.17 14.19
CA GLY H 119 -3.00 -31.52 13.03
C GLY H 119 -3.60 -32.73 12.33
N ASN H 120 -3.79 -32.64 11.01
CA ASN H 120 -4.15 -33.83 10.27
C ASN H 120 -2.90 -34.69 10.07
N THR H 121 -2.61 -35.55 11.04
CA THR H 121 -1.41 -36.39 10.93
C THR H 121 -1.70 -37.83 10.51
N GLY H 122 -2.91 -38.08 10.05
CA GLY H 122 -3.31 -39.40 9.55
C GLY H 122 -2.77 -39.73 8.17
N SER H 123 -2.77 -41.02 7.84
CA SER H 123 -2.19 -41.50 6.60
C SER H 123 -2.73 -42.88 6.31
N ASN H 124 -2.66 -43.31 5.05
CA ASN H 124 -2.98 -44.68 4.71
C ASN H 124 -1.81 -45.59 5.08
N SER H 125 -0.68 -44.99 5.41
CA SER H 125 0.49 -45.72 5.92
C SER H 125 0.66 -45.51 7.41
N THR H 126 0.62 -46.62 8.16
CA THR H 126 0.75 -46.59 9.61
C THR H 126 2.06 -45.94 10.07
N ARG H 127 3.17 -46.29 9.40
CA ARG H 127 4.46 -45.67 9.67
C ARG H 127 4.38 -44.14 9.61
N GLU H 128 3.79 -43.60 8.55
CA GLU H 128 3.65 -42.15 8.42
C GLU H 128 2.75 -41.55 9.49
N ALA H 129 1.66 -42.25 9.81
CA ALA H 129 0.71 -41.84 10.83
C ALA H 129 1.41 -41.74 12.17
N ILE H 130 2.18 -42.79 12.50
CA ILE H 130 2.91 -42.84 13.75
C ILE H 130 3.86 -41.63 13.83
N HIS H 131 4.71 -41.52 12.83
CA HIS H 131 5.75 -40.51 12.79
C HIS H 131 5.20 -39.07 12.84
N ALA H 132 4.18 -38.80 12.02
CA ALA H 132 3.61 -37.46 11.91
C ALA H 132 2.84 -37.07 13.18
N THR H 133 2.14 -38.05 13.76
CA THR H 133 1.39 -37.83 15.01
C THR H 133 2.30 -37.49 16.17
N GLU H 134 3.35 -38.29 16.39
CA GLU H 134 4.19 -38.03 17.55
C GLU H 134 4.96 -36.71 17.42
N GLN H 135 5.31 -36.33 16.18
CA GLN H 135 6.03 -35.07 15.95
C GLN H 135 5.08 -33.89 16.05
N GLY H 136 3.87 -34.09 15.56
CA GLY H 136 2.81 -33.11 15.67
C GLY H 136 2.54 -32.78 17.12
N PHE H 137 2.43 -33.80 17.96
CA PHE H 137 2.18 -33.55 19.38
C PHE H 137 3.38 -32.89 20.07
N ALA H 138 4.60 -33.29 19.66
CA ALA H 138 5.82 -32.74 20.24
C ALA H 138 5.95 -31.22 20.02
N VAL H 139 5.56 -30.73 18.84
CA VAL H 139 5.58 -29.29 18.57
C VAL H 139 4.37 -28.60 19.16
N GLY H 140 3.50 -29.37 19.81
CA GLY H 140 2.42 -28.79 20.63
C GLY H 140 0.99 -28.71 20.13
N MET H 141 0.64 -29.50 19.12
CA MET H 141 -0.76 -29.55 18.67
C MET H 141 -1.66 -30.14 19.76
N HIS H 142 -2.92 -29.71 19.78
CA HIS H 142 -3.83 -30.12 20.85
C HIS H 142 -4.47 -31.49 20.57
N ALA H 143 -4.65 -31.82 19.29
CA ALA H 143 -5.27 -33.11 18.93
C ALA H 143 -4.81 -33.62 17.58
N ALA H 144 -5.10 -34.89 17.29
CA ALA H 144 -4.79 -35.49 15.99
C ALA H 144 -6.06 -35.91 15.22
N LEU H 145 -6.15 -35.55 13.95
CA LEU H 145 -7.19 -36.10 13.08
C LEU H 145 -6.63 -37.30 12.33
N HIS H 146 -7.29 -38.46 12.51
CA HIS H 146 -6.92 -39.72 11.82
C HIS H 146 -8.02 -40.34 10.99
N ILE H 147 -7.86 -40.23 9.69
CA ILE H 147 -8.62 -40.98 8.72
C ILE H 147 -8.25 -42.48 8.78
N ASN H 148 -9.13 -43.36 8.29
CA ASN H 148 -8.77 -44.76 8.03
C ASN H 148 -7.96 -44.88 6.75
N PRO H 149 -7.07 -45.89 6.65
CA PRO H 149 -6.27 -46.02 5.43
C PRO H 149 -7.12 -46.06 4.17
N TYR H 150 -6.91 -45.08 3.30
CA TYR H 150 -7.62 -44.94 2.03
C TYR H 150 -6.78 -45.55 0.93
N TYR H 151 -7.43 -45.92 -0.16
CA TYR H 151 -6.82 -46.45 -1.37
C TYR H 151 -6.29 -47.87 -1.22
N GLY H 152 -5.24 -47.97 -0.43
CA GLY H 152 -4.78 -49.16 0.20
C GLY H 152 -5.54 -49.44 1.47
N LYS H 153 -6.80 -49.72 1.28
CA LYS H 153 -7.73 -50.19 2.27
C LYS H 153 -7.19 -51.40 3.05
N THR H 154 -7.43 -51.48 4.33
CA THR H 154 -7.07 -52.68 5.11
C THR H 154 -8.32 -53.34 5.69
N SER H 155 -8.14 -54.46 6.39
CA SER H 155 -9.25 -55.15 7.02
C SER H 155 -9.70 -54.43 8.30
N LEU H 156 -10.84 -54.84 8.84
CA LEU H 156 -11.30 -54.30 10.13
C LEU H 156 -10.30 -54.59 11.27
N GLU H 157 -9.64 -55.75 11.22
CA GLU H 157 -8.52 -56.02 12.15
C GLU H 157 -7.38 -55.03 11.94
N GLY H 158 -7.01 -54.83 10.68
CA GLY H 158 -5.96 -53.90 10.32
C GLY H 158 -6.24 -52.50 10.81
N LEU H 159 -7.48 -52.05 10.64
CA LEU H 159 -7.91 -50.74 11.12
C LEU H 159 -7.70 -50.56 12.60
N VAL H 160 -8.06 -51.60 13.36
CA VAL H 160 -7.90 -51.58 14.80
C VAL H 160 -6.43 -51.43 15.13
N SER H 161 -5.58 -52.21 14.45
CA SER H 161 -4.15 -52.10 14.67
C SER H 161 -3.63 -50.72 14.32
N HIS H 162 -4.15 -50.16 13.23
CA HIS H 162 -3.70 -48.87 12.75
C HIS H 162 -4.03 -47.78 13.78
N PHE H 163 -5.30 -47.68 14.16
CA PHE H 163 -5.71 -46.69 15.14
C PHE H 163 -5.05 -46.85 16.51
N GLU H 164 -4.84 -48.10 16.93
CA GLU H 164 -4.21 -48.34 18.22
C GLU H 164 -2.74 -47.95 18.25
N SER H 165 -2.18 -47.72 17.06
CA SER H 165 -0.78 -47.28 16.92
C SER H 165 -0.62 -45.81 17.27
N VAL H 166 -1.72 -45.07 17.20
CA VAL H 166 -1.62 -43.63 17.34
C VAL H 166 -2.48 -43.08 18.45
N LEU H 167 -3.42 -43.89 18.93
CA LEU H 167 -4.33 -43.43 19.98
C LEU H 167 -3.62 -43.11 21.30
N PRO H 168 -2.59 -43.90 21.70
CA PRO H 168 -1.83 -43.55 22.93
C PRO H 168 -1.14 -42.20 22.89
N MET H 169 -1.01 -41.59 21.71
CA MET H 169 -0.20 -40.36 21.59
C MET H 169 -0.93 -39.10 22.08
N GLY H 170 -2.26 -39.12 22.04
CA GLY H 170 -3.00 -37.98 22.55
C GLY H 170 -4.39 -37.84 21.99
N PRO H 171 -5.06 -36.73 22.35
CA PRO H 171 -6.44 -36.51 21.90
C PRO H 171 -6.57 -36.72 20.40
N THR H 172 -7.46 -37.63 20.02
CA THR H 172 -7.61 -38.09 18.62
C THR H 172 -9.05 -37.96 18.14
N VAL H 173 -9.22 -37.43 16.93
CA VAL H 173 -10.51 -37.43 16.25
C VAL H 173 -10.40 -38.39 15.07
N ILE H 174 -11.20 -39.46 15.09
CA ILE H 174 -11.25 -40.38 13.96
C ILE H 174 -12.15 -39.85 12.84
N TYR H 175 -11.74 -40.09 11.60
CA TYR H 175 -12.28 -39.36 10.46
C TYR H 175 -12.82 -40.35 9.45
N ASN H 176 -14.14 -40.36 9.27
CA ASN H 176 -14.76 -41.30 8.35
C ASN H 176 -15.41 -40.60 7.16
N VAL H 177 -14.87 -40.87 5.96
CA VAL H 177 -15.38 -40.25 4.75
C VAL H 177 -15.34 -41.27 3.58
N PRO H 178 -16.21 -42.32 3.63
CA PRO H 178 -16.24 -43.42 2.66
C PRO H 178 -16.24 -43.01 1.18
N SER H 179 -16.86 -41.88 0.85
CA SER H 179 -16.85 -41.37 -0.53
C SER H 179 -15.44 -41.13 -1.04
N ARG H 180 -14.52 -40.81 -0.13
CA ARG H 180 -13.16 -40.48 -0.52
C ARG H 180 -12.20 -41.63 -0.29
N THR H 181 -12.49 -42.44 0.74
CA THR H 181 -11.53 -43.45 1.17
C THR H 181 -11.73 -44.83 0.54
N GLY H 182 -12.98 -45.14 0.20
CA GLY H 182 -13.32 -46.47 -0.30
C GLY H 182 -13.83 -47.39 0.80
N GLN H 183 -13.78 -46.90 2.04
CA GLN H 183 -14.15 -47.73 3.19
C GLN H 183 -14.89 -46.93 4.23
N ASP H 184 -16.10 -47.40 4.53
CA ASP H 184 -16.93 -46.86 5.60
C ASP H 184 -16.49 -47.53 6.88
N ILE H 185 -16.00 -46.73 7.84
CA ILE H 185 -15.58 -47.28 9.14
C ILE H 185 -16.84 -47.67 9.91
N PRO H 186 -17.03 -48.98 10.17
CA PRO H 186 -18.26 -49.39 10.85
C PRO H 186 -18.22 -49.04 12.33
N PRO H 187 -19.41 -48.79 12.94
CA PRO H 187 -19.53 -48.48 14.37
C PRO H 187 -18.78 -49.44 15.29
N GLY H 188 -18.75 -50.73 14.95
CA GLY H 188 -18.02 -51.71 15.74
C GLY H 188 -16.54 -51.36 15.89
N VAL H 189 -15.94 -50.82 14.83
CA VAL H 189 -14.53 -50.41 14.91
C VAL H 189 -14.39 -49.18 15.81
N ILE H 190 -15.29 -48.22 15.64
CA ILE H 190 -15.32 -47.05 16.50
C ILE H 190 -15.50 -47.42 17.98
N HIS H 191 -16.42 -48.34 18.28
CA HIS H 191 -16.56 -48.81 19.67
C HIS H 191 -15.34 -49.55 20.19
N THR H 192 -14.69 -50.34 19.34
CA THR H 192 -13.49 -51.04 19.77
C THR H 192 -12.40 -50.08 20.23
N VAL H 193 -12.16 -49.03 19.47
CA VAL H 193 -11.07 -48.11 19.81
C VAL H 193 -11.47 -47.00 20.79
N ALA H 194 -12.78 -46.84 21.01
CA ALA H 194 -13.29 -45.88 21.99
C ALA H 194 -12.95 -46.27 23.44
N GLN H 195 -12.46 -47.50 23.60
CA GLN H 195 -11.90 -47.94 24.88
C GLN H 195 -10.72 -47.08 25.30
N SER H 196 -10.04 -46.45 24.34
CA SER H 196 -8.99 -45.49 24.62
C SER H 196 -9.57 -44.21 25.18
N ALA H 197 -9.03 -43.78 26.32
CA ALA H 197 -9.34 -42.46 26.89
C ALA H 197 -9.02 -41.31 25.92
N ASN H 198 -8.15 -41.57 24.94
CA ASN H 198 -7.67 -40.52 24.03
C ASN H 198 -8.55 -40.22 22.82
N LEU H 199 -9.58 -41.04 22.62
CA LEU H 199 -10.52 -40.78 21.57
C LEU H 199 -11.38 -39.60 21.96
N ALA H 200 -11.24 -38.49 21.24
CA ALA H 200 -12.07 -37.34 21.50
C ALA H 200 -13.44 -37.53 20.82
N GLY H 201 -13.45 -38.06 19.61
CA GLY H 201 -14.68 -38.23 18.86
C GLY H 201 -14.50 -38.58 17.39
N VAL H 202 -15.56 -38.41 16.62
CA VAL H 202 -15.56 -38.80 15.22
C VAL H 202 -15.94 -37.62 14.32
N GLU H 204 -17.59 -37.27 11.19
CA GLU H 204 -18.44 -38.21 10.47
C GLU H 204 -19.08 -37.63 9.21
N CYS H 205 -18.94 -38.35 8.11
CA CYS H 205 -19.38 -37.84 6.81
C CYS H 205 -20.39 -38.74 6.09
N VAL H 206 -20.71 -39.91 6.65
CA VAL H 206 -21.70 -40.79 5.99
C VAL H 206 -23.13 -40.33 6.18
N GLY H 207 -23.37 -39.45 7.17
CA GLY H 207 -24.68 -38.83 7.34
C GLY H 207 -25.26 -38.89 8.74
N ASN H 208 -26.29 -38.06 8.95
CA ASN H 208 -26.93 -37.88 10.25
C ASN H 208 -27.45 -39.15 10.89
N ASP H 209 -27.77 -40.17 10.10
CA ASP H 209 -28.16 -41.47 10.68
C ASP H 209 -27.01 -42.08 11.44
N ARG H 210 -25.82 -42.03 10.86
CA ARG H 210 -24.64 -42.58 11.54
C ARG H 210 -24.29 -41.79 12.80
N ILE H 211 -24.40 -40.47 12.71
CA ILE H 211 -24.10 -39.58 13.84
C ILE H 211 -24.95 -39.95 15.06
N LYS H 212 -26.25 -40.14 14.83
CA LYS H 212 -27.18 -40.53 15.89
C LYS H 212 -26.82 -41.90 16.48
N GLN H 213 -26.45 -42.86 15.62
CA GLN H 213 -25.97 -44.14 16.11
C GLN H 213 -24.88 -43.93 17.16
N TYR H 214 -24.00 -42.94 16.93
CA TYR H 214 -22.90 -42.64 17.86
C TYR H 214 -23.31 -41.79 19.05
N THR H 215 -23.99 -40.67 18.80
CA THR H 215 -24.30 -39.74 19.88
C THR H 215 -25.28 -40.31 20.93
N ASP H 216 -26.06 -41.33 20.53
CA ASP H 216 -26.92 -42.08 21.46
C ASP H 216 -26.08 -43.00 22.33
N ASN H 217 -24.85 -43.28 21.88
CA ASN H 217 -24.01 -44.26 22.58
C ASN H 217 -22.74 -43.65 23.20
N ARG H 218 -22.84 -42.39 23.64
CA ARG H 218 -21.78 -41.74 24.42
C ARG H 218 -20.46 -41.50 23.65
N ILE H 219 -20.59 -41.14 22.37
CA ILE H 219 -19.47 -40.85 21.49
C ILE H 219 -19.70 -39.49 20.85
N VAL H 220 -18.78 -38.56 21.11
CA VAL H 220 -18.88 -37.20 20.58
C VAL H 220 -18.73 -37.27 19.06
N VAL H 221 -19.60 -36.54 18.34
CA VAL H 221 -19.47 -36.45 16.88
C VAL H 221 -19.49 -35.01 16.38
N TRP H 222 -18.62 -34.74 15.41
CA TRP H 222 -18.73 -33.53 14.61
C TRP H 222 -19.16 -33.93 13.21
N SER H 223 -20.16 -33.22 12.67
CA SER H 223 -20.57 -33.45 11.30
C SER H 223 -19.47 -32.94 10.38
N GLY H 224 -19.20 -33.71 9.32
CA GLY H 224 -18.25 -33.29 8.28
C GLY H 224 -18.93 -32.68 7.07
N ASN H 225 -20.26 -32.68 7.06
CA ASN H 225 -21.02 -32.15 5.94
C ASN H 225 -21.75 -30.86 6.33
N ASP H 226 -21.39 -29.75 5.69
CA ASP H 226 -21.99 -28.46 5.97
C ASP H 226 -23.52 -28.39 5.71
N ASP H 227 -24.00 -29.11 4.69
CA ASP H 227 -25.45 -29.17 4.40
C ASP H 227 -26.28 -30.05 5.35
N GLN H 228 -25.62 -30.72 6.28
CA GLN H 228 -26.31 -31.59 7.24
C GLN H 228 -26.06 -31.18 8.69
N CYS H 229 -25.19 -30.20 8.91
CA CYS H 229 -24.64 -29.98 10.24
C CYS H 229 -25.54 -29.21 11.21
N HIS H 230 -26.42 -28.38 10.67
CA HIS H 230 -27.46 -27.72 11.48
C HIS H 230 -28.31 -28.80 12.14
N ASP H 231 -28.89 -29.67 11.32
CA ASP H 231 -29.76 -30.72 11.82
C ASP H 231 -29.01 -31.70 12.72
N ALA H 232 -27.76 -32.01 12.36
CA ALA H 232 -26.91 -32.93 13.13
C ALA H 232 -26.73 -32.43 14.56
N LYS H 233 -26.44 -31.14 14.68
CA LYS H 233 -26.28 -30.47 15.96
C LYS H 233 -27.62 -30.44 16.73
N TRP H 234 -28.64 -29.86 16.09
CA TRP H 234 -29.90 -29.57 16.77
C TRP H 234 -30.86 -30.76 16.94
N ASP H 235 -30.80 -31.72 16.02
CA ASP H 235 -31.69 -32.88 16.08
C ASP H 235 -31.00 -34.21 16.40
N TYR H 236 -29.74 -34.34 16.00
CA TYR H 236 -29.09 -35.66 16.09
C TYR H 236 -27.93 -35.73 17.10
N GLY H 237 -27.79 -34.70 17.92
CA GLY H 237 -26.89 -34.73 19.07
C GLY H 237 -25.40 -34.55 18.77
N ALA H 238 -25.08 -34.14 17.54
CA ALA H 238 -23.68 -33.78 17.20
C ALA H 238 -23.26 -32.65 18.10
N THR H 239 -21.97 -32.61 18.44
CA THR H 239 -21.44 -31.51 19.24
C THR H 239 -21.23 -30.28 18.37
N GLY H 240 -20.98 -30.51 17.08
CA GLY H 240 -20.78 -29.39 16.16
C GLY H 240 -20.34 -29.82 14.76
N VAL H 241 -19.56 -28.95 14.13
CA VAL H 241 -19.14 -29.19 12.75
C VAL H 241 -17.63 -29.10 12.63
N ILE H 242 -17.05 -29.93 11.76
CA ILE H 242 -15.74 -29.63 11.24
C ILE H 242 -16.00 -29.17 9.81
N SER H 243 -15.76 -27.88 9.57
CA SER H 243 -16.43 -27.20 8.45
C SER H 243 -15.53 -26.71 7.33
N VAL H 244 -16.05 -26.81 6.12
CA VAL H 244 -15.45 -26.18 4.95
C VAL H 244 -15.99 -24.74 4.81
N THR H 245 -17.32 -24.58 4.90
CA THR H 245 -17.97 -23.28 4.61
C THR H 245 -17.61 -22.19 5.62
N SER H 246 -17.26 -22.59 6.85
CA SER H 246 -16.77 -21.61 7.81
C SER H 246 -15.49 -20.91 7.35
N ASN H 247 -14.82 -21.46 6.34
CA ASN H 247 -13.70 -20.73 5.69
C ASN H 247 -14.17 -19.42 5.09
N LEU H 248 -15.39 -19.41 4.56
CA LEU H 248 -15.92 -18.25 3.84
C LEU H 248 -16.82 -17.37 4.71
N ILE H 249 -17.67 -18.03 5.51
CA ILE H 249 -18.66 -17.36 6.37
C ILE H 249 -18.62 -17.90 7.82
N PRO H 250 -17.51 -17.64 8.53
CA PRO H 250 -17.38 -18.21 9.87
C PRO H 250 -18.47 -17.71 10.83
N GLY H 251 -18.78 -16.41 10.74
CA GLY H 251 -19.77 -15.74 11.58
C GLY H 251 -21.13 -16.40 11.44
N LEU H 252 -21.54 -16.65 10.21
CA LEU H 252 -22.84 -17.27 9.93
C LEU H 252 -22.86 -18.70 10.41
N MET H 253 -21.75 -19.43 10.21
CA MET H 253 -21.64 -20.81 10.71
C MET H 253 -21.65 -20.86 12.24
N ARG H 254 -21.05 -19.87 12.89
CA ARG H 254 -21.15 -19.72 14.34
C ARG H 254 -22.61 -19.55 14.79
N GLN H 255 -23.33 -18.60 14.18
CA GLN H 255 -24.74 -18.34 14.51
C GLN H 255 -25.54 -19.61 14.36
N LEU H 256 -25.16 -20.40 13.36
CA LEU H 256 -25.88 -21.60 12.94
C LEU H 256 -25.78 -22.71 13.97
N LEU H 257 -24.72 -22.71 14.77
CA LEU H 257 -24.42 -23.79 15.74
C LEU H 257 -24.58 -23.42 17.23
N PHE H 258 -24.54 -22.13 17.54
CA PHE H 258 -24.48 -21.64 18.93
C PHE H 258 -25.83 -21.26 19.56
N LYS H 259 -26.65 -20.50 18.83
CA LYS H 259 -27.86 -19.87 19.38
C LYS H 259 -29.03 -20.85 19.53
N GLY H 260 -29.46 -21.44 18.41
CA GLY H 260 -30.54 -22.45 18.44
C GLY H 260 -30.95 -22.78 17.01
N LYS H 261 -31.88 -23.72 16.86
CA LYS H 261 -32.45 -24.05 15.55
C LYS H 261 -32.82 -22.79 14.78
N ASN H 262 -32.70 -22.86 13.45
CA ASN H 262 -32.94 -21.69 12.59
C ASN H 262 -32.89 -22.06 11.11
N PRO H 263 -33.97 -22.66 10.60
CA PRO H 263 -33.98 -23.21 9.24
C PRO H 263 -33.87 -22.14 8.16
N SER H 264 -34.26 -20.91 8.49
CA SER H 264 -34.16 -19.80 7.52
C SER H 264 -32.70 -19.40 7.30
N LEU H 265 -31.89 -19.47 8.35
CA LEU H 265 -30.44 -19.26 8.17
C LEU H 265 -29.80 -20.44 7.44
N ASN H 266 -30.22 -21.66 7.77
CA ASN H 266 -29.73 -22.86 7.10
C ASN H 266 -30.06 -22.85 5.61
N ALA H 267 -31.27 -22.42 5.27
CA ALA H 267 -31.70 -22.35 3.87
C ALA H 267 -30.94 -21.27 3.11
N LYS H 268 -30.60 -20.18 3.80
CA LYS H 268 -29.96 -19.03 3.16
C LYS H 268 -28.51 -19.28 2.74
N ILE H 269 -27.82 -20.15 3.48
CA ILE H 269 -26.42 -20.45 3.16
C ILE H 269 -26.28 -21.66 2.24
N MET H 270 -27.38 -22.38 2.05
CA MET H 270 -27.36 -23.61 1.27
C MET H 270 -26.95 -23.42 -0.20
N PRO H 271 -27.33 -22.30 -0.84
CA PRO H 271 -26.86 -22.14 -2.22
C PRO H 271 -25.34 -22.04 -2.33
N LEU H 272 -24.71 -21.44 -1.31
CA LEU H 272 -23.26 -21.40 -1.19
C LEU H 272 -22.73 -22.83 -1.03
N VAL H 273 -23.27 -23.55 -0.04
CA VAL H 273 -22.83 -24.91 0.24
C VAL H 273 -22.89 -25.83 -0.98
N ASN H 274 -23.97 -25.74 -1.76
CA ASN H 274 -24.11 -26.54 -2.98
C ASN H 274 -23.06 -26.20 -4.03
N TRP H 275 -22.83 -24.91 -4.24
CA TRP H 275 -21.83 -24.40 -5.17
C TRP H 275 -20.44 -24.93 -4.84
N LEU H 276 -20.13 -24.99 -3.54
CA LEU H 276 -18.82 -25.45 -3.04
C LEU H 276 -18.52 -26.93 -3.22
N PHE H 277 -19.53 -27.72 -3.61
CA PHE H 277 -19.36 -29.16 -3.73
C PHE H 277 -19.84 -29.75 -5.06
N GLU H 278 -20.09 -28.91 -6.06
CA GLU H 278 -20.43 -29.44 -7.40
C GLU H 278 -19.25 -30.23 -7.92
N GLU H 279 -18.05 -29.65 -7.77
CA GLU H 279 -16.78 -30.37 -7.97
C GLU H 279 -16.15 -30.72 -6.62
N PRO H 280 -15.19 -31.66 -6.59
CA PRO H 280 -14.69 -32.10 -5.27
C PRO H 280 -13.98 -30.98 -4.49
N ASN H 281 -14.34 -30.86 -3.22
CA ASN H 281 -13.69 -29.99 -2.28
C ASN H 281 -12.19 -30.36 -2.21
N PRO H 282 -11.29 -29.35 -2.21
CA PRO H 282 -11.49 -27.90 -2.02
C PRO H 282 -11.46 -27.04 -3.28
N ILE H 283 -11.84 -27.58 -4.43
CA ILE H 283 -11.78 -26.83 -5.70
C ILE H 283 -12.61 -25.55 -5.66
N GLY H 284 -13.85 -25.64 -5.19
CA GLY H 284 -14.70 -24.47 -5.06
C GLY H 284 -14.19 -23.49 -4.01
N LEU H 285 -13.84 -24.01 -2.85
CA LEU H 285 -13.31 -23.16 -1.78
C LEU H 285 -12.09 -22.40 -2.26
N ASN H 286 -11.15 -23.10 -2.89
CA ASN H 286 -9.95 -22.47 -3.42
C ASN H 286 -10.32 -21.35 -4.37
N THR H 287 -11.31 -21.61 -5.21
CA THR H 287 -11.75 -20.66 -6.23
C THR H 287 -12.44 -19.45 -5.56
N ALA H 288 -13.28 -19.72 -4.56
CA ALA H 288 -13.99 -18.66 -3.88
C ALA H 288 -13.05 -17.74 -3.11
N LEU H 289 -12.14 -18.31 -2.32
CA LEU H 289 -11.23 -17.49 -1.52
C LEU H 289 -10.39 -16.53 -2.37
N ALA H 290 -10.02 -16.98 -3.58
CA ALA H 290 -9.29 -16.13 -4.50
C ALA H 290 -10.20 -15.02 -5.08
N GLN H 291 -11.46 -15.33 -5.34
CA GLN H 291 -12.42 -14.29 -5.79
C GLN H 291 -12.63 -13.24 -4.71
N LEU H 292 -12.46 -13.64 -3.45
CA LEU H 292 -12.60 -12.75 -2.29
C LEU H 292 -11.37 -11.88 -2.00
N GLY H 293 -10.24 -12.20 -2.65
CA GLY H 293 -8.99 -11.47 -2.45
C GLY H 293 -8.14 -11.94 -1.27
N VAL H 294 -8.68 -12.79 -0.42
CA VAL H 294 -7.95 -13.28 0.78
C VAL H 294 -6.84 -14.30 0.50
N VAL H 295 -6.89 -14.98 -0.64
CA VAL H 295 -5.75 -15.81 -1.06
C VAL H 295 -5.40 -15.50 -2.50
N ARG H 296 -4.17 -15.79 -2.87
CA ARG H 296 -3.72 -15.69 -4.27
C ARG H 296 -4.38 -16.76 -5.14
N PRO H 297 -4.64 -16.47 -6.43
CA PRO H 297 -5.28 -17.46 -7.32
C PRO H 297 -4.31 -18.56 -7.77
N VAL H 298 -3.72 -19.24 -6.79
CA VAL H 298 -2.68 -20.26 -7.03
C VAL H 298 -3.16 -21.62 -6.53
N PHE H 299 -3.07 -22.61 -7.41
CA PHE H 299 -3.54 -23.97 -7.14
C PHE H 299 -2.36 -24.93 -7.24
N ARG H 300 -2.25 -25.86 -6.30
CA ARG H 300 -1.38 -27.01 -6.49
C ARG H 300 -2.18 -28.09 -7.22
N LEU H 301 -1.62 -28.59 -8.33
CA LEU H 301 -2.25 -29.67 -9.10
C LEU H 301 -2.31 -30.90 -8.22
N PRO H 302 -3.35 -31.75 -8.37
CA PRO H 302 -4.30 -31.92 -9.48
C PRO H 302 -5.54 -31.00 -9.44
N TYR H 303 -5.61 -30.10 -8.46
CA TYR H 303 -6.77 -29.20 -8.39
C TYR H 303 -6.64 -28.05 -9.36
N VAL H 304 -7.80 -27.59 -9.81
CA VAL H 304 -7.92 -26.69 -10.94
C VAL H 304 -9.18 -25.83 -10.68
N PRO H 305 -9.13 -24.51 -11.00
CA PRO H 305 -10.25 -23.65 -10.57
C PRO H 305 -11.57 -23.95 -11.30
N LEU H 306 -12.69 -23.57 -10.68
CA LEU H 306 -14.00 -23.63 -11.36
C LEU H 306 -14.02 -22.71 -12.58
N PRO H 307 -14.76 -23.09 -13.63
CA PRO H 307 -14.76 -22.25 -14.86
C PRO H 307 -15.45 -20.89 -14.68
N LEU H 308 -15.37 -20.06 -15.73
CA LEU H 308 -15.89 -18.68 -15.70
C LEU H 308 -17.35 -18.58 -15.24
N ALA H 309 -18.23 -19.33 -15.92
CA ALA H 309 -19.65 -19.39 -15.56
C ALA H 309 -19.87 -19.65 -14.09
N LYS H 310 -19.11 -20.59 -13.50
CA LYS H 310 -19.24 -20.86 -12.07
C LYS H 310 -18.78 -19.70 -11.19
N ARG H 311 -17.77 -18.97 -11.66
CA ARG H 311 -17.20 -17.83 -10.95
C ARG H 311 -18.12 -16.61 -10.97
N VAL H 312 -18.81 -16.42 -12.10
CA VAL H 312 -19.87 -15.40 -12.18
C VAL H 312 -20.96 -15.74 -11.17
N GLU H 313 -21.32 -17.02 -11.09
CA GLU H 313 -22.36 -17.49 -10.18
C GLU H 313 -22.04 -17.16 -8.71
N PHE H 314 -20.80 -17.44 -8.29
CA PHE H 314 -20.38 -17.18 -6.90
C PHE H 314 -20.57 -15.69 -6.51
N VAL H 315 -20.22 -14.81 -7.44
CA VAL H 315 -20.43 -13.37 -7.27
C VAL H 315 -21.89 -13.07 -6.88
N ASN H 316 -22.83 -13.80 -7.48
CA ASN H 316 -24.26 -13.63 -7.17
C ASN H 316 -24.67 -14.25 -5.86
N ILE H 317 -23.99 -15.33 -5.48
CA ILE H 317 -24.25 -16.00 -4.22
C ILE H 317 -23.79 -15.09 -3.08
N VAL H 318 -22.65 -14.43 -3.29
CA VAL H 318 -22.12 -13.44 -2.33
C VAL H 318 -23.10 -12.25 -2.19
N LYS H 319 -23.46 -11.67 -3.32
CA LYS H 319 -24.45 -10.59 -3.39
C LYS H 319 -25.76 -10.98 -2.69
N GLU H 320 -26.24 -12.20 -2.92
CA GLU H 320 -27.46 -12.67 -2.28
C GLU H 320 -27.35 -12.82 -0.77
N ILE H 321 -26.19 -13.26 -0.28
CA ILE H 321 -25.98 -13.46 1.17
C ILE H 321 -25.45 -12.19 1.85
N GLY H 322 -24.70 -11.39 1.11
CA GLY H 322 -24.14 -10.14 1.63
C GLY H 322 -22.65 -10.27 1.88
N ARG H 323 -21.87 -9.53 1.08
CA ARG H 323 -20.41 -9.48 1.16
C ARG H 323 -19.85 -9.38 2.59
N GLU H 324 -20.54 -8.64 3.46
CA GLU H 324 -20.07 -8.40 4.85
C GLU H 324 -19.97 -9.66 5.72
N ASN H 325 -20.69 -10.72 5.36
CA ASN H 325 -20.65 -12.00 6.07
C ASN H 325 -19.49 -12.88 5.63
N PHE H 326 -18.85 -12.47 4.53
CA PHE H 326 -17.74 -13.22 3.95
C PHE H 326 -16.40 -12.63 4.42
N VAL H 327 -15.42 -13.49 4.62
CA VAL H 327 -14.07 -13.09 5.09
C VAL H 327 -13.44 -12.07 4.13
N GLY H 328 -12.68 -11.13 4.69
CA GLY H 328 -11.99 -10.13 3.87
C GLY H 328 -12.84 -8.90 3.65
N GLU H 329 -12.23 -7.88 3.04
CA GLU H 329 -12.88 -6.57 2.89
C GLU H 329 -12.94 -6.16 1.43
N LYS H 330 -12.22 -6.90 0.57
CA LYS H 330 -12.12 -6.50 -0.83
C LYS H 330 -13.39 -6.86 -1.60
N ASP H 331 -13.79 -5.99 -2.52
CA ASP H 331 -14.88 -6.29 -3.44
C ASP H 331 -14.59 -7.62 -4.12
N VAL H 332 -15.60 -8.49 -4.18
CA VAL H 332 -15.46 -9.78 -4.86
C VAL H 332 -15.24 -9.58 -6.36
N LYS H 333 -14.30 -10.34 -6.92
CA LYS H 333 -14.04 -10.31 -8.37
C LYS H 333 -14.54 -11.61 -9.00
N VAL H 334 -14.73 -11.58 -10.32
CA VAL H 334 -15.02 -12.77 -11.10
C VAL H 334 -13.71 -13.48 -11.48
N LEU H 335 -12.67 -12.70 -11.79
CA LEU H 335 -11.33 -13.20 -12.18
C LEU H 335 -11.33 -13.82 -13.57
N ASP H 336 -10.28 -13.54 -14.33
CA ASP H 336 -10.10 -14.12 -15.66
C ASP H 336 -9.38 -15.46 -15.57
N ASP H 337 -9.68 -16.37 -16.49
CA ASP H 337 -8.96 -17.64 -16.60
C ASP H 337 -7.44 -17.46 -16.46
N ASP H 338 -6.92 -16.40 -17.08
CA ASP H 338 -5.47 -16.10 -17.08
C ASP H 338 -4.93 -15.64 -15.72
N ASP H 339 -5.83 -15.38 -14.77
CA ASP H 339 -5.41 -14.97 -13.42
C ASP H 339 -4.88 -16.13 -12.59
N PHE H 340 -5.28 -17.35 -12.93
CA PHE H 340 -4.99 -18.51 -12.11
C PHE H 340 -3.64 -19.13 -12.47
N ILE H 341 -2.95 -19.59 -11.43
CA ILE H 341 -1.64 -20.23 -11.59
C ILE H 341 -1.76 -21.66 -11.06
N LEU H 342 -1.41 -22.61 -11.93
CA LEU H 342 -1.42 -24.04 -11.59
C LEU H 342 0.01 -24.50 -11.39
N VAL H 343 0.32 -25.08 -10.23
CA VAL H 343 1.67 -25.57 -9.98
C VAL H 343 1.74 -27.09 -9.86
N GLY H 344 2.60 -27.71 -10.69
CA GLY H 344 2.84 -29.14 -10.65
C GLY H 344 4.18 -29.50 -10.07
N ARG H 345 5.17 -28.62 -10.24
CA ARG H 345 6.50 -28.84 -9.66
C ARG H 345 6.75 -27.80 -8.57
N TYR H 346 6.89 -28.28 -7.34
CA TYR H 346 7.18 -27.43 -6.22
C TYR H 346 7.84 -28.28 -5.14
#